data_5QH6
# 
_entry.id   5QH6 
# 
_audit_conform.dict_name       mmcif_pdbx.dic 
_audit_conform.dict_version    5.381 
_audit_conform.dict_location   http://mmcif.pdb.org/dictionaries/ascii/mmcif_pdbx.dic 
# 
loop_
_database_2.database_id 
_database_2.database_code 
_database_2.pdbx_database_accession 
_database_2.pdbx_DOI 
PDB   5QH6         pdb_00005qh6 10.2210/pdb5qh6/pdb 
WWPDB D_1001401943 ?            ?                   
# 
_pdbx_database_status.entry_id                        5QH6 
_pdbx_database_status.status_code                     REL 
_pdbx_database_status.status_code_sf                  REL 
_pdbx_database_status.status_code_mr                  ? 
_pdbx_database_status.status_code_cs                  ? 
_pdbx_database_status.recvd_initial_deposition_date   2018-05-15 
_pdbx_database_status.deposit_site                    RCSB 
_pdbx_database_status.process_site                    RCSB 
_pdbx_database_status.SG_entry                        ? 
_pdbx_database_status.pdb_format_compatible           Y 
_pdbx_database_status.methods_development_category    ? 
_pdbx_database_status.status_code_nmr_data            ? 
# 
loop_
_audit_author.name 
_audit_author.pdbx_ordinal 
_audit_author.identifier_ORCID 
'Krojer, T.'         1  ? 
'Talon, R.'          2  ? 
'Fairhead, M.'       3  ? 
'Diaz Saez, L.'      4  ? 
'Bradley, A.R.'      5  ? 
'Aimon, A.'          6  ? 
'Collins, P.'        7  ? 
'Brandao-Neto, J.'   8  ? 
'Douangamath, A.'    9  ? 
'Ruda, G.F.'         10 ? 
'Szommer, T.'        11 ? 
'Srikannathasan, V.' 12 ? 
'Elkins, J.'         13 ? 
'Spencer, J.'        14 ? 
'London, N.'         15 ? 
'Nelson, A.'         16 ? 
'Brennan, P.E.'      17 ? 
'Huber, K.'          18 ? 
'Bountra, C.'        19 ? 
'Arrowsmith, C.H.'   20 ? 
'Edwards, A.'        21 ? 
'von Delft, F.'      22 ? 
# 
_citation.id                        primary 
_citation.title                     'PanDDA analysis group deposition of models with modelled events (e.g. bound ligands)' 
_citation.journal_abbrev            'To Be Published' 
_citation.journal_volume            ? 
_citation.page_first                ? 
_citation.page_last                 ? 
_citation.year                      ? 
_citation.journal_id_ASTM           ? 
_citation.country                   ? 
_citation.journal_id_ISSN           ? 
_citation.journal_id_CSD            0353 
_citation.book_publisher            ? 
_citation.pdbx_database_id_PubMed   ? 
_citation.pdbx_database_id_DOI      ? 
# 
loop_
_citation_author.citation_id 
_citation_author.name 
_citation_author.identifier_ORCID 
_citation_author.ordinal 
primary 'Krojer, T.'         ? 1  
primary 'Talon, R.'          ? 2  
primary 'Fairhead, M.'       ? 3  
primary 'Diaz Saez, L.'      ? 4  
primary 'Bradley, A.R.'      ? 5  
primary 'Aimon, A.'          ? 6  
primary 'Collins, P.'        ? 7  
primary 'Brandao-Neto, J.'   ? 8  
primary 'Douangamath, A.'    ? 9  
primary 'Ruda, G.F.'         ? 10 
primary 'Szommer, T.'        ? 11 
primary 'Srikannathasan, V.' ? 12 
primary 'Elkins, J.'         ? 13 
primary 'Spencer, J.'        ? 14 
primary 'London, N.'         ? 15 
primary 'Nelson, A.'         ? 16 
primary 'Brennan, P.E.'      ? 17 
primary 'Huber, K.'          ? 18 
primary 'Bountra, C.'        ? 19 
primary 'Arrowsmith, C.H.'   ? 20 
primary 'Edwards, A.'        ? 21 
primary 'von Delft, F.'      ? 22 
# 
_cell.entry_id           5QH6 
_cell.length_a           124.200 
_cell.length_b           124.200 
_cell.length_c           40.980 
_cell.angle_alpha        90.000 
_cell.angle_beta         90.000 
_cell.angle_gamma        120.000 
_cell.Z_PDB              6 
_cell.pdbx_unique_axis   ? 
# 
_symmetry.entry_id                         5QH6 
_symmetry.Int_Tables_number                150 
_symmetry.space_group_name_H-M             'P 3 2 1' 
_symmetry.pdbx_full_space_group_name_H-M   ? 
_symmetry.cell_setting                     ? 
# 
loop_
_entity.id 
_entity.type 
_entity.src_method 
_entity.pdbx_description 
_entity.formula_weight 
_entity.pdbx_number_of_molecules 
_entity.pdbx_ec 
_entity.pdbx_mutation 
_entity.pdbx_fragment 
_entity.details 
1 polymer     man 'Peroxisomal coenzyme A diphosphatase NUDT7'    22197.600 1   3.6.1.- ? ? ? 
2 non-polymer syn 'ACETATE ION'                                   59.044    2   ?       ? ? ? 
3 non-polymer syn 'DIMETHYL SULFOXIDE'                            78.133    2   ?       ? ? ? 
4 non-polymer syn '2-(3-hydroxyphenyl)-N-(pyridin-2-yl)acetamide' 228.247   1   ?       ? ? ? 
5 water       nat water                                           18.015    162 ?       ? ? ? 
# 
_entity_name_com.entity_id   1 
_entity_name_com.name        'Nucleoside diphosphate-linked moiety X motif 7,Nudix motif 7' 
# 
_entity_poly.entity_id                      1 
_entity_poly.type                           'polypeptide(L)' 
_entity_poly.nstd_linkage                   no 
_entity_poly.nstd_monomer                   yes 
_entity_poly.pdbx_seq_one_letter_code       
;SMLDDAKARLRKYDIGGKYSHLPYNKYSVLLPLVAKEGKLHLLFTVRSEKLRRAPGEVCFPGGKRDPTDMDDAATALREA
QEEVGLR(HYP)HQVEVV(CSO)CLVPCLIDTDTLITPFVGLIDHNFQAQPNPAEVKDVFLVPLAYFLHPQVHDQHYVTR
LGHRFINHIFEYTNPEDGVTYQIKGMTANLAVLVAFIILEKKPT
;
_entity_poly.pdbx_seq_one_letter_code_can   
;SMLDDAKARLRKYDIGGKYSHLPYNKYSVLLPLVAKEGKLHLLFTVRSEKLRRAPGEVCFPGGKRDPTDMDDAATALREA
QEEVGLRPHQVEVVCCLVPCLIDTDTLITPFVGLIDHNFQAQPNPAEVKDVFLVPLAYFLHPQVHDQHYVTRLGHRFINH
IFEYTNPEDGVTYQIKGMTANLAVLVAFIILEKKPT
;
_entity_poly.pdbx_strand_id                 A 
_entity_poly.pdbx_target_identifier         ? 
# 
loop_
_entity_poly_seq.entity_id 
_entity_poly_seq.num 
_entity_poly_seq.mon_id 
_entity_poly_seq.hetero 
1 1   SER n 
1 2   MET n 
1 3   LEU n 
1 4   ASP n 
1 5   ASP n 
1 6   ALA n 
1 7   LYS n 
1 8   ALA n 
1 9   ARG n 
1 10  LEU n 
1 11  ARG n 
1 12  LYS n 
1 13  TYR n 
1 14  ASP n 
1 15  ILE n 
1 16  GLY n 
1 17  GLY n 
1 18  LYS n 
1 19  TYR n 
1 20  SER n 
1 21  HIS n 
1 22  LEU n 
1 23  PRO n 
1 24  TYR n 
1 25  ASN n 
1 26  LYS n 
1 27  TYR n 
1 28  SER n 
1 29  VAL n 
1 30  LEU n 
1 31  LEU n 
1 32  PRO n 
1 33  LEU n 
1 34  VAL n 
1 35  ALA n 
1 36  LYS n 
1 37  GLU n 
1 38  GLY n 
1 39  LYS n 
1 40  LEU n 
1 41  HIS n 
1 42  LEU n 
1 43  LEU n 
1 44  PHE n 
1 45  THR n 
1 46  VAL n 
1 47  ARG n 
1 48  SER n 
1 49  GLU n 
1 50  LYS n 
1 51  LEU n 
1 52  ARG n 
1 53  ARG n 
1 54  ALA n 
1 55  PRO n 
1 56  GLY n 
1 57  GLU n 
1 58  VAL n 
1 59  CYS n 
1 60  PHE n 
1 61  PRO n 
1 62  GLY n 
1 63  GLY n 
1 64  LYS n 
1 65  ARG n 
1 66  ASP n 
1 67  PRO n 
1 68  THR n 
1 69  ASP n 
1 70  MET n 
1 71  ASP n 
1 72  ASP n 
1 73  ALA n 
1 74  ALA n 
1 75  THR n 
1 76  ALA n 
1 77  LEU n 
1 78  ARG n 
1 79  GLU n 
1 80  ALA n 
1 81  GLN n 
1 82  GLU n 
1 83  GLU n 
1 84  VAL n 
1 85  GLY n 
1 86  LEU n 
1 87  ARG n 
1 88  HYP n 
1 89  HIS n 
1 90  GLN n 
1 91  VAL n 
1 92  GLU n 
1 93  VAL n 
1 94  VAL n 
1 95  CSO n 
1 96  CYS n 
1 97  LEU n 
1 98  VAL n 
1 99  PRO n 
1 100 CYS n 
1 101 LEU n 
1 102 ILE n 
1 103 ASP n 
1 104 THR n 
1 105 ASP n 
1 106 THR n 
1 107 LEU n 
1 108 ILE n 
1 109 THR n 
1 110 PRO n 
1 111 PHE n 
1 112 VAL n 
1 113 GLY n 
1 114 LEU n 
1 115 ILE n 
1 116 ASP n 
1 117 HIS n 
1 118 ASN n 
1 119 PHE n 
1 120 GLN n 
1 121 ALA n 
1 122 GLN n 
1 123 PRO n 
1 124 ASN n 
1 125 PRO n 
1 126 ALA n 
1 127 GLU n 
1 128 VAL n 
1 129 LYS n 
1 130 ASP n 
1 131 VAL n 
1 132 PHE n 
1 133 LEU n 
1 134 VAL n 
1 135 PRO n 
1 136 LEU n 
1 137 ALA n 
1 138 TYR n 
1 139 PHE n 
1 140 LEU n 
1 141 HIS n 
1 142 PRO n 
1 143 GLN n 
1 144 VAL n 
1 145 HIS n 
1 146 ASP n 
1 147 GLN n 
1 148 HIS n 
1 149 TYR n 
1 150 VAL n 
1 151 THR n 
1 152 ARG n 
1 153 LEU n 
1 154 GLY n 
1 155 HIS n 
1 156 ARG n 
1 157 PHE n 
1 158 ILE n 
1 159 ASN n 
1 160 HIS n 
1 161 ILE n 
1 162 PHE n 
1 163 GLU n 
1 164 TYR n 
1 165 THR n 
1 166 ASN n 
1 167 PRO n 
1 168 GLU n 
1 169 ASP n 
1 170 GLY n 
1 171 VAL n 
1 172 THR n 
1 173 TYR n 
1 174 GLN n 
1 175 ILE n 
1 176 LYS n 
1 177 GLY n 
1 178 MET n 
1 179 THR n 
1 180 ALA n 
1 181 ASN n 
1 182 LEU n 
1 183 ALA n 
1 184 VAL n 
1 185 LEU n 
1 186 VAL n 
1 187 ALA n 
1 188 PHE n 
1 189 ILE n 
1 190 ILE n 
1 191 LEU n 
1 192 GLU n 
1 193 LYS n 
1 194 LYS n 
1 195 PRO n 
1 196 THR n 
# 
_entity_src_gen.entity_id                          1 
_entity_src_gen.pdbx_src_id                        1 
_entity_src_gen.pdbx_alt_source_flag               sample 
_entity_src_gen.pdbx_seq_type                      'Biological sequence' 
_entity_src_gen.pdbx_beg_seq_num                   1 
_entity_src_gen.pdbx_end_seq_num                   196 
_entity_src_gen.gene_src_common_name               Human 
_entity_src_gen.gene_src_genus                     ? 
_entity_src_gen.pdbx_gene_src_gene                 NUDT7 
_entity_src_gen.gene_src_species                   ? 
_entity_src_gen.gene_src_strain                    ? 
_entity_src_gen.gene_src_tissue                    ? 
_entity_src_gen.gene_src_tissue_fraction           ? 
_entity_src_gen.gene_src_details                   ? 
_entity_src_gen.pdbx_gene_src_fragment             ? 
_entity_src_gen.pdbx_gene_src_scientific_name      'Homo sapiens' 
_entity_src_gen.pdbx_gene_src_ncbi_taxonomy_id     9606 
_entity_src_gen.pdbx_gene_src_variant              ? 
_entity_src_gen.pdbx_gene_src_cell_line            ? 
_entity_src_gen.pdbx_gene_src_atcc                 ? 
_entity_src_gen.pdbx_gene_src_organ                ? 
_entity_src_gen.pdbx_gene_src_organelle            ? 
_entity_src_gen.pdbx_gene_src_cell                 ? 
_entity_src_gen.pdbx_gene_src_cellular_location    ? 
_entity_src_gen.host_org_common_name               ? 
_entity_src_gen.pdbx_host_org_scientific_name      'Escherichia coli' 
_entity_src_gen.pdbx_host_org_ncbi_taxonomy_id     562 
_entity_src_gen.host_org_genus                     ? 
_entity_src_gen.pdbx_host_org_gene                 ? 
_entity_src_gen.pdbx_host_org_organ                ? 
_entity_src_gen.host_org_species                   ? 
_entity_src_gen.pdbx_host_org_tissue               ? 
_entity_src_gen.pdbx_host_org_tissue_fraction      ? 
_entity_src_gen.pdbx_host_org_strain               ? 
_entity_src_gen.pdbx_host_org_variant              ? 
_entity_src_gen.pdbx_host_org_cell_line            ? 
_entity_src_gen.pdbx_host_org_atcc                 ? 
_entity_src_gen.pdbx_host_org_culture_collection   ? 
_entity_src_gen.pdbx_host_org_cell                 ? 
_entity_src_gen.pdbx_host_org_organelle            ? 
_entity_src_gen.pdbx_host_org_cellular_location    ? 
_entity_src_gen.pdbx_host_org_vector_type          ? 
_entity_src_gen.pdbx_host_org_vector               ? 
_entity_src_gen.host_org_details                   ? 
_entity_src_gen.expression_system_id               ? 
_entity_src_gen.plasmid_name                       ? 
_entity_src_gen.plasmid_details                    ? 
_entity_src_gen.pdbx_description                   ? 
# 
_struct_ref.id                         1 
_struct_ref.db_name                    UNP 
_struct_ref.db_code                    NUDT7_HUMAN 
_struct_ref.pdbx_db_accession          P0C024 
_struct_ref.pdbx_db_isoform            ? 
_struct_ref.entity_id                  1 
_struct_ref.pdbx_seq_one_letter_code   
;SLLDDAKARLRKYDIGGKYSHLPYNKYSVLLPLVAKEGKLHLLFTVRSEKLRRAPGEVCFPGGKRDPTDMDDAATALREA
QEEVGLRPHQVEVVCCLVPCLIDTDTLITPFVGLIDHNFQAQPNPAEVKDVFLVPLAYFLHPQVHDQHYVTRLGHRFINH
IFEYTNPEDGVTYQIKGMTANLAVLVAFIILEKKPT
;
_struct_ref.pdbx_align_begin           14 
# 
_struct_ref_seq.align_id                      1 
_struct_ref_seq.ref_id                        1 
_struct_ref_seq.pdbx_PDB_id_code              5QH6 
_struct_ref_seq.pdbx_strand_id                A 
_struct_ref_seq.seq_align_beg                 1 
_struct_ref_seq.pdbx_seq_align_beg_ins_code   ? 
_struct_ref_seq.seq_align_end                 196 
_struct_ref_seq.pdbx_seq_align_end_ins_code   ? 
_struct_ref_seq.pdbx_db_accession             P0C024 
_struct_ref_seq.db_align_beg                  14 
_struct_ref_seq.pdbx_db_align_beg_ins_code    ? 
_struct_ref_seq.db_align_end                  209 
_struct_ref_seq.pdbx_db_align_end_ins_code    ? 
_struct_ref_seq.pdbx_auth_seq_align_beg       15 
_struct_ref_seq.pdbx_auth_seq_align_end       210 
# 
_struct_ref_seq_dif.align_id                     1 
_struct_ref_seq_dif.pdbx_pdb_id_code             5QH6 
_struct_ref_seq_dif.mon_id                       MET 
_struct_ref_seq_dif.pdbx_pdb_strand_id           A 
_struct_ref_seq_dif.seq_num                      2 
_struct_ref_seq_dif.pdbx_pdb_ins_code            ? 
_struct_ref_seq_dif.pdbx_seq_db_name             UNP 
_struct_ref_seq_dif.pdbx_seq_db_accession_code   P0C024 
_struct_ref_seq_dif.db_mon_id                    LEU 
_struct_ref_seq_dif.pdbx_seq_db_seq_num          15 
_struct_ref_seq_dif.details                      conflict 
_struct_ref_seq_dif.pdbx_auth_seq_num            16 
_struct_ref_seq_dif.pdbx_ordinal                 1 
# 
loop_
_chem_comp.id 
_chem_comp.type 
_chem_comp.mon_nstd_flag 
_chem_comp.name 
_chem_comp.pdbx_synonyms 
_chem_comp.formula 
_chem_comp.formula_weight 
ACT non-polymer         . 'ACETATE ION'                                   ?              'C2 H3 O2 -1'    59.044  
ALA 'L-peptide linking' y ALANINE                                         ?              'C3 H7 N O2'     89.093  
ARG 'L-peptide linking' y ARGININE                                        ?              'C6 H15 N4 O2 1' 175.209 
ASN 'L-peptide linking' y ASPARAGINE                                      ?              'C4 H8 N2 O3'    132.118 
ASP 'L-peptide linking' y 'ASPARTIC ACID'                                 ?              'C4 H7 N O4'     133.103 
CSO 'L-peptide linking' n S-HYDROXYCYSTEINE                               ?              'C3 H7 N O3 S'   137.158 
CYS 'L-peptide linking' y CYSTEINE                                        ?              'C3 H7 N O2 S'   121.158 
DMS non-polymer         . 'DIMETHYL SULFOXIDE'                            ?              'C2 H6 O S'      78.133  
GLN 'L-peptide linking' y GLUTAMINE                                       ?              'C5 H10 N2 O3'   146.144 
GLU 'L-peptide linking' y 'GLUTAMIC ACID'                                 ?              'C5 H9 N O4'     147.129 
GLY 'peptide linking'   y GLYCINE                                         ?              'C2 H5 N O2'     75.067  
H0M non-polymer         . '2-(3-hydroxyphenyl)-N-(pyridin-2-yl)acetamide' ?              'C13 H12 N2 O2'  228.247 
HIS 'L-peptide linking' y HISTIDINE                                       ?              'C6 H10 N3 O2 1' 156.162 
HOH non-polymer         . WATER                                           ?              'H2 O'           18.015  
HYP 'L-peptide linking' n 4-HYDROXYPROLINE                                HYDROXYPROLINE 'C5 H9 N O3'     131.130 
ILE 'L-peptide linking' y ISOLEUCINE                                      ?              'C6 H13 N O2'    131.173 
LEU 'L-peptide linking' y LEUCINE                                         ?              'C6 H13 N O2'    131.173 
LYS 'L-peptide linking' y LYSINE                                          ?              'C6 H15 N2 O2 1' 147.195 
MET 'L-peptide linking' y METHIONINE                                      ?              'C5 H11 N O2 S'  149.211 
PHE 'L-peptide linking' y PHENYLALANINE                                   ?              'C9 H11 N O2'    165.189 
PRO 'L-peptide linking' y PROLINE                                         ?              'C5 H9 N O2'     115.130 
SER 'L-peptide linking' y SERINE                                          ?              'C3 H7 N O3'     105.093 
THR 'L-peptide linking' y THREONINE                                       ?              'C4 H9 N O3'     119.119 
TYR 'L-peptide linking' y TYROSINE                                        ?              'C9 H11 N O3'    181.189 
VAL 'L-peptide linking' y VALINE                                          ?              'C5 H11 N O2'    117.146 
# 
_exptl.crystals_number   1 
_exptl.entry_id          5QH6 
_exptl.method            'X-RAY DIFFRACTION' 
# 
_exptl_crystal.id                    1 
_exptl_crystal.pdbx_mosaicity        0.000 
_exptl_crystal.pdbx_mosaicity_esd    ? 
_exptl_crystal.density_Matthews      4.11 
_exptl_crystal.density_diffrn        ? 
_exptl_crystal.density_meas          ? 
_exptl_crystal.density_meas_temp     ? 
_exptl_crystal.density_percent_sol   70.08 
_exptl_crystal.size_max              ? 
_exptl_crystal.size_mid              ? 
_exptl_crystal.size_min              ? 
_exptl_crystal.size_rad              ? 
_exptl_crystal.description           ? 
_exptl_crystal.preparation           ? 
# 
_exptl_crystal_grow.crystal_id      1 
_exptl_crystal_grow.method          'VAPOR DIFFUSION, SITTING DROP' 
_exptl_crystal_grow.pH              5.5 
_exptl_crystal_grow.temp            293 
_exptl_crystal_grow.pdbx_details    '0.1M bis-tris pH 5.5 -- 0.1M ammonium acetate -- 5%(w/v) PEG10K' 
_exptl_crystal_grow.temp_details    ? 
_exptl_crystal_grow.pdbx_pH_range   ? 
# 
_diffrn.id                     1 
_diffrn.ambient_temp           100 
_diffrn.crystal_id             1 
_diffrn.ambient_temp_details   ? 
# 
_diffrn_detector.detector               PIXEL 
_diffrn_detector.type                   'DECTRIS PILATUS 6M' 
_diffrn_detector.pdbx_collection_date   2017-09-07 
_diffrn_detector.diffrn_id              1 
_diffrn_detector.details                ? 
# 
_diffrn_radiation.diffrn_id                        1 
_diffrn_radiation.wavelength_id                    1 
_diffrn_radiation.pdbx_diffrn_protocol             'SINGLE WAVELENGTH' 
_diffrn_radiation.pdbx_monochromatic_or_laue_m_l   ? 
_diffrn_radiation.monochromator                    ? 
_diffrn_radiation.pdbx_scattering_type             x-ray 
# 
_diffrn_radiation_wavelength.id           1 
_diffrn_radiation_wavelength.wavelength   0.91587 
_diffrn_radiation_wavelength.wt           1.0 
# 
_diffrn_source.diffrn_id                   1 
_diffrn_source.source                      SYNCHROTRON 
_diffrn_source.type                        'DIAMOND BEAMLINE I04-1' 
_diffrn_source.pdbx_wavelength_list        0.91587 
_diffrn_source.pdbx_synchrotron_site       Diamond 
_diffrn_source.pdbx_synchrotron_beamline   I04-1 
_diffrn_source.pdbx_wavelength             ? 
# 
_reflns.entry_id                     5QH6 
_reflns.pdbx_diffrn_id               1 
_reflns.pdbx_ordinal                 1 
_reflns.observed_criterion_sigma_I   ? 
_reflns.observed_criterion_sigma_F   ? 
_reflns.d_resolution_low             62.100 
_reflns.d_resolution_high            1.570 
_reflns.number_obs                   50805 
_reflns.number_all                   ? 
_reflns.percent_possible_obs         100.000 
_reflns.pdbx_Rmerge_I_obs            0.056 
_reflns.pdbx_Rsym_value              ? 
_reflns.pdbx_netI_over_sigmaI        18.500 
_reflns.B_iso_Wilson_estimate        ? 
_reflns.pdbx_redundancy              9.900 
_reflns.pdbx_Rrim_I_all              0.059 
_reflns.pdbx_Rpim_I_all              0.019 
_reflns.pdbx_CC_half                 0.999 
_reflns.pdbx_netI_over_av_sigmaI     ? 
_reflns.pdbx_number_measured_all     500488 
_reflns.pdbx_scaling_rejects         0 
_reflns.pdbx_chi_squared             ? 
_reflns.Rmerge_F_all                 ? 
_reflns.Rmerge_F_obs                 ? 
_reflns.observed_criterion_F_max     ? 
_reflns.observed_criterion_F_min     ? 
_reflns.observed_criterion_I_max     ? 
_reflns.observed_criterion_I_min     ? 
_reflns.pdbx_d_res_high_opt          ? 
_reflns.pdbx_d_res_low_opt           ? 
_reflns.details                      ? 
# 
loop_
_reflns_shell.pdbx_diffrn_id 
_reflns_shell.pdbx_ordinal 
_reflns_shell.d_res_high 
_reflns_shell.d_res_low 
_reflns_shell.number_measured_obs 
_reflns_shell.number_measured_all 
_reflns_shell.number_unique_obs 
_reflns_shell.pdbx_rejects 
_reflns_shell.Rmerge_I_obs 
_reflns_shell.meanI_over_sigI_obs 
_reflns_shell.pdbx_Rsym_value 
_reflns_shell.pdbx_chi_squared 
_reflns_shell.pdbx_redundancy 
_reflns_shell.percent_possible_obs 
_reflns_shell.pdbx_netI_over_sigmaI_obs 
_reflns_shell.number_possible 
_reflns_shell.number_unique_all 
_reflns_shell.Rmerge_F_all 
_reflns_shell.Rmerge_F_obs 
_reflns_shell.Rmerge_I_all 
_reflns_shell.meanI_over_sigI_all 
_reflns_shell.percent_possible_all 
_reflns_shell.pdbx_Rrim_I_all 
_reflns_shell.pdbx_Rpim_I_all 
_reflns_shell.pdbx_CC_half 
1 1 1.570 1.610  ? 30858 ? ? 1.501 ? ? ? 8.300 ? 1.300  ? 3732 ? ? ? ? 99.900 1.601 0.552 0.670 
1 2 7.020 62.100 ? 5971  ? ? 0.042 ? ? ? 9.600 ? 55.400 ? 623  ? ? ? ? 99.800 0.044 0.014 0.998 
# 
_refine.entry_id                                 5QH6 
_refine.pdbx_refine_id                           'X-RAY DIFFRACTION' 
_refine.ls_d_res_high                            2.0000 
_refine.ls_d_res_low                             107.5600 
_refine.pdbx_ls_sigma_F                          0.000 
_refine.pdbx_data_cutoff_high_absF               ? 
_refine.pdbx_data_cutoff_low_absF                ? 
_refine.ls_percent_reflns_obs                    99.9800 
_refine.ls_number_reflns_obs                     23549 
_refine.ls_number_reflns_all                     ? 
_refine.pdbx_ls_cross_valid_method               THROUGHOUT 
_refine.ls_matrix_type                           ? 
_refine.pdbx_R_Free_selection_details            RANDOM 
_refine.details                                  
'HYDROGENS HAVE BEEN ADDED IN THE RIDING POSITIONS U VALUES      : REFINED INDIVIDUALLY' 
_refine.ls_R_factor_all                          ? 
_refine.ls_R_factor_obs                          0.1865 
_refine.ls_R_factor_R_work                       0.1849 
_refine.ls_wR_factor_R_work                      ? 
_refine.ls_R_factor_R_free                       0.2152 
_refine.ls_wR_factor_R_free                      ? 
_refine.ls_percent_reflns_R_free                 5.0000 
_refine.ls_number_reflns_R_free                  1248 
_refine.ls_number_reflns_R_work                  ? 
_refine.ls_R_factor_R_free_error                 ? 
_refine.B_iso_mean                               32.8720 
_refine.solvent_model_param_bsol                 ? 
_refine.solvent_model_param_ksol                 ? 
_refine.pdbx_isotropic_thermal_model             ? 
_refine.aniso_B[1][1]                            -0.0000 
_refine.aniso_B[2][2]                            -0.0000 
_refine.aniso_B[3][3]                            0.0000 
_refine.aniso_B[1][2]                            -0.0000 
_refine.aniso_B[1][3]                            -0.0000 
_refine.aniso_B[2][3]                            0.0000 
_refine.correlation_coeff_Fo_to_Fc               0.9520 
_refine.correlation_coeff_Fo_to_Fc_free          0.9390 
_refine.overall_SU_R_Cruickshank_DPI             ? 
_refine.pdbx_overall_SU_R_free_Cruickshank_DPI   ? 
_refine.pdbx_overall_SU_R_Blow_DPI               ? 
_refine.pdbx_overall_SU_R_free_Blow_DPI          ? 
_refine.overall_SU_R_free                        ? 
_refine.pdbx_overall_ESU_R                       0.1190 
_refine.pdbx_overall_ESU_R_Free                  0.1170 
_refine.overall_SU_ML                            0.0710 
_refine.overall_SU_B                             2.4600 
_refine.solvent_model_details                    MASK 
_refine.pdbx_solvent_vdw_probe_radii             1.2000 
_refine.pdbx_solvent_ion_probe_radii             0.8000 
_refine.pdbx_solvent_shrinkage_radii             0.8000 
_refine.ls_number_parameters                     ? 
_refine.ls_number_restraints                     ? 
_refine.pdbx_starting_model                      5T3P 
_refine.pdbx_method_to_determine_struct          'FOURIER SYNTHESIS' 
_refine.pdbx_stereochemistry_target_values       'MAXIMUM LIKELIHOOD' 
_refine.pdbx_stereochem_target_val_spec_case     ? 
_refine.overall_FOM_work_R_set                   ? 
_refine.B_iso_max                                105.150 
_refine.B_iso_min                                17.260 
_refine.pdbx_overall_phase_error                 ? 
_refine.occupancy_max                            ? 
_refine.occupancy_min                            ? 
_refine.pdbx_diffrn_id                           1 
_refine.pdbx_TLS_residual_ADP_flag               ? 
_refine.pdbx_ls_sigma_I                          ? 
_refine.pdbx_data_cutoff_high_rms_absF           ? 
_refine.ls_R_factor_R_free_error_details         ? 
# 
_refine_hist.cycle_id                         final 
_refine_hist.pdbx_refine_id                   'X-RAY DIFFRACTION' 
_refine_hist.d_res_high                       2.0000 
_refine_hist.d_res_low                        107.5600 
_refine_hist.pdbx_number_atoms_ligand         33 
_refine_hist.number_atoms_solvent             162 
_refine_hist.number_atoms_total               1662 
_refine_hist.pdbx_number_residues_total       186 
_refine_hist.pdbx_B_iso_mean_ligand           47.35 
_refine_hist.pdbx_B_iso_mean_solvent          44.06 
_refine_hist.pdbx_number_atoms_protein        1467 
_refine_hist.pdbx_number_atoms_nucleic_acid   0 
# 
loop_
_refine_ls_restr.pdbx_refine_id 
_refine_ls_restr.type 
_refine_ls_restr.number 
_refine_ls_restr.dev_ideal 
_refine_ls_restr.dev_ideal_target 
_refine_ls_restr.weight 
_refine_ls_restr.pdbx_restraint_function 
'X-RAY DIFFRACTION' r_bond_refined_d       1550 0.011  0.019  ? ? 
'X-RAY DIFFRACTION' r_bond_other_d         1462 0.002  0.020  ? ? 
'X-RAY DIFFRACTION' r_angle_refined_deg    2105 1.483  1.988  ? ? 
'X-RAY DIFFRACTION' r_angle_other_deg      3391 0.918  2.990  ? ? 
'X-RAY DIFFRACTION' r_dihedral_angle_1_deg 188  5.825  5.000  ? ? 
'X-RAY DIFFRACTION' r_dihedral_angle_2_deg 67   32.449 24.179 ? ? 
'X-RAY DIFFRACTION' r_dihedral_angle_3_deg 254  12.631 15.000 ? ? 
'X-RAY DIFFRACTION' r_dihedral_angle_4_deg 8    17.150 15.000 ? ? 
'X-RAY DIFFRACTION' r_chiral_restr         239  0.092  0.200  ? ? 
'X-RAY DIFFRACTION' r_gen_planes_refined   1704 0.007  0.021  ? ? 
'X-RAY DIFFRACTION' r_gen_planes_other     299  0.001  0.020  ? ? 
'X-RAY DIFFRACTION' r_mcbond_it            754  2.206  2.951  ? ? 
'X-RAY DIFFRACTION' r_mcbond_other         751  2.189  2.939  ? ? 
'X-RAY DIFFRACTION' r_mcangle_it           940  3.367  4.377  ? ? 
# 
_refine_ls_shell.d_res_high                       2.0000 
_refine_ls_shell.d_res_low                        2.0520 
_refine_ls_shell.pdbx_total_number_of_bins_used   20 
_refine_ls_shell.percent_reflns_obs               100.0000 
_refine_ls_shell.number_reflns_R_work             1749 
_refine_ls_shell.R_factor_all                     ? 
_refine_ls_shell.R_factor_R_work                  0.1950 
_refine_ls_shell.R_factor_R_free                  0.2480 
_refine_ls_shell.percent_reflns_R_free            ? 
_refine_ls_shell.number_reflns_R_free             107 
_refine_ls_shell.R_factor_R_free_error            ? 
_refine_ls_shell.number_reflns_all                1856 
_refine_ls_shell.number_reflns_obs                ? 
_refine_ls_shell.pdbx_refine_id                   'X-RAY DIFFRACTION' 
# 
_struct.entry_id                  5QH6 
_struct.title                     
;PanDDA analysis group deposition of models with modelled events (e.g. bound ligands) -- Crystal Structure of NUDT7 in complex with NUOOA000259a
;
_struct.pdbx_model_details        ? 
_struct.pdbx_CASP_flag            ? 
_struct.pdbx_model_type_details   ? 
# 
_struct_keywords.entry_id        5QH6 
_struct_keywords.text            'PanDDA, SGC - Diamond I04-1 fragment screening, NUDIX domain, XChemExplorer, HYDROLASE' 
_struct_keywords.pdbx_keywords   HYDROLASE 
# 
loop_
_struct_asym.id 
_struct_asym.pdbx_blank_PDB_chainid_flag 
_struct_asym.pdbx_modified 
_struct_asym.entity_id 
_struct_asym.details 
A N N 1 ? 
B N N 2 ? 
C N N 2 ? 
D N N 3 ? 
E N N 3 ? 
F N N 4 ? 
G N N 5 ? 
# 
loop_
_struct_conf.conf_type_id 
_struct_conf.id 
_struct_conf.pdbx_PDB_helix_id 
_struct_conf.beg_label_comp_id 
_struct_conf.beg_label_asym_id 
_struct_conf.beg_label_seq_id 
_struct_conf.pdbx_beg_PDB_ins_code 
_struct_conf.end_label_comp_id 
_struct_conf.end_label_asym_id 
_struct_conf.end_label_seq_id 
_struct_conf.pdbx_end_PDB_ins_code 
_struct_conf.beg_auth_comp_id 
_struct_conf.beg_auth_asym_id 
_struct_conf.beg_auth_seq_id 
_struct_conf.end_auth_comp_id 
_struct_conf.end_auth_asym_id 
_struct_conf.end_auth_seq_id 
_struct_conf.pdbx_PDB_helix_class 
_struct_conf.details 
_struct_conf.pdbx_PDB_helix_length 
HELX_P HELX_P1 AA1 SER A 1   ? LYS A 12  ? SER A 15  LYS A 26  1 ? 12 
HELX_P HELX_P2 AA2 ASP A 71  ? GLY A 85  ? ASP A 85  GLY A 99  1 ? 15 
HELX_P HELX_P3 AA3 ARG A 87  ? HIS A 89  ? ARG A 101 HIS A 103 5 ? 3  
HELX_P HELX_P4 AA4 ALA A 137 ? HIS A 141 ? ALA A 151 HIS A 155 5 ? 5  
HELX_P HELX_P5 AA5 LYS A 176 ? GLU A 192 ? LYS A 190 GLU A 206 1 ? 17 
# 
_struct_conf_type.id          HELX_P 
_struct_conf_type.criteria    ? 
_struct_conf_type.reference   ? 
# 
loop_
_struct_conn.id 
_struct_conn.conn_type_id 
_struct_conn.pdbx_leaving_atom_flag 
_struct_conn.pdbx_PDB_id 
_struct_conn.ptnr1_label_asym_id 
_struct_conn.ptnr1_label_comp_id 
_struct_conn.ptnr1_label_seq_id 
_struct_conn.ptnr1_label_atom_id 
_struct_conn.pdbx_ptnr1_label_alt_id 
_struct_conn.pdbx_ptnr1_PDB_ins_code 
_struct_conn.pdbx_ptnr1_standard_comp_id 
_struct_conn.ptnr1_symmetry 
_struct_conn.ptnr2_label_asym_id 
_struct_conn.ptnr2_label_comp_id 
_struct_conn.ptnr2_label_seq_id 
_struct_conn.ptnr2_label_atom_id 
_struct_conn.pdbx_ptnr2_label_alt_id 
_struct_conn.pdbx_ptnr2_PDB_ins_code 
_struct_conn.ptnr1_auth_asym_id 
_struct_conn.ptnr1_auth_comp_id 
_struct_conn.ptnr1_auth_seq_id 
_struct_conn.ptnr2_auth_asym_id 
_struct_conn.ptnr2_auth_comp_id 
_struct_conn.ptnr2_auth_seq_id 
_struct_conn.ptnr2_symmetry 
_struct_conn.pdbx_ptnr3_label_atom_id 
_struct_conn.pdbx_ptnr3_label_seq_id 
_struct_conn.pdbx_ptnr3_label_comp_id 
_struct_conn.pdbx_ptnr3_label_asym_id 
_struct_conn.pdbx_ptnr3_label_alt_id 
_struct_conn.pdbx_ptnr3_PDB_ins_code 
_struct_conn.details 
_struct_conn.pdbx_dist_value 
_struct_conn.pdbx_value_order 
_struct_conn.pdbx_role 
covale1 covale both ? A ARG 87 C ? ? ? 1_555 A HYP 88 N ? ? A ARG 101 A HYP 102 1_555 ? ? ? ? ? ? ? 1.347 ? ? 
covale2 covale both ? A HYP 88 C ? ? ? 1_555 A HIS 89 N ? ? A HYP 102 A HIS 103 1_555 ? ? ? ? ? ? ? 1.331 ? ? 
covale3 covale both ? A VAL 94 C ? ? ? 1_555 A CSO 95 N ? ? A VAL 108 A CSO 109 1_555 ? ? ? ? ? ? ? 1.328 ? ? 
covale4 covale both ? A CSO 95 C ? ? ? 1_555 A CYS 96 N ? ? A CSO 109 A CYS 110 1_555 ? ? ? ? ? ? ? 1.322 ? ? 
# 
_struct_conn_type.id          covale 
_struct_conn_type.criteria    ? 
_struct_conn_type.reference   ? 
# 
loop_
_struct_sheet.id 
_struct_sheet.type 
_struct_sheet.number_strands 
_struct_sheet.details 
AA1 ? 4 ? 
AA2 ? 4 ? 
AA3 ? 3 ? 
AA4 ? 3 ? 
# 
loop_
_struct_sheet_order.sheet_id 
_struct_sheet_order.range_id_1 
_struct_sheet_order.range_id_2 
_struct_sheet_order.offset 
_struct_sheet_order.sense 
AA1 1 2 ? anti-parallel 
AA1 2 3 ? parallel      
AA1 3 4 ? anti-parallel 
AA2 1 2 ? anti-parallel 
AA2 2 3 ? parallel      
AA2 3 4 ? anti-parallel 
AA3 1 2 ? anti-parallel 
AA3 2 3 ? anti-parallel 
AA4 1 2 ? anti-parallel 
AA4 2 3 ? anti-parallel 
# 
loop_
_struct_sheet_range.sheet_id 
_struct_sheet_range.id 
_struct_sheet_range.beg_label_comp_id 
_struct_sheet_range.beg_label_asym_id 
_struct_sheet_range.beg_label_seq_id 
_struct_sheet_range.pdbx_beg_PDB_ins_code 
_struct_sheet_range.end_label_comp_id 
_struct_sheet_range.end_label_asym_id 
_struct_sheet_range.end_label_seq_id 
_struct_sheet_range.pdbx_end_PDB_ins_code 
_struct_sheet_range.beg_auth_comp_id 
_struct_sheet_range.beg_auth_asym_id 
_struct_sheet_range.beg_auth_seq_id 
_struct_sheet_range.end_auth_comp_id 
_struct_sheet_range.end_auth_asym_id 
_struct_sheet_range.end_auth_seq_id 
AA1 1 VAL A 91  ? CYS A 96  ? VAL A 105 CYS A 110 
AA1 2 THR A 106 ? ILE A 115 ? THR A 120 ILE A 129 
AA1 3 ASN A 25  ? LYS A 36  ? ASN A 39  LYS A 50  
AA1 4 LYS A 39  ? ARG A 47  ? LYS A 53  ARG A 61  
AA2 1 CYS A 100 ? ILE A 102 ? CYS A 114 ILE A 116 
AA2 2 THR A 106 ? ILE A 115 ? THR A 120 ILE A 129 
AA2 3 ASN A 25  ? LYS A 36  ? ASN A 39  LYS A 50  
AA2 4 GLY A 62  ? LYS A 64  ? GLY A 76  LYS A 78  
AA3 1 VAL A 128 ? PRO A 135 ? VAL A 142 PRO A 149 
AA3 2 LYS A 39  ? ARG A 47  ? LYS A 53  ARG A 61  
AA3 3 VAL A 58  ? CYS A 59  ? VAL A 72  CYS A 73  
AA4 1 GLN A 143 ? ASP A 146 ? GLN A 157 ASP A 160 
AA4 2 HIS A 160 ? THR A 165 ? HIS A 174 THR A 179 
AA4 3 THR A 172 ? ILE A 175 ? THR A 186 ILE A 189 
# 
loop_
_pdbx_struct_sheet_hbond.sheet_id 
_pdbx_struct_sheet_hbond.range_id_1 
_pdbx_struct_sheet_hbond.range_id_2 
_pdbx_struct_sheet_hbond.range_1_label_atom_id 
_pdbx_struct_sheet_hbond.range_1_label_comp_id 
_pdbx_struct_sheet_hbond.range_1_label_asym_id 
_pdbx_struct_sheet_hbond.range_1_label_seq_id 
_pdbx_struct_sheet_hbond.range_1_PDB_ins_code 
_pdbx_struct_sheet_hbond.range_1_auth_atom_id 
_pdbx_struct_sheet_hbond.range_1_auth_comp_id 
_pdbx_struct_sheet_hbond.range_1_auth_asym_id 
_pdbx_struct_sheet_hbond.range_1_auth_seq_id 
_pdbx_struct_sheet_hbond.range_2_label_atom_id 
_pdbx_struct_sheet_hbond.range_2_label_comp_id 
_pdbx_struct_sheet_hbond.range_2_label_asym_id 
_pdbx_struct_sheet_hbond.range_2_label_seq_id 
_pdbx_struct_sheet_hbond.range_2_PDB_ins_code 
_pdbx_struct_sheet_hbond.range_2_auth_atom_id 
_pdbx_struct_sheet_hbond.range_2_auth_comp_id 
_pdbx_struct_sheet_hbond.range_2_auth_asym_id 
_pdbx_struct_sheet_hbond.range_2_auth_seq_id 
AA1 1 2 N GLU A 92  ? N GLU A 106 O LEU A 114 ? O LEU A 128 
AA1 2 3 O GLY A 113 ? O GLY A 127 N LEU A 33  ? N LEU A 47  
AA1 3 4 N VAL A 34  ? N VAL A 48  O HIS A 41  ? O HIS A 55  
AA2 1 2 N CYS A 100 ? N CYS A 114 O ILE A 108 ? O ILE A 122 
AA2 2 3 O GLY A 113 ? O GLY A 127 N LEU A 33  ? N LEU A 47  
AA2 3 4 N SER A 28  ? N SER A 42  O GLY A 63  ? O GLY A 77  
AA3 1 2 O PHE A 132 ? O PHE A 146 N PHE A 44  ? N PHE A 58  
AA3 2 3 N THR A 45  ? N THR A 59  O CYS A 59  ? O CYS A 73  
AA4 1 2 N HIS A 145 ? N HIS A 159 O ILE A 161 ? O ILE A 175 
AA4 2 3 N TYR A 164 ? N TYR A 178 O TYR A 173 ? O TYR A 187 
# 
loop_
_struct_site.id 
_struct_site.pdbx_evidence_code 
_struct_site.pdbx_auth_asym_id 
_struct_site.pdbx_auth_comp_id 
_struct_site.pdbx_auth_seq_id 
_struct_site.pdbx_auth_ins_code 
_struct_site.pdbx_num_residues 
_struct_site.details 
AC1 Software A ACT 301 ? 3  'binding site for residue ACT A 301' 
AC2 Software A ACT 302 ? 2  'binding site for residue ACT A 302' 
AC3 Software A DMS 303 ? 6  'binding site for residue DMS A 303' 
AC4 Software A DMS 304 ? 5  'binding site for residue DMS A 304' 
AC5 Software A H0M 305 ? 14 'binding site for residue H0M A 305' 
# 
loop_
_struct_site_gen.id 
_struct_site_gen.site_id 
_struct_site_gen.pdbx_num_res 
_struct_site_gen.label_comp_id 
_struct_site_gen.label_asym_id 
_struct_site_gen.label_seq_id 
_struct_site_gen.pdbx_auth_ins_code 
_struct_site_gen.auth_comp_id 
_struct_site_gen.auth_asym_id 
_struct_site_gen.auth_seq_id 
_struct_site_gen.label_atom_id 
_struct_site_gen.label_alt_id 
_struct_site_gen.symmetry 
_struct_site_gen.details 
1  AC1 3  GLY A 56  ? GLY A 70  . ? 1_555 ? 
2  AC1 3  TYR A 173 ? TYR A 187 . ? 1_555 ? 
3  AC1 3  GLN A 174 ? GLN A 188 . ? 1_555 ? 
4  AC2 2  HIS A 89  ? HIS A 103 . ? 1_555 ? 
5  AC2 2  VAL A 91  ? VAL A 105 . ? 1_555 ? 
6  AC3 6  GLY A 85  ? GLY A 99  . ? 1_555 ? 
7  AC3 6  ARG A 87  ? ARG A 101 . ? 1_555 ? 
8  AC3 6  GLN A 90  ? GLN A 104 . ? 1_555 ? 
9  AC3 6  PHE A 119 ? PHE A 133 . ? 1_555 ? 
10 AC3 6  GLN A 120 ? GLN A 134 . ? 1_555 ? 
11 AC3 6  GLN A 122 ? GLN A 136 . ? 1_555 ? 
12 AC4 5  ASP A 116 ? ASP A 130 . ? 1_555 ? 
13 AC4 5  HIS A 117 ? HIS A 131 . ? 1_555 ? 
14 AC4 5  ASP A 130 ? ASP A 144 . ? 2_545 ? 
15 AC4 5  TYR A 173 ? TYR A 187 . ? 2_545 ? 
16 AC4 5  HOH G .   ? HOH A 448 . ? 2_545 ? 
17 AC5 14 VAL A 29  ? VAL A 43  . ? 1_555 ? 
18 AC5 14 THR A 45  ? THR A 59  . ? 1_555 ? 
19 AC5 14 ARG A 47  ? ARG A 61  . ? 1_555 ? 
20 AC5 14 ARG A 53  ? ARG A 67  . ? 1_555 ? 
21 AC5 14 CYS A 59  ? CYS A 73  . ? 1_555 ? 
22 AC5 14 PHE A 60  ? PHE A 74  . ? 1_555 ? 
23 AC5 14 GLY A 62  ? GLY A 76  . ? 1_555 ? 
24 AC5 14 GLY A 63  ? GLY A 77  . ? 1_555 ? 
25 AC5 14 GLU A 83  ? GLU A 97  . ? 1_555 ? 
26 AC5 14 GLU A 127 ? GLU A 141 . ? 1_555 ? 
27 AC5 14 VAL A 128 ? VAL A 142 . ? 1_555 ? 
28 AC5 14 MET A 178 ? MET A 192 . ? 1_555 ? 
29 AC5 14 HOH G .   ? HOH A 420 . ? 1_555 ? 
30 AC5 14 HOH G .   ? HOH A 477 . ? 1_555 ? 
# 
_atom_sites.entry_id                    5QH6 
_atom_sites.fract_transf_matrix[1][1]   -0.00392845 
_atom_sites.fract_transf_matrix[1][2]   -0.00242564 
_atom_sites.fract_transf_matrix[1][3]   -0.00807040 
_atom_sites.fract_transf_matrix[2][1]   -0.00249239 
_atom_sites.fract_transf_matrix[2][2]   -0.00883226 
_atom_sites.fract_transf_matrix[2][3]   -0.00148774 
_atom_sites.fract_transf_matrix[3][1]   -0.02205884 
_atom_sites.fract_transf_matrix[3][2]   0.00465163 
_atom_sites.fract_transf_matrix[3][3]   0.00933956 
_atom_sites.fract_transf_vector[1]      0.136042 
_atom_sites.fract_transf_vector[2]      -0.433893 
_atom_sites.fract_transf_vector[3]      1.979709 
# 
loop_
_atom_type.symbol 
C 
N 
O 
S 
# 
loop_
_atom_site.group_PDB 
_atom_site.id 
_atom_site.type_symbol 
_atom_site.label_atom_id 
_atom_site.label_alt_id 
_atom_site.label_comp_id 
_atom_site.label_asym_id 
_atom_site.label_entity_id 
_atom_site.label_seq_id 
_atom_site.pdbx_PDB_ins_code 
_atom_site.Cartn_x 
_atom_site.Cartn_y 
_atom_site.Cartn_z 
_atom_site.occupancy 
_atom_site.B_iso_or_equiv 
_atom_site.pdbx_formal_charge 
_atom_site.auth_seq_id 
_atom_site.auth_comp_id 
_atom_site.auth_asym_id 
_atom_site.auth_atom_id 
_atom_site.pdbx_PDB_model_num 
ATOM   1    N N   . SER A 1 1   ? -13.020 17.661  -7.439  1.00 42.62  ? 15  SER A N   1 
ATOM   2    C CA  . SER A 1 1   ? -13.304 16.252  -7.854  1.00 41.39  ? 15  SER A CA  1 
ATOM   3    C C   . SER A 1 1   ? -12.819 15.273  -6.782  1.00 40.77  ? 15  SER A C   1 
ATOM   4    O O   . SER A 1 1   ? -12.075 15.673  -5.870  1.00 39.88  ? 15  SER A O   1 
ATOM   5    C CB  . SER A 1 1   ? -12.656 15.958  -9.211  1.00 41.06  ? 15  SER A CB  1 
ATOM   6    O OG  . SER A 1 1   ? -11.231 15.925  -9.130  1.00 39.99  ? 15  SER A OG  1 
ATOM   7    N N   . MET A 1 2   ? -13.272 14.022  -6.881  1.00 38.22  ? 16  MET A N   1 
ATOM   8    C CA  . MET A 1 2   ? -12.890 12.960  -5.943  1.00 40.63  ? 16  MET A CA  1 
ATOM   9    C C   . MET A 1 2   ? -11.364 12.782  -5.870  1.00 42.11  ? 16  MET A C   1 
ATOM   10   O O   . MET A 1 2   ? -10.808 12.655  -4.773  1.00 36.91  ? 16  MET A O   1 
ATOM   11   C CB  . MET A 1 2   ? -13.548 11.626  -6.313  1.00 41.29  ? 16  MET A CB  1 
ATOM   12   C CG  . MET A 1 2   ? -12.981 10.404  -5.596  1.00 41.68  ? 16  MET A CG  1 
ATOM   13   S SD  . MET A 1 2   ? -14.009 8.932   -5.784  1.00 47.20  ? 16  MET A SD  1 
ATOM   14   C CE  . MET A 1 2   ? -13.506 8.268   -7.357  1.00 41.29  ? 16  MET A CE  1 
ATOM   15   N N   . LEU A 1 3   ? -10.700 12.771  -7.027  1.00 40.42  ? 17  LEU A N   1 
ATOM   16   C CA  . LEU A 1 3   ? -9.251  12.548  -7.056  1.00 40.28  ? 17  LEU A CA  1 
ATOM   17   C C   . LEU A 1 3   ? -8.470  13.763  -6.588  1.00 38.80  ? 17  LEU A C   1 
ATOM   18   O O   . LEU A 1 3   ? -7.476  13.612  -5.871  1.00 39.46  ? 17  LEU A O   1 
ATOM   19   C CB  . LEU A 1 3   ? -8.776  12.110  -8.439  1.00 40.30  ? 17  LEU A CB  1 
ATOM   20   C CG  . LEU A 1 3   ? -9.198  10.679  -8.783  1.00 42.81  ? 17  LEU A CG  1 
ATOM   21   C CD1 . LEU A 1 3   ? -8.894  10.375  -10.249 1.00 41.81  ? 17  LEU A CD1 1 
ATOM   22   C CD2 . LEU A 1 3   ? -8.523  9.675   -7.856  1.00 46.33  ? 17  LEU A CD2 1 
ATOM   23   N N   . ASP A 1 4   ? -8.922  14.953  -6.979  1.00 37.88  ? 18  ASP A N   1 
ATOM   24   C CA  . ASP A 1 4   ? -8.298  16.191  -6.531  1.00 39.20  ? 18  ASP A CA  1 
ATOM   25   C C   . ASP A 1 4   ? -8.448  16.394  -5.019  1.00 37.02  ? 18  ASP A C   1 
ATOM   26   O O   . ASP A 1 4   ? -7.540  16.919  -4.369  1.00 32.21  ? 18  ASP A O   1 
ATOM   27   C CB  . ASP A 1 4   ? -8.867  17.408  -7.271  1.00 43.23  ? 18  ASP A CB  1 
ATOM   28   C CG  . ASP A 1 4   ? -8.337  17.536  -8.706  1.00 49.36  ? 18  ASP A CG  1 
ATOM   29   O OD1 . ASP A 1 4   ? -7.594  16.646  -9.197  1.00 51.75  ? 18  ASP A OD1 1 
ATOM   30   O OD2 . ASP A 1 4   ? -8.667  18.551  -9.343  1.00 54.49  ? 18  ASP A OD2 1 
ATOM   31   N N   . ASP A 1 5   ? -9.600  16.002  -4.490  1.00 33.63  ? 19  ASP A N   1 
ATOM   32   C CA  . ASP A 1 5   ? -9.874  16.082  -3.066  1.00 35.38  ? 19  ASP A CA  1 
ATOM   33   C C   . ASP A 1 5   ? -8.969  15.098  -2.279  1.00 29.88  ? 19  ASP A C   1 
ATOM   34   O O   . ASP A 1 5   ? -8.435  15.470  -1.234  1.00 30.20  ? 19  ASP A O   1 
ATOM   35   C CB  . ASP A 1 5   ? -11.355 15.782  -2.786  1.00 38.87  ? 19  ASP A CB  1 
ATOM   36   C CG  . ASP A 1 5   ? -12.305 16.922  -3.201  1.00 43.38  ? 19  ASP A CG  1 
ATOM   37   O OD1 . ASP A 1 5   ? -11.874 18.077  -3.434  1.00 45.67  ? 19  ASP A OD1 1 
ATOM   38   O OD2 . ASP A 1 5   ? -13.518 16.634  -3.286  1.00 50.97  ? 19  ASP A OD2 1 
ATOM   39   N N   . ALA A 1 6   ? -8.803  13.879  -2.786  1.00 26.46  ? 20  ALA A N   1 
ATOM   40   C CA  . ALA A 1 6   ? -7.926  12.874  -2.140  1.00 26.90  ? 20  ALA A CA  1 
ATOM   41   C C   . ALA A 1 6   ? -6.468  13.324  -2.068  1.00 27.41  ? 20  ALA A C   1 
ATOM   42   O O   . ALA A 1 6   ? -5.835  13.257  -1.001  1.00 23.30  ? 20  ALA A O   1 
ATOM   43   C CB  . ALA A 1 6   ? -8.023  11.547  -2.851  1.00 27.50  ? 20  ALA A CB  1 
ATOM   44   N N   . LYS A 1 7   ? -5.952  13.809  -3.202  1.00 26.02  ? 21  LYS A N   1 
ATOM   45   C CA  . LYS A 1 7   ? -4.602  14.372  -3.270  1.00 28.53  ? 21  LYS A CA  1 
ATOM   46   C C   . LYS A 1 7   ? -4.398  15.566  -2.324  1.00 27.46  ? 21  LYS A C   1 
ATOM   47   O O   . LYS A 1 7   ? -3.393  15.641  -1.616  1.00 25.01  ? 21  LYS A O   1 
ATOM   48   C CB  . LYS A 1 7   ? -4.262  14.809  -4.690  1.00 30.58  ? 21  LYS A CB  1 
ATOM   49   C CG  . LYS A 1 7   ? -4.140  13.664  -5.652  1.00 35.21  ? 21  LYS A CG  1 
ATOM   50   C CD  . LYS A 1 7   ? -3.517  14.089  -6.988  1.00 41.36  ? 21  LYS A CD  1 
ATOM   51   C CE  . LYS A 1 7   ? -4.533  14.286  -8.105  1.00 43.88  ? 21  LYS A CE  1 
ATOM   52   N NZ  . LYS A 1 7   ? -3.825  14.435  -9.422  1.00 46.62  ? 21  LYS A NZ  1 
ATOM   53   N N   . ALA A 1 8   ? -5.353  16.488  -2.314  1.00 26.69  ? 22  ALA A N   1 
ATOM   54   C CA  . ALA A 1 8   ? -5.291  17.634  -1.409  1.00 27.77  ? 22  ALA A CA  1 
ATOM   55   C C   . ALA A 1 8   ? -5.234  17.188  0.088   1.00 26.81  ? 22  ALA A C   1 
ATOM   56   O O   . ALA A 1 8   ? -4.450  17.743  0.878   1.00 28.04  ? 22  ALA A O   1 
ATOM   57   C CB  . ALA A 1 8   ? -6.460  18.583  -1.658  1.00 28.13  ? 22  ALA A CB  1 
ATOM   58   N N   . ARG A 1 9   ? -6.035  16.187  0.449   1.00 25.01  ? 23  ARG A N   1 
ATOM   59   C CA  . ARG A 1 9   ? -6.026  15.624  1.818   1.00 25.16  ? 23  ARG A CA  1 
ATOM   60   C C   . ARG A 1 9   ? -4.679  14.979  2.141   1.00 24.15  ? 23  ARG A C   1 
ATOM   61   O O   . ARG A 1 9   ? -4.117  15.229  3.192   1.00 22.98  ? 23  ARG A O   1 
ATOM   62   C CB  . ARG A 1 9   ? -7.115  14.555  2.005   1.00 27.55  ? 23  ARG A CB  1 
ATOM   63   C CG  . ARG A 1 9   ? -8.555  15.059  2.086   1.00 30.73  ? 23  ARG A CG  1 
ATOM   64   C CD  . ARG A 1 9   ? -8.820  15.796  3.388   1.00 34.23  ? 23  ARG A CD  1 
ATOM   65   N NE  . ARG A 1 9   ? -10.253 16.113  3.548   1.00 35.92  ? 23  ARG A NE  1 
ATOM   66   C CZ  . ARG A 1 9   ? -11.206 15.288  4.004   1.00 36.45  ? 23  ARG A CZ  1 
ATOM   67   N NH1 . ARG A 1 9   ? -10.948 14.026  4.383   1.00 30.32  ? 23  ARG A NH1 1 
ATOM   68   N NH2 . ARG A 1 9   ? -12.464 15.752  4.101   1.00 36.98  ? 23  ARG A NH2 1 
ATOM   69   N N   . LEU A 1 10  ? -4.216  14.112  1.242   1.00 21.13  ? 24  LEU A N   1 
ATOM   70   C CA  . LEU A 1 10  ? -2.977  13.385  1.399   1.00 23.13  ? 24  LEU A CA  1 
ATOM   71   C C   . LEU A 1 10  ? -1.771  14.304  1.584   1.00 23.99  ? 24  LEU A C   1 
ATOM   72   O O   . LEU A 1 10  ? -0.918  14.026  2.426   1.00 24.90  ? 24  LEU A O   1 
ATOM   73   C CB  . LEU A 1 10  ? -2.739  12.458  0.217   1.00 22.69  ? 24  LEU A CB  1 
ATOM   74   C CG  . LEU A 1 10  ? -3.632  11.225  0.118   1.00 22.95  ? 24  LEU A CG  1 
ATOM   75   C CD1 . LEU A 1 10  ? -3.563  10.624  -1.283  1.00 23.95  ? 24  LEU A CD1 1 
ATOM   76   C CD2 . LEU A 1 10  ? -3.254  10.187  1.151   1.00 24.00  ? 24  LEU A CD2 1 
ATOM   77   N N   . ARG A 1 11  ? -1.732  15.399  0.835   1.00 23.82  ? 25  ARG A N   1 
ATOM   78   C CA  . ARG A 1 11  ? -0.611  16.338  0.910   1.00 27.37  ? 25  ARG A CA  1 
ATOM   79   C C   . ARG A 1 11  ? -0.402  16.960  2.295   1.00 27.74  ? 25  ARG A C   1 
ATOM   80   O O   . ARG A 1 11  ? 0.733   17.255  2.662   1.00 27.14  ? 25  ARG A O   1 
ATOM   81   C CB  . ARG A 1 11  ? -0.723  17.416  -0.169  1.00 31.11  ? 25  ARG A CB  1 
ATOM   82   C CG  . ARG A 1 11  ? -0.395  16.877  -1.554  1.00 34.64  ? 25  ARG A CG  1 
ATOM   83   C CD  . ARG A 1 11  ? -0.580  17.938  -2.630  1.00 40.12  ? 25  ARG A CD  1 
ATOM   84   N NE  . ARG A 1 11  ? -0.560  17.357  -3.981  1.00 43.81  ? 25  ARG A NE  1 
ATOM   85   C CZ  . ARG A 1 11  ? -1.506  17.513  -4.919  1.00 49.28  ? 25  ARG A CZ  1 
ATOM   86   N NH1 . ARG A 1 11  ? -2.604  18.258  -4.699  1.00 51.75  ? 25  ARG A NH1 1 
ATOM   87   N NH2 . ARG A 1 11  ? -1.351  16.921  -6.105  1.00 49.63  ? 25  ARG A NH2 1 
ATOM   88   N N   . LYS A 1 12  ? -1.482  17.106  3.062   1.00 27.40  ? 26  LYS A N   1 
ATOM   89   C CA  . LYS A 1 12  ? -1.416  17.622  4.422   1.00 29.94  ? 26  LYS A CA  1 
ATOM   90   C C   . LYS A 1 12  ? -0.680  16.706  5.418   1.00 27.86  ? 26  LYS A C   1 
ATOM   91   O O   . LYS A 1 12  ? -0.279  17.169  6.474   1.00 28.52  ? 26  LYS A O   1 
ATOM   92   C CB  . LYS A 1 12  ? -2.836  17.930  4.926   1.00 32.84  ? 26  LYS A CB  1 
ATOM   93   C CG  . LYS A 1 12  ? -3.555  19.028  4.130   1.00 36.22  ? 26  LYS A CG  1 
ATOM   94   C CD  . LYS A 1 12  ? -4.930  19.336  4.695   1.00 40.77  ? 26  LYS A CD  1 
ATOM   95   C CE  . LYS A 1 12  ? -5.707  20.317  3.830   1.00 46.76  ? 26  LYS A CE  1 
ATOM   96   N NZ  . LYS A 1 12  ? -5.278  21.717  4.075   1.00 51.74  ? 26  LYS A NZ  1 
ATOM   97   N N   . TYR A 1 13  ? -0.539  15.415  5.093   1.00 24.52  ? 27  TYR A N   1 
ATOM   98   C CA  . TYR A 1 13  ? 0.120   14.448  5.935   1.00 23.29  ? 27  TYR A CA  1 
ATOM   99   C C   . TYR A 1 13  ? 1.504   14.050  5.423   1.00 24.11  ? 27  TYR A C   1 
ATOM   100  O O   . TYR A 1 13  ? 2.143   13.180  6.024   1.00 25.41  ? 27  TYR A O   1 
ATOM   101  C CB  . TYR A 1 13  ? -0.768  13.212  6.100   1.00 23.44  ? 27  TYR A CB  1 
ATOM   102  C CG  . TYR A 1 13  ? -2.111  13.522  6.712   1.00 24.54  ? 27  TYR A CG  1 
ATOM   103  C CD1 . TYR A 1 13  ? -3.148  14.002  5.920   1.00 25.35  ? 27  TYR A CD1 1 
ATOM   104  C CD2 . TYR A 1 13  ? -2.342  13.374  8.080   1.00 26.03  ? 27  TYR A CD2 1 
ATOM   105  C CE1 . TYR A 1 13  ? -4.383  14.304  6.451   1.00 25.82  ? 27  TYR A CE1 1 
ATOM   106  C CE2 . TYR A 1 13  ? -3.593  13.667  8.632   1.00 27.59  ? 27  TYR A CE2 1 
ATOM   107  C CZ  . TYR A 1 13  ? -4.604  14.140  7.806   1.00 28.26  ? 27  TYR A CZ  1 
ATOM   108  O OH  . TYR A 1 13  ? -5.842  14.456  8.296   1.00 30.78  ? 27  TYR A OH  1 
ATOM   109  N N   . ASP A 1 14  ? 1.957   14.688  4.341   1.00 25.04  ? 28  ASP A N   1 
ATOM   110  C CA  . ASP A 1 14  ? 3.236   14.389  3.704   1.00 28.17  ? 28  ASP A CA  1 
ATOM   111  C C   . ASP A 1 14  ? 4.345   14.815  4.672   1.00 31.98  ? 28  ASP A C   1 
ATOM   112  O O   . ASP A 1 14  ? 4.398   15.967  5.103   1.00 31.31  ? 28  ASP A O   1 
ATOM   113  C CB  . ASP A 1 14  ? 3.361   15.162  2.402   1.00 29.30  ? 28  ASP A CB  1 
ATOM   114  C CG  . ASP A 1 14  ? 4.549   14.728  1.522   1.00 31.88  ? 28  ASP A CG  1 
ATOM   115  O OD1 . ASP A 1 14  ? 5.132   13.646  1.662   1.00 29.23  ? 28  ASP A OD1 1 
ATOM   116  O OD2 . ASP A 1 14  ? 4.833   15.483  0.595   1.00 38.00  ? 28  ASP A OD2 1 
ATOM   117  N N   . ILE A 1 15  ? 5.172   13.867  5.069   1.00 31.50  ? 29  ILE A N   1 
ATOM   118  C CA  . ILE A 1 15  ? 6.340   14.214  5.855   1.00 39.10  ? 29  ILE A CA  1 
ATOM   119  C C   . ILE A 1 15  ? 7.529   14.550  4.946   1.00 39.20  ? 29  ILE A C   1 
ATOM   120  O O   . ILE A 1 15  ? 8.485   15.119  5.410   1.00 43.65  ? 29  ILE A O   1 
ATOM   121  C CB  . ILE A 1 15  ? 6.673   13.143  6.911   1.00 41.37  ? 29  ILE A CB  1 
ATOM   122  C CG1 . ILE A 1 15  ? 7.331   11.911  6.301   1.00 42.08  ? 29  ILE A CG1 1 
ATOM   123  C CG2 . ILE A 1 15  ? 5.415   12.748  7.703   1.00 43.45  ? 29  ILE A CG2 1 
ATOM   124  C CD1 . ILE A 1 15  ? 8.339   11.291  7.247   1.00 45.55  ? 29  ILE A CD1 1 
ATOM   125  N N   . GLY A 1 16  ? 7.455   14.190  3.661   1.00 44.28  ? 30  GLY A N   1 
ATOM   126  C CA  . GLY A 1 16  ? 8.548   14.430  2.705   1.00 44.18  ? 30  GLY A CA  1 
ATOM   127  C C   . GLY A 1 16  ? 9.784   13.587  3.007   1.00 41.83  ? 30  GLY A C   1 
ATOM   128  O O   . GLY A 1 16  ? 9.666   12.426  3.398   1.00 39.80  ? 30  GLY A O   1 
ATOM   129  N N   . GLY A 1 17  ? 10.969  14.187  2.852   1.00 43.61  ? 31  GLY A N   1 
ATOM   130  C CA  . GLY A 1 17  ? 12.250  13.480  3.008   1.00 39.64  ? 31  GLY A CA  1 
ATOM   131  C C   . GLY A 1 17  ? 12.908  13.637  4.378   1.00 37.63  ? 31  GLY A C   1 
ATOM   132  O O   . GLY A 1 17  ? 14.062  13.284  4.561   1.00 31.38  ? 31  GLY A O   1 
ATOM   133  N N   . LYS A 1 18  ? 12.137  14.127  5.339   1.00 40.24  ? 32  LYS A N   1 
ATOM   134  C CA  . LYS A 1 18  ? 12.585  14.434  6.694   1.00 38.67  ? 32  LYS A CA  1 
ATOM   135  C C   . LYS A 1 18  ? 13.415  13.264  7.320   1.00 33.20  ? 32  LYS A C   1 
ATOM   136  O O   . LYS A 1 18  ? 14.554  13.448  7.712   1.00 34.91  ? 32  LYS A O   1 
ATOM   137  C CB  . LYS A 1 18  ? 11.309  14.834  7.497   1.00 39.33  ? 32  LYS A CB  1 
ATOM   138  C CG  . LYS A 1 18  ? 11.510  15.517  8.829   1.00 43.90  ? 32  LYS A CG  1 
ATOM   139  C CD  . LYS A 1 18  ? 10.225  16.157  9.359   1.00 42.01  ? 32  LYS A CD  1 
ATOM   140  C CE  . LYS A 1 18  ? 9.959   17.496  8.698   1.00 45.05  ? 32  LYS A CE  1 
ATOM   141  N NZ  . LYS A 1 18  ? 8.783   18.194  9.282   1.00 47.00  ? 32  LYS A NZ  1 
ATOM   142  N N   . TYR A 1 19  ? 12.888  12.048  7.262   1.00 30.51  ? 33  TYR A N   1 
ATOM   143  C CA  . TYR A 1 19  ? 13.494  10.861  7.871   1.00 28.10  ? 33  TYR A CA  1 
ATOM   144  C C   . TYR A 1 19  ? 14.326  9.968   6.912   1.00 27.75  ? 33  TYR A C   1 
ATOM   145  O O   . TYR A 1 19  ? 14.912  8.970   7.337   1.00 26.68  ? 33  TYR A O   1 
ATOM   146  C CB  . TYR A 1 19  ? 12.379  10.013  8.505   1.00 27.21  ? 33  TYR A CB  1 
ATOM   147  C CG  . TYR A 1 19  ? 11.820  10.634  9.780   1.00 25.58  ? 33  TYR A CG  1 
ATOM   148  C CD1 . TYR A 1 19  ? 11.047  11.795  9.732   1.00 27.05  ? 33  TYR A CD1 1 
ATOM   149  C CD2 . TYR A 1 19  ? 12.066  10.069  11.021  1.00 25.17  ? 33  TYR A CD2 1 
ATOM   150  C CE1 . TYR A 1 19  ? 10.547  12.387  10.906  1.00 26.26  ? 33  TYR A CE1 1 
ATOM   151  C CE2 . TYR A 1 19  ? 11.548  10.627  12.191  1.00 24.95  ? 33  TYR A CE2 1 
ATOM   152  C CZ  . TYR A 1 19  ? 10.800  11.782  12.136  1.00 24.52  ? 33  TYR A CZ  1 
ATOM   153  O OH  . TYR A 1 19  ? 10.273  12.342  13.289  1.00 24.78  ? 33  TYR A OH  1 
ATOM   154  N N   . SER A 1 20  ? 14.412  10.365  5.645   1.00 27.01  ? 34  SER A N   1 
ATOM   155  C CA  . SER A 1 20  ? 14.974  9.505   4.594   1.00 26.23  ? 34  SER A CA  1 
ATOM   156  C C   . SER A 1 20  ? 16.504  9.292   4.623   1.00 24.96  ? 34  SER A C   1 
ATOM   157  O O   . SER A 1 20  ? 16.966  8.281   4.074   1.00 28.28  ? 34  SER A O   1 
ATOM   158  C CB  . SER A 1 20  ? 14.587  10.073  3.222   1.00 29.07  ? 34  SER A CB  1 
ATOM   159  O OG  . SER A 1 20  ? 15.204  11.344  3.030   1.00 31.33  ? 34  SER A OG  1 
ATOM   160  N N   A HIS A 1 21  ? 17.283  10.192  5.222   0.35 21.46  ? 35  HIS A N   1 
ATOM   161  N N   B HIS A 1 21  ? 17.265  10.213  5.218   0.15 23.73  ? 35  HIS A N   1 
ATOM   162  C CA  A HIS A 1 21  ? 18.746  10.003  5.257   0.35 21.43  ? 35  HIS A CA  1 
ATOM   163  C CA  B HIS A 1 21  ? 18.731  10.083  5.283   0.15 23.59  ? 35  HIS A CA  1 
ATOM   164  C C   A HIS A 1 21  ? 19.235  9.239   6.475   0.35 21.57  ? 35  HIS A C   1 
ATOM   165  C C   B HIS A 1 21  ? 19.244  9.317   6.504   0.15 23.23  ? 35  HIS A C   1 
ATOM   166  O O   A HIS A 1 21  ? 20.406  8.898   6.528   0.35 19.02  ? 35  HIS A O   1 
ATOM   167  O O   B HIS A 1 21  ? 20.438  9.041   6.577   0.15 21.92  ? 35  HIS A O   1 
ATOM   168  C CB  A HIS A 1 21  ? 19.488  11.326  5.287   0.35 21.22  ? 35  HIS A CB  1 
ATOM   169  C CB  B HIS A 1 21  ? 19.407  11.459  5.245   0.15 23.82  ? 35  HIS A CB  1 
ATOM   170  C CG  A HIS A 1 21  ? 19.644  11.851  6.672   0.35 20.78  ? 35  HIS A CG  1 
ATOM   171  C CG  B HIS A 1 21  ? 19.220  12.193  3.953   0.15 23.80  ? 35  HIS A CG  1 
ATOM   172  N ND1 A HIS A 1 21  ? 18.684  12.629  7.276   0.35 20.24  ? 35  HIS A ND1 1 
ATOM   173  N ND1 B HIS A 1 21  ? 18.139  11.981  3.126   0.15 23.94  ? 35  HIS A ND1 1 
ATOM   174  C CD2 A HIS A 1 21  ? 20.596  11.631  7.609   0.35 20.94  ? 35  HIS A CD2 1 
ATOM   175  C CD2 B HIS A 1 21  ? 19.950  13.172  3.370   0.15 24.23  ? 35  HIS A CD2 1 
ATOM   176  C CE1 A HIS A 1 21  ? 19.058  12.907  8.507   0.35 19.42  ? 35  HIS A CE1 1 
ATOM   177  C CE1 B HIS A 1 21  ? 18.221  12.781  2.080   0.15 23.84  ? 35  HIS A CE1 1 
ATOM   178  N NE2 A HIS A 1 21  ? 20.216  12.314  8.735   0.35 20.02  ? 35  HIS A NE2 1 
ATOM   179  N NE2 B HIS A 1 21  ? 19.312  13.515  2.203   0.15 24.12  ? 35  HIS A NE2 1 
ATOM   180  N N   . LEU A 1 22  ? 18.364  8.987   7.455   1.00 23.21  ? 36  LEU A N   1 
ATOM   181  C CA  . LEU A 1 22  ? 18.764  8.259   8.658   1.00 25.03  ? 36  LEU A CA  1 
ATOM   182  C C   . LEU A 1 22  ? 19.326  6.875   8.327   1.00 26.83  ? 36  LEU A C   1 
ATOM   183  O O   . LEU A 1 22  ? 18.800  6.172   7.453   1.00 25.48  ? 36  LEU A O   1 
ATOM   184  C CB  . LEU A 1 22  ? 17.610  8.149   9.662   1.00 24.88  ? 36  LEU A CB  1 
ATOM   185  C CG  . LEU A 1 22  ? 17.174  9.481   10.276  1.00 24.31  ? 36  LEU A CG  1 
ATOM   186  C CD1 . LEU A 1 22  ? 15.895  9.318   11.027  1.00 25.78  ? 36  LEU A CD1 1 
ATOM   187  C CD2 . LEU A 1 22  ? 18.240  10.053  11.200  1.00 25.95  ? 36  LEU A CD2 1 
ATOM   188  N N   . PRO A 1 23  ? 20.381  6.450   9.051   1.00 27.45  ? 37  PRO A N   1 
ATOM   189  C CA  . PRO A 1 23  ? 21.157  5.261   8.652   1.00 27.17  ? 37  PRO A CA  1 
ATOM   190  C C   . PRO A 1 23  ? 20.532  3.882   8.987   1.00 27.23  ? 37  PRO A C   1 
ATOM   191  O O   . PRO A 1 23  ? 21.132  3.048   9.662   1.00 28.20  ? 37  PRO A O   1 
ATOM   192  C CB  . PRO A 1 23  ? 22.510  5.501   9.390   1.00 29.71  ? 37  PRO A CB  1 
ATOM   193  C CG  . PRO A 1 23  ? 22.089  6.187   10.658  1.00 27.78  ? 37  PRO A CG  1 
ATOM   194  C CD  . PRO A 1 23  ? 20.989  7.127   10.224  1.00 28.87  ? 37  PRO A CD  1 
ATOM   195  N N   . TYR A 1 24  ? 19.328  3.628   8.473   1.00 25.51  ? 38  TYR A N   1 
ATOM   196  C CA  . TYR A 1 24  ? 18.632  2.390   8.694   1.00 22.33  ? 38  TYR A CA  1 
ATOM   197  C C   . TYR A 1 24  ? 18.841  1.394   7.542   1.00 22.35  ? 38  TYR A C   1 
ATOM   198  O O   . TYR A 1 24  ? 19.277  1.785   6.468   1.00 22.25  ? 38  TYR A O   1 
ATOM   199  C CB  . TYR A 1 24  ? 17.127  2.710   8.795   1.00 23.07  ? 38  TYR A CB  1 
ATOM   200  C CG  . TYR A 1 24  ? 16.736  3.278   10.130  1.00 22.08  ? 38  TYR A CG  1 
ATOM   201  C CD1 . TYR A 1 24  ? 16.589  2.450   11.211  1.00 24.67  ? 38  TYR A CD1 1 
ATOM   202  C CD2 . TYR A 1 24  ? 16.521  4.625   10.308  1.00 23.37  ? 38  TYR A CD2 1 
ATOM   203  C CE1 . TYR A 1 24  ? 16.209  2.932   12.458  1.00 24.49  ? 38  TYR A CE1 1 
ATOM   204  C CE2 . TYR A 1 24  ? 16.135  5.141   11.556  1.00 22.61  ? 38  TYR A CE2 1 
ATOM   205  C CZ  . TYR A 1 24  ? 15.985  4.292   12.619  1.00 23.40  ? 38  TYR A CZ  1 
ATOM   206  O OH  . TYR A 1 24  ? 15.645  4.782   13.871  1.00 25.33  ? 38  TYR A OH  1 
ATOM   207  N N   . ASN A 1 25  ? 18.479  0.140   7.769   1.00 22.19  ? 39  ASN A N   1 
ATOM   208  C CA  . ASN A 1 25  ? 18.116  -0.781  6.670   1.00 25.63  ? 39  ASN A CA  1 
ATOM   209  C C   . ASN A 1 25  ? 16.771  -0.278  6.122   1.00 24.45  ? 39  ASN A C   1 
ATOM   210  O O   . ASN A 1 25  ? 15.792  -0.199  6.876   1.00 22.09  ? 39  ASN A O   1 
ATOM   211  C CB  . ASN A 1 25  ? 17.961  -2.204  7.164   1.00 27.33  ? 39  ASN A CB  1 
ATOM   212  C CG  . ASN A 1 25  ? 19.270  -2.780  7.698   1.00 32.67  ? 39  ASN A CG  1 
ATOM   213  O OD1 . ASN A 1 25  ? 20.315  -2.645  7.074   1.00 35.17  ? 39  ASN A OD1 1 
ATOM   214  N ND2 . ASN A 1 25  ? 19.212  -3.385  8.861   1.00 32.71  ? 39  ASN A ND2 1 
ATOM   215  N N   . LYS A 1 26  ? 16.746  0.098   4.851   1.00 22.77  ? 40  LYS A N   1 
ATOM   216  C CA  . LYS A 1 26  ? 15.621  0.878   4.293   1.00 22.87  ? 40  LYS A CA  1 
ATOM   217  C C   . LYS A 1 26  ? 14.753  0.065   3.324   1.00 23.75  ? 40  LYS A C   1 
ATOM   218  O O   . LYS A 1 26  ? 15.270  -0.605  2.406   1.00 20.10  ? 40  LYS A O   1 
ATOM   219  C CB  . LYS A 1 26  ? 16.147  2.142   3.658   1.00 23.57  ? 40  LYS A CB  1 
ATOM   220  C CG  . LYS A 1 26  ? 16.662  3.147   4.692   1.00 25.49  ? 40  LYS A CG  1 
ATOM   221  C CD  . LYS A 1 26  ? 17.409  4.319   4.089   1.00 26.70  ? 40  LYS A CD  1 
ATOM   222  C CE  . LYS A 1 26  ? 16.515  5.242   3.264   1.00 27.13  ? 40  LYS A CE  1 
ATOM   223  N NZ  . LYS A 1 26  ? 15.252  5.652   3.961   1.00 26.37  ? 40  LYS A NZ  1 
ATOM   224  N N   . TYR A 1 27  ? 13.438  0.097   3.572   1.00 23.30  ? 41  TYR A N   1 
ATOM   225  C CA  . TYR A 1 27  ? 12.412  -0.505  2.695   1.00 22.01  ? 41  TYR A CA  1 
ATOM   226  C C   . TYR A 1 27  ? 11.373  0.568   2.409   1.00 22.80  ? 41  TYR A C   1 
ATOM   227  O O   . TYR A 1 27  ? 11.133  1.448   3.261   1.00 19.77  ? 41  TYR A O   1 
ATOM   228  C CB  . TYR A 1 27  ? 11.706  -1.687  3.365   1.00 23.50  ? 41  TYR A CB  1 
ATOM   229  C CG  . TYR A 1 27  ? 12.583  -2.862  3.628   1.00 26.51  ? 41  TYR A CG  1 
ATOM   230  C CD1 . TYR A 1 27  ? 13.548  -2.823  4.651   1.00 28.47  ? 41  TYR A CD1 1 
ATOM   231  C CD2 . TYR A 1 27  ? 12.485  -4.017  2.852   1.00 27.20  ? 41  TYR A CD2 1 
ATOM   232  C CE1 . TYR A 1 27  ? 14.386  -3.910  4.884   1.00 28.84  ? 41  TYR A CE1 1 
ATOM   233  C CE2 . TYR A 1 27  ? 13.308  -5.107  3.079   1.00 29.64  ? 41  TYR A CE2 1 
ATOM   234  C CZ  . TYR A 1 27  ? 14.261  -5.046  4.092   1.00 31.39  ? 41  TYR A CZ  1 
ATOM   235  O OH  . TYR A 1 27  ? 15.080  -6.122  4.327   1.00 35.15  ? 41  TYR A OH  1 
ATOM   236  N N   . SER A 1 28  ? 10.778  0.513   1.210   1.00 20.66  ? 42  SER A N   1 
ATOM   237  C CA  . SER A 1 28  ? 9.654   1.370   0.857   1.00 19.93  ? 42  SER A CA  1 
ATOM   238  C C   . SER A 1 28  ? 8.456   0.507   0.430   1.00 19.61  ? 42  SER A C   1 
ATOM   239  O O   . SER A 1 28  ? 8.631   -0.588  -0.144  1.00 18.91  ? 42  SER A O   1 
ATOM   240  C CB  . SER A 1 28  ? 9.988   2.337   -0.271  1.00 22.23  ? 42  SER A CB  1 
ATOM   241  O OG  . SER A 1 28  ? 11.012  3.288   0.022   1.00 21.97  ? 42  SER A OG  1 
ATOM   242  N N   . VAL A 1 29  ? 7.249   1.015   0.687   1.00 19.49  ? 43  VAL A N   1 
ATOM   243  C CA  . VAL A 1 29  ? 6.016   0.396   0.192   1.00 18.93  ? 43  VAL A CA  1 
ATOM   244  C C   . VAL A 1 29  ? 5.187   1.414   -0.557  1.00 18.47  ? 43  VAL A C   1 
ATOM   245  O O   . VAL A 1 29  ? 5.287   2.624   -0.304  1.00 18.14  ? 43  VAL A O   1 
ATOM   246  C CB  . VAL A 1 29  ? 5.160   -0.318  1.262   1.00 21.07  ? 43  VAL A CB  1 
ATOM   247  C CG1 . VAL A 1 29  ? 5.886   -1.523  1.854   1.00 23.47  ? 43  VAL A CG1 1 
ATOM   248  C CG2 . VAL A 1 29  ? 4.669   0.627   2.349   1.00 21.06  ? 43  VAL A CG2 1 
ATOM   249  N N   . LEU A 1 30  ? 4.461   0.924   -1.572  1.00 18.08  ? 44  LEU A N   1 
ATOM   250  C CA  . LEU A 1 30  ? 3.531   1.736   -2.330  1.00 18.99  ? 44  LEU A CA  1 
ATOM   251  C C   . LEU A 1 30  ? 2.116   1.378   -1.884  1.00 18.94  ? 44  LEU A C   1 
ATOM   252  O O   . LEU A 1 30  ? 1.747   0.215   -1.923  1.00 18.78  ? 44  LEU A O   1 
ATOM   253  C CB  . LEU A 1 30  ? 3.676   1.483   -3.839  1.00 20.23  ? 44  LEU A CB  1 
ATOM   254  C CG  . LEU A 1 30  ? 2.824   2.365   -4.747  1.00 19.41  ? 44  LEU A CG  1 
ATOM   255  C CD1 . LEU A 1 30  ? 3.254   3.814   -4.654  1.00 20.64  ? 44  LEU A CD1 1 
ATOM   256  C CD2 . LEU A 1 30  ? 2.887   1.862   -6.186  1.00 21.98  ? 44  LEU A CD2 1 
ATOM   257  N N   . LEU A 1 31  ? 1.352   2.395   -1.489  1.00 18.66  ? 45  LEU A N   1 
ATOM   258  C CA  . LEU A 1 31  ? -0.056  2.265   -1.113  1.00 20.15  ? 45  LEU A CA  1 
ATOM   259  C C   . LEU A 1 31  ? -0.817  2.711   -2.368  1.00 18.82  ? 45  LEU A C   1 
ATOM   260  O O   . LEU A 1 31  ? -0.925  3.911   -2.616  1.00 19.42  ? 45  LEU A O   1 
ATOM   261  C CB  . LEU A 1 31  ? -0.384  3.189   0.050   1.00 21.07  ? 45  LEU A CB  1 
ATOM   262  C CG  . LEU A 1 31  ? -0.007  2.699   1.475   1.00 23.78  ? 45  LEU A CG  1 
ATOM   263  C CD1 . LEU A 1 31  ? 1.167   1.790   1.588   1.00 23.14  ? 45  LEU A CD1 1 
ATOM   264  C CD2 . LEU A 1 31  ? 0.147   3.886   2.423   1.00 25.71  ? 45  LEU A CD2 1 
ATOM   265  N N   . PRO A 1 32  ? -1.227  1.760   -3.212  1.00 18.64  ? 46  PRO A N   1 
ATOM   266  C CA  . PRO A 1 32  ? -1.695  2.175   -4.535  1.00 18.65  ? 46  PRO A CA  1 
ATOM   267  C C   . PRO A 1 32  ? -3.211  2.410   -4.551  1.00 18.50  ? 46  PRO A C   1 
ATOM   268  O O   . PRO A 1 32  ? -3.985  1.496   -4.281  1.00 17.32  ? 46  PRO A O   1 
ATOM   269  C CB  . PRO A 1 32  ? -1.291  1.004   -5.426  1.00 19.08  ? 46  PRO A CB  1 
ATOM   270  C CG  . PRO A 1 32  ? -0.624  -0.011  -4.538  1.00 18.66  ? 46  PRO A CG  1 
ATOM   271  C CD  . PRO A 1 32  ? -1.129  0.295   -3.163  1.00 18.47  ? 46  PRO A CD  1 
ATOM   272  N N   . LEU A 1 33  ? -3.605  3.636   -4.859  1.00 18.25  ? 47  LEU A N   1 
ATOM   273  C CA  . LEU A 1 33  ? -5.017  4.022   -4.878  1.00 20.75  ? 47  LEU A CA  1 
ATOM   274  C C   . LEU A 1 33  ? -5.563  3.923   -6.312  1.00 21.70  ? 47  LEU A C   1 
ATOM   275  O O   . LEU A 1 33  ? -5.025  4.551   -7.203  1.00 20.45  ? 47  LEU A O   1 
ATOM   276  C CB  . LEU A 1 33  ? -5.217  5.448   -4.408  1.00 21.86  ? 47  LEU A CB  1 
ATOM   277  C CG  . LEU A 1 33  ? -5.251  5.733   -2.908  1.00 24.41  ? 47  LEU A CG  1 
ATOM   278  C CD1 . LEU A 1 33  ? -5.258  7.253   -2.699  1.00 26.64  ? 47  LEU A CD1 1 
ATOM   279  C CD2 . LEU A 1 33  ? -6.468  5.119   -2.236  1.00 24.56  ? 47  LEU A CD2 1 
ATOM   280  N N   . VAL A 1 34  ? -6.651  3.187   -6.465  1.00 22.28  ? 48  VAL A N   1 
ATOM   281  C CA  . VAL A 1 34  ? -7.289  2.905   -7.755  1.00 24.51  ? 48  VAL A CA  1 
ATOM   282  C C   . VAL A 1 34  ? -8.735  3.390   -7.643  1.00 25.15  ? 48  VAL A C   1 
ATOM   283  O O   . VAL A 1 34  ? -9.417  3.023   -6.690  1.00 24.54  ? 48  VAL A O   1 
ATOM   284  C CB  . VAL A 1 34  ? -7.309  1.386   -7.996  1.00 26.30  ? 48  VAL A CB  1 
ATOM   285  C CG1 . VAL A 1 34  ? -8.035  1.032   -9.304  1.00 28.22  ? 48  VAL A CG1 1 
ATOM   286  C CG2 . VAL A 1 34  ? -5.881  0.837   -8.009  1.00 28.58  ? 48  VAL A CG2 1 
ATOM   287  N N   . ALA A 1 35  ? -9.199  4.192   -8.602  1.00 24.11  ? 49  ALA A N   1 
ATOM   288  C CA  . ALA A 1 35  ? -10.611 4.610   -8.634  1.00 26.01  ? 49  ALA A CA  1 
ATOM   289  C C   . ALA A 1 35  ? -11.388 3.689   -9.572  1.00 29.61  ? 49  ALA A C   1 
ATOM   290  O O   . ALA A 1 35  ? -11.023 3.609   -10.737 1.00 30.09  ? 49  ALA A O   1 
ATOM   291  C CB  . ALA A 1 35  ? -10.723 6.035   -9.085  1.00 27.54  ? 49  ALA A CB  1 
ATOM   292  N N   . LYS A 1 36  ? -12.384 2.962   -9.047  1.00 30.93  ? 50  LYS A N   1 
ATOM   293  C CA  . LYS A 1 36  ? -13.292 2.074   -9.834  1.00 35.12  ? 50  LYS A CA  1 
ATOM   294  C C   . LYS A 1 36  ? -14.711 2.268   -9.335  1.00 35.17  ? 50  LYS A C   1 
ATOM   295  O O   . LYS A 1 36  ? -14.935 2.350   -8.122  1.00 30.50  ? 50  LYS A O   1 
ATOM   296  C CB  . LYS A 1 36  ? -12.998 0.574   -9.650  1.00 39.00  ? 50  LYS A CB  1 
ATOM   297  C CG  . LYS A 1 36  ? -11.647 0.072   -10.106 1.00 47.86  ? 50  LYS A CG  1 
ATOM   298  C CD  . LYS A 1 36  ? -11.400 0.231   -11.601 1.00 53.13  ? 50  LYS A CD  1 
ATOM   299  C CE  . LYS A 1 36  ? -10.114 -0.472  -12.020 1.00 57.06  ? 50  LYS A CE  1 
ATOM   300  N NZ  . LYS A 1 36  ? -9.576  0.065   -13.306 1.00 62.49  ? 50  LYS A NZ  1 
ATOM   301  N N   . GLU A 1 37  ? -15.676 2.305   -10.258 1.00 33.66  ? 51  GLU A N   1 
ATOM   302  C CA  . GLU A 1 37  ? -17.096 2.313   -9.909  1.00 35.47  ? 51  GLU A CA  1 
ATOM   303  C C   . GLU A 1 37  ? -17.455 3.451   -8.982  1.00 32.02  ? 51  GLU A C   1 
ATOM   304  O O   . GLU A 1 37  ? -18.254 3.285   -8.072  1.00 33.30  ? 51  GLU A O   1 
ATOM   305  C CB  . GLU A 1 37  ? -17.497 0.977   -9.264  1.00 41.33  ? 51  GLU A CB  1 
ATOM   306  C CG  . GLU A 1 37  ? -17.100 -0.245  -10.075 1.00 47.25  ? 51  GLU A CG  1 
ATOM   307  C CD  . GLU A 1 37  ? -17.378 -1.548  -9.349  1.00 54.78  ? 51  GLU A CD  1 
ATOM   308  O OE1 . GLU A 1 37  ? -18.001 -2.441  -9.959  1.00 64.58  ? 51  GLU A OE1 1 
ATOM   309  O OE2 . GLU A 1 37  ? -16.979 -1.684  -8.168  1.00 61.71  ? 51  GLU A OE2 1 
ATOM   310  N N   . GLY A 1 38  ? -16.843 4.601   -9.220  1.00 28.32  ? 52  GLY A N   1 
ATOM   311  C CA  . GLY A 1 38  ? -17.099 5.817   -8.484  1.00 28.38  ? 52  GLY A CA  1 
ATOM   312  C C   . GLY A 1 38  ? -16.509 5.883   -7.070  1.00 30.41  ? 52  GLY A C   1 
ATOM   313  O O   . GLY A 1 38  ? -16.882 6.790   -6.315  1.00 29.20  ? 52  GLY A O   1 
ATOM   314  N N   . LYS A 1 39  ? -15.616 4.946   -6.698  1.00 27.48  ? 53  LYS A N   1 
ATOM   315  C CA  . LYS A 1 39  ? -15.064 4.883   -5.322  1.00 28.62  ? 53  LYS A CA  1 
ATOM   316  C C   . LYS A 1 39  ? -13.564 4.582   -5.371  1.00 25.68  ? 53  LYS A C   1 
ATOM   317  O O   . LYS A 1 39  ? -13.085 3.977   -6.325  1.00 23.79  ? 53  LYS A O   1 
ATOM   318  C CB  . LYS A 1 39  ? -15.731 3.757   -4.535  1.00 31.87  ? 53  LYS A CB  1 
ATOM   319  C CG  . LYS A 1 39  ? -17.257 3.796   -4.531  1.00 38.87  ? 53  LYS A CG  1 
ATOM   320  C CD  . LYS A 1 39  ? -17.894 2.660   -3.744  1.00 43.75  ? 53  LYS A CD  1 
ATOM   321  C CE  . LYS A 1 39  ? -17.521 1.254   -4.232  1.00 47.86  ? 53  LYS A CE  1 
ATOM   322  N NZ  . LYS A 1 39  ? -17.663 0.225   -3.160  1.00 49.00  ? 53  LYS A NZ  1 
ATOM   323  N N   . LEU A 1 40  ? -12.840 4.997   -4.338  1.00 23.00  ? 54  LEU A N   1 
ATOM   324  C CA  . LEU A 1 40  ? -11.414 4.666   -4.203  1.00 22.12  ? 54  LEU A CA  1 
ATOM   325  C C   . LEU A 1 40  ? -11.218 3.282   -3.591  1.00 20.24  ? 54  LEU A C   1 
ATOM   326  O O   . LEU A 1 40  ? -11.987 2.843   -2.710  1.00 21.07  ? 54  LEU A O   1 
ATOM   327  C CB  . LEU A 1 40  ? -10.691 5.730   -3.357  1.00 22.92  ? 54  LEU A CB  1 
ATOM   328  C CG  . LEU A 1 40  ? -10.639 7.111   -3.980  1.00 26.09  ? 54  LEU A CG  1 
ATOM   329  C CD1 . LEU A 1 40  ? -10.155 8.119   -2.948  1.00 28.11  ? 54  LEU A CD1 1 
ATOM   330  C CD2 . LEU A 1 40  ? -9.775  7.105   -5.217  1.00 25.70  ? 54  LEU A CD2 1 
ATOM   331  N N   . HIS A 1 41  ? -10.192 2.594   -4.082  1.00 19.40  ? 55  HIS A N   1 
ATOM   332  C CA  . HIS A 1 41  ? -9.795  1.274   -3.630  1.00 20.28  ? 55  HIS A CA  1 
ATOM   333  C C   . HIS A 1 41  ? -8.286  1.285   -3.341  1.00 19.80  ? 55  HIS A C   1 
ATOM   334  O O   . HIS A 1 41  ? -7.563  2.060   -3.932  1.00 19.92  ? 55  HIS A O   1 
ATOM   335  C CB  . HIS A 1 41  ? -10.052 0.229   -4.713  1.00 22.24  ? 55  HIS A CB  1 
ATOM   336  C CG  . HIS A 1 41  ? -11.497 0.056   -5.044  1.00 21.97  ? 55  HIS A CG  1 
ATOM   337  N ND1 . HIS A 1 41  ? -12.211 1.000   -5.743  1.00 26.01  ? 55  HIS A ND1 1 
ATOM   338  C CD2 . HIS A 1 41  ? -12.358 -0.945  -4.769  1.00 24.49  ? 55  HIS A CD2 1 
ATOM   339  C CE1 . HIS A 1 41  ? -13.459 0.583   -5.889  1.00 25.34  ? 55  HIS A CE1 1 
ATOM   340  N NE2 . HIS A 1 41  ? -13.578 -0.583  -5.288  1.00 26.19  ? 55  HIS A NE2 1 
ATOM   341  N N   . LEU A 1 42  ? -7.832  0.402   -2.459  1.00 18.34  ? 56  LEU A N   1 
ATOM   342  C CA  . LEU A 1 42  ? -6.416  0.103   -2.335  1.00 18.68  ? 56  LEU A CA  1 
ATOM   343  C C   . LEU A 1 42  ? -6.114  -1.231  -3.001  1.00 17.97  ? 56  LEU A C   1 
ATOM   344  O O   . LEU A 1 42  ? -6.901  -2.158  -2.895  1.00 21.18  ? 56  LEU A O   1 
ATOM   345  C CB  . LEU A 1 42  ? -5.972  0.058   -0.865  1.00 19.66  ? 56  LEU A CB  1 
ATOM   346  C CG  . LEU A 1 42  ? -5.764  1.436   -0.217  1.00 20.11  ? 56  LEU A CG  1 
ATOM   347  C CD1 . LEU A 1 42  ? -5.707  1.261   1.306   1.00 21.65  ? 56  LEU A CD1 1 
ATOM   348  C CD2 . LEU A 1 42  ? -4.499  2.107   -0.732  1.00 20.51  ? 56  LEU A CD2 1 
ATOM   349  N N   . LEU A 1 43  ? -4.961  -1.305  -3.644  1.00 17.44  ? 57  LEU A N   1 
ATOM   350  C CA  . LEU A 1 43  ? -4.440  -2.530  -4.259  1.00 19.24  ? 57  LEU A CA  1 
ATOM   351  C C   . LEU A 1 43  ? -3.475  -3.206  -3.316  1.00 19.53  ? 57  LEU A C   1 
ATOM   352  O O   . LEU A 1 43  ? -2.551  -2.552  -2.791  1.00 18.51  ? 57  LEU A O   1 
ATOM   353  C CB  . LEU A 1 43  ? -3.759  -2.201  -5.579  1.00 20.27  ? 57  LEU A CB  1 
ATOM   354  C CG  . LEU A 1 43  ? -3.177  -3.392  -6.367  1.00 22.18  ? 57  LEU A CG  1 
ATOM   355  C CD1 . LEU A 1 43  ? -3.147  -3.083  -7.851  1.00 25.30  ? 57  LEU A CD1 1 
ATOM   356  C CD2 . LEU A 1 43  ? -1.778  -3.747  -5.925  1.00 23.64  ? 57  LEU A CD2 1 
ATOM   357  N N   . PHE A 1 44  ? -3.700  -4.507  -3.117  1.00 18.61  ? 58  PHE A N   1 
ATOM   358  C CA  . PHE A 1 44  ? -2.915  -5.360  -2.247  1.00 19.63  ? 58  PHE A CA  1 
ATOM   359  C C   . PHE A 1 44  ? -2.363  -6.531  -3.050  1.00 21.83  ? 58  PHE A C   1 
ATOM   360  O O   . PHE A 1 44  ? -2.926  -6.890  -4.125  1.00 20.99  ? 58  PHE A O   1 
ATOM   361  C CB  . PHE A 1 44  ? -3.786  -5.931  -1.123  1.00 19.62  ? 58  PHE A CB  1 
ATOM   362  C CG  . PHE A 1 44  ? -4.320  -4.893  -0.168  1.00 19.91  ? 58  PHE A CG  1 
ATOM   363  C CD1 . PHE A 1 44  ? -5.501  -4.220  -0.451  1.00 18.96  ? 58  PHE A CD1 1 
ATOM   364  C CD2 . PHE A 1 44  ? -3.628  -4.577  1.013   1.00 19.54  ? 58  PHE A CD2 1 
ATOM   365  C CE1 . PHE A 1 44  ? -6.004  -3.269  0.431   1.00 19.74  ? 58  PHE A CE1 1 
ATOM   366  C CE2 . PHE A 1 44  ? -4.130  -3.617  1.897   1.00 19.47  ? 58  PHE A CE2 1 
ATOM   367  C CZ  . PHE A 1 44  ? -5.331  -2.964  1.603   1.00 18.38  ? 58  PHE A CZ  1 
ATOM   368  N N   . THR A 1 45  ? -1.254  -7.091  -2.558  1.00 20.88  ? 59  THR A N   1 
ATOM   369  C CA  . THR A 1 45  ? -0.660  -8.321  -3.110  1.00 22.94  ? 59  THR A CA  1 
ATOM   370  C C   . THR A 1 45  ? -0.770  -9.422  -2.069  1.00 25.05  ? 59  THR A C   1 
ATOM   371  O O   . THR A 1 45  ? -0.781  -9.139  -0.865  1.00 25.52  ? 59  THR A O   1 
ATOM   372  C CB  . THR A 1 45  ? 0.831   -8.193  -3.458  1.00 23.66  ? 59  THR A CB  1 
ATOM   373  O OG1 . THR A 1 45  ? 1.614   -8.023  -2.265  1.00 28.34  ? 59  THR A OG1 1 
ATOM   374  C CG2 . THR A 1 45  ? 1.085   -7.081  -4.380  1.00 24.46  ? 59  THR A CG2 1 
ATOM   375  N N   . VAL A 1 46  ? -0.874  -10.661 -2.538  1.00 25.51  ? 60  VAL A N   1 
ATOM   376  C CA  . VAL A 1 46  ? -0.624  -11.820 -1.717  1.00 26.73  ? 60  VAL A CA  1 
ATOM   377  C C   . VAL A 1 46  ? 0.751   -12.347 -2.118  1.00 28.75  ? 60  VAL A C   1 
ATOM   378  O O   . VAL A 1 46  ? 0.997   -12.650 -3.296  1.00 27.90  ? 60  VAL A O   1 
ATOM   379  C CB  . VAL A 1 46  ? -1.692  -12.909 -1.881  1.00 28.47  ? 60  VAL A CB  1 
ATOM   380  C CG1 . VAL A 1 46  ? -1.381  -14.118 -0.986  1.00 29.21  ? 60  VAL A CG1 1 
ATOM   381  C CG2 . VAL A 1 46  ? -3.074  -12.339 -1.589  1.00 28.55  ? 60  VAL A CG2 1 
ATOM   382  N N   . ARG A 1 47  ? 1.640   -12.424 -1.135  1.00 28.45  ? 61  ARG A N   1 
ATOM   383  C CA  . ARG A 1 47  ? 3.019   -12.871 -1.347  1.00 31.63  ? 61  ARG A CA  1 
ATOM   384  C C   . ARG A 1 47  ? 3.066   -14.346 -1.751  1.00 31.70  ? 61  ARG A C   1 
ATOM   385  O O   . ARG A 1 47  ? 2.279   -15.169 -1.266  1.00 31.06  ? 61  ARG A O   1 
ATOM   386  C CB  . ARG A 1 47  ? 3.858   -12.670 -0.078  1.00 33.26  ? 61  ARG A CB  1 
ATOM   387  C CG  . ARG A 1 47  ? 4.056   -11.214 0.290   1.00 35.36  ? 61  ARG A CG  1 
ATOM   388  C CD  . ARG A 1 47  ? 4.573   -11.078 1.716   1.00 39.52  ? 61  ARG A CD  1 
ATOM   389  N NE  . ARG A 1 47  ? 5.944   -11.572 1.826   1.00 41.41  ? 61  ARG A NE  1 
ATOM   390  C CZ  . ARG A 1 47  ? 7.026   -10.922 1.401   1.00 43.70  ? 61  ARG A CZ  1 
ATOM   391  N NH1 . ARG A 1 47  ? 6.938   -9.718  0.831   1.00 43.25  ? 61  ARG A NH1 1 
ATOM   392  N NH2 . ARG A 1 47  ? 8.225   -11.482 1.553   1.00 47.94  ? 61  ARG A NH2 1 
ATOM   393  N N   . SER A 1 48  ? 3.962   -14.663 -2.673  1.00 33.61  ? 62  SER A N   1 
ATOM   394  C CA  . SER A 1 48  ? 4.119   -16.037 -3.128  1.00 39.18  ? 62  SER A CA  1 
ATOM   395  C C   . SER A 1 48  ? 4.460   -16.952 -1.953  1.00 41.87  ? 62  SER A C   1 
ATOM   396  O O   . SER A 1 48  ? 5.202   -16.552 -1.044  1.00 39.26  ? 62  SER A O   1 
ATOM   397  C CB  . SER A 1 48  ? 5.233   -16.147 -4.174  1.00 41.35  ? 62  SER A CB  1 
ATOM   398  O OG  . SER A 1 48  ? 5.739   -17.470 -4.191  1.00 47.14  ? 62  SER A OG  1 
ATOM   399  N N   . GLU A 1 49  ? 3.954   -18.183 -2.004  1.00 49.15  ? 63  GLU A N   1 
ATOM   400  C CA  . GLU A 1 49  ? 4.301   -19.206 -1.001  1.00 57.00  ? 63  GLU A CA  1 
ATOM   401  C C   . GLU A 1 49  ? 5.794   -19.612 -1.035  1.00 59.72  ? 63  GLU A C   1 
ATOM   402  O O   . GLU A 1 49  ? 6.295   -20.163 -0.057  1.00 64.89  ? 63  GLU A O   1 
ATOM   403  C CB  . GLU A 1 49  ? 3.412   -20.451 -1.153  1.00 59.93  ? 63  GLU A CB  1 
ATOM   404  C CG  . GLU A 1 49  ? 1.908   -20.216 -0.996  1.00 61.61  ? 63  GLU A CG  1 
ATOM   405  C CD  . GLU A 1 49  ? 1.463   -19.843 0.417   1.00 67.01  ? 63  GLU A CD  1 
ATOM   406  O OE1 . GLU A 1 49  ? 2.264   -19.900 1.381   1.00 72.60  ? 63  GLU A OE1 1 
ATOM   407  O OE2 . GLU A 1 49  ? 0.277   -19.490 0.569   1.00 66.04  ? 63  GLU A OE2 1 
ATOM   408  N N   . LYS A 1 50  ? 6.484   -19.343 -2.150  1.00 64.19  ? 64  LYS A N   1 
ATOM   409  C CA  . LYS A 1 50  ? 7.938   -19.575 -2.285  1.00 68.10  ? 64  LYS A CA  1 
ATOM   410  C C   . LYS A 1 50  ? 8.824   -18.661 -1.431  1.00 66.94  ? 64  LYS A C   1 
ATOM   411  O O   . LYS A 1 50  ? 9.968   -19.016 -1.142  1.00 65.59  ? 64  LYS A O   1 
ATOM   412  C CB  . LYS A 1 50  ? 8.400   -19.375 -3.740  1.00 72.46  ? 64  LYS A CB  1 
ATOM   413  C CG  . LYS A 1 50  ? 7.887   -20.370 -4.769  1.00 76.46  ? 64  LYS A CG  1 
ATOM   414  C CD  . LYS A 1 50  ? 8.337   -19.941 -6.167  1.00 80.55  ? 64  LYS A CD  1 
ATOM   415  C CE  . LYS A 1 50  ? 8.459   -21.110 -7.133  1.00 83.11  ? 64  LYS A CE  1 
ATOM   416  N NZ  . LYS A 1 50  ? 7.148   -21.755 -7.418  1.00 85.71  ? 64  LYS A NZ  1 
ATOM   417  N N   . LEU A 1 51  ? 8.331   -17.473 -1.079  1.00 63.08  ? 65  LEU A N   1 
ATOM   418  C CA  . LEU A 1 51  ? 9.161   -16.477 -0.400  1.00 62.07  ? 65  LEU A CA  1 
ATOM   419  C C   . LEU A 1 51  ? 9.442   -16.931 1.030   1.00 65.42  ? 65  LEU A C   1 
ATOM   420  O O   . LEU A 1 51  ? 8.583   -17.537 1.671   1.00 64.87  ? 65  LEU A O   1 
ATOM   421  C CB  . LEU A 1 51  ? 8.487   -15.095 -0.408  1.00 59.91  ? 65  LEU A CB  1 
ATOM   422  C CG  . LEU A 1 51  ? 8.094   -14.504 -1.773  1.00 55.75  ? 65  LEU A CG  1 
ATOM   423  C CD1 . LEU A 1 51  ? 7.627   -13.064 -1.618  1.00 54.95  ? 65  LEU A CD1 1 
ATOM   424  C CD2 . LEU A 1 51  ? 9.239   -14.588 -2.778  1.00 55.48  ? 65  LEU A CD2 1 
ATOM   425  N N   . ARG A 1 52  ? 10.657  -16.667 1.509   1.00 69.85  ? 66  ARG A N   1 
ATOM   426  C CA  . ARG A 1 52  ? 11.060  -17.111 2.846   1.00 76.58  ? 66  ARG A CA  1 
ATOM   427  C C   . ARG A 1 52  ? 10.432  -16.247 3.946   1.00 73.19  ? 66  ARG A C   1 
ATOM   428  O O   . ARG A 1 52  ? 10.017  -16.766 4.981   1.00 74.86  ? 66  ARG A O   1 
ATOM   429  C CB  . ARG A 1 52  ? 12.591  -17.181 2.979   1.00 84.08  ? 66  ARG A CB  1 
ATOM   430  C CG  . ARG A 1 52  ? 13.339  -15.851 2.970   1.00 89.44  ? 66  ARG A CG  1 
ATOM   431  C CD  . ARG A 1 52  ? 14.809  -16.044 3.324   1.00 94.87  ? 66  ARG A CD  1 
ATOM   432  N NE  . ARG A 1 52  ? 14.976  -16.649 4.648   1.00 99.03  ? 66  ARG A NE  1 
ATOM   433  C CZ  . ARG A 1 52  ? 14.797  -16.026 5.817   1.00 102.66 ? 66  ARG A CZ  1 
ATOM   434  N NH1 . ARG A 1 52  ? 14.446  -14.738 5.880   1.00 104.32 ? 66  ARG A NH1 1 
ATOM   435  N NH2 . ARG A 1 52  ? 14.975  -16.704 6.949   1.00 103.45 ? 66  ARG A NH2 1 
ATOM   436  N N   . ARG A 1 53  ? 10.350  -14.940 3.705   1.00 73.51  ? 67  ARG A N   1 
ATOM   437  C CA  . ARG A 1 53  ? 9.735   -13.997 4.641   1.00 70.84  ? 67  ARG A CA  1 
ATOM   438  C C   . ARG A 1 53  ? 8.228   -13.857 4.332   1.00 66.08  ? 67  ARG A C   1 
ATOM   439  O O   . ARG A 1 53  ? 7.849   -13.314 3.294   1.00 61.37  ? 67  ARG A O   1 
ATOM   440  C CB  . ARG A 1 53  ? 10.468  -12.643 4.566   1.00 73.35  ? 67  ARG A CB  1 
ATOM   441  C CG  . ARG A 1 53  ? 10.387  -11.778 5.824   1.00 77.96  ? 67  ARG A CG  1 
ATOM   442  C CD  . ARG A 1 53  ? 9.337   -10.685 5.709   1.00 79.68  ? 67  ARG A CD  1 
ATOM   443  N NE  . ARG A 1 53  ? 9.712   -9.655  4.736   1.00 82.47  ? 67  ARG A NE  1 
ATOM   444  C CZ  . ARG A 1 53  ? 8.908   -8.687  4.286   1.00 86.37  ? 67  ARG A CZ  1 
ATOM   445  N NH1 . ARG A 1 53  ? 9.370   -7.807  3.397   1.00 87.10  ? 67  ARG A NH1 1 
ATOM   446  N NH2 . ARG A 1 53  ? 7.646   -8.582  4.710   1.00 86.33  ? 67  ARG A NH2 1 
ATOM   447  N N   . ALA A 1 54  ? 7.389   -14.392 5.222   1.00 61.10  ? 68  ALA A N   1 
ATOM   448  C CA  . ALA A 1 54  ? 5.926   -14.199 5.208   1.00 58.43  ? 68  ALA A CA  1 
ATOM   449  C C   . ALA A 1 54  ? 5.227   -14.717 3.938   1.00 57.58  ? 68  ALA A C   1 
ATOM   450  O O   . ALA A 1 54  ? 4.508   -13.967 3.270   1.00 54.93  ? 68  ALA A O   1 
ATOM   451  C CB  . ALA A 1 54  ? 5.582   -12.729 5.461   1.00 56.40  ? 68  ALA A CB  1 
ATOM   452  N N   . PRO A 1 55  ? 5.411   -16.015 3.619   1.00 54.26  ? 69  PRO A N   1 
ATOM   453  C CA  . PRO A 1 55  ? 4.765   -16.579 2.436   1.00 51.24  ? 69  PRO A CA  1 
ATOM   454  C C   . PRO A 1 55  ? 3.258   -16.555 2.581   1.00 47.30  ? 69  PRO A C   1 
ATOM   455  O O   . PRO A 1 55  ? 2.747   -16.805 3.670   1.00 47.06  ? 69  PRO A O   1 
ATOM   456  C CB  . PRO A 1 55  ? 5.271   -18.027 2.409   1.00 52.91  ? 69  PRO A CB  1 
ATOM   457  C CG  . PRO A 1 55  ? 5.660   -18.326 3.818   1.00 55.10  ? 69  PRO A CG  1 
ATOM   458  C CD  . PRO A 1 55  ? 6.165   -17.033 4.378   1.00 54.32  ? 69  PRO A CD  1 
ATOM   459  N N   . GLY A 1 56  ? 2.552   -16.218 1.507   1.00 42.87  ? 70  GLY A N   1 
ATOM   460  C CA  . GLY A 1 56  ? 1.091   -16.207 1.524   1.00 41.66  ? 70  GLY A CA  1 
ATOM   461  C C   . GLY A 1 56  ? 0.402   -15.066 2.267   1.00 38.09  ? 70  GLY A C   1 
ATOM   462  O O   . GLY A 1 56  ? -0.820  -15.056 2.344   1.00 39.26  ? 70  GLY A O   1 
ATOM   463  N N   . GLU A 1 57  ? 1.148   -14.102 2.795   1.00 36.92  ? 71  GLU A N   1 
ATOM   464  C CA  . GLU A 1 57  ? 0.530   -12.975 3.514   1.00 36.23  ? 71  GLU A CA  1 
ATOM   465  C C   . GLU A 1 57  ? 0.197   -11.813 2.582   1.00 31.11  ? 71  GLU A C   1 
ATOM   466  O O   . GLU A 1 57  ? 0.843   -11.626 1.550   1.00 31.05  ? 71  GLU A O   1 
ATOM   467  C CB  . GLU A 1 57  ? 1.431   -12.486 4.642   1.00 42.02  ? 71  GLU A CB  1 
ATOM   468  C CG  . GLU A 1 57  ? 1.581   -13.506 5.772   1.00 49.32  ? 71  GLU A CG  1 
ATOM   469  C CD  . GLU A 1 57  ? 2.014   -12.889 7.097   1.00 55.13  ? 71  GLU A CD  1 
ATOM   470  O OE1 . GLU A 1 57  ? 1.794   -13.558 8.134   1.00 64.39  ? 71  GLU A OE1 1 
ATOM   471  O OE2 . GLU A 1 57  ? 2.568   -11.755 7.112   1.00 55.74  ? 71  GLU A OE2 1 
ATOM   472  N N   . VAL A 1 58  ? -0.780  -11.011 3.002   1.00 27.81  ? 72  VAL A N   1 
ATOM   473  C CA  . VAL A 1 58  ? -1.219  -9.852  2.263   1.00 26.71  ? 72  VAL A CA  1 
ATOM   474  C C   . VAL A 1 58  ? -0.271  -8.731  2.619   1.00 27.22  ? 72  VAL A C   1 
ATOM   475  O O   . VAL A 1 58  ? -0.022  -8.502  3.796   1.00 26.55  ? 72  VAL A O   1 
ATOM   476  C CB  . VAL A 1 58  ? -2.679  -9.487  2.606   1.00 26.42  ? 72  VAL A CB  1 
ATOM   477  C CG1 . VAL A 1 58  ? -3.063  -8.148  2.004   1.00 27.07  ? 72  VAL A CG1 1 
ATOM   478  C CG2 . VAL A 1 58  ? -3.623  -10.590 2.115   1.00 27.11  ? 72  VAL A CG2 1 
ATOM   479  N N   . CYS A 1 59  ? 0.258   -8.043  1.610   1.00 24.84  ? 73  CYS A N   1 
ATOM   480  C CA  . CYS A 1 59  ? 1.061   -6.860  1.821   1.00 25.76  ? 73  CYS A CA  1 
ATOM   481  C C   . CYS A 1 59  ? 0.903   -5.885  0.657   1.00 25.86  ? 73  CYS A C   1 
ATOM   482  O O   . CYS A 1 59  ? 0.314   -6.217  -0.380  1.00 26.10  ? 73  CYS A O   1 
ATOM   483  C CB  . CYS A 1 59  ? 2.521   -7.257  2.026   1.00 31.80  ? 73  CYS A CB  1 
ATOM   484  S SG  . CYS A 1 59  ? 3.307   -7.880  0.537   1.00 39.30  ? 73  CYS A SG  1 
ATOM   485  N N   . PHE A 1 60  ? 1.426   -4.685  0.833   1.00 21.81  ? 74  PHE A N   1 
ATOM   486  C CA  . PHE A 1 60  ? 1.494   -3.715  -0.252  1.00 21.45  ? 74  PHE A CA  1 
ATOM   487  C C   . PHE A 1 60  ? 2.715   -4.011  -1.104  1.00 22.22  ? 74  PHE A C   1 
ATOM   488  O O   . PHE A 1 60  ? 3.676   -4.601  -0.600  1.00 23.46  ? 74  PHE A O   1 
ATOM   489  C CB  . PHE A 1 60  ? 1.554   -2.296  0.285   1.00 20.46  ? 74  PHE A CB  1 
ATOM   490  C CG  . PHE A 1 60  ? 0.256   -1.828  0.901   1.00 20.48  ? 74  PHE A CG  1 
ATOM   491  C CD1 . PHE A 1 60  ? -0.881  -1.629  0.103   1.00 20.02  ? 74  PHE A CD1 1 
ATOM   492  C CD2 . PHE A 1 60  ? 0.173   -1.545  2.275   1.00 20.26  ? 74  PHE A CD2 1 
ATOM   493  C CE1 . PHE A 1 60  ? -2.076  -1.194  0.665   1.00 20.73  ? 74  PHE A CE1 1 
ATOM   494  C CE2 . PHE A 1 60  ? -1.020  -1.129  2.842   1.00 19.54  ? 74  PHE A CE2 1 
ATOM   495  C CZ  . PHE A 1 60  ? -2.142  -0.933  2.035   1.00 21.08  ? 74  PHE A CZ  1 
ATOM   496  N N   . PRO A 1 61  ? 2.687   -3.629  -2.401  1.00 20.57  ? 75  PRO A N   1 
ATOM   497  C CA  . PRO A 1 61  ? 3.922   -3.758  -3.180  1.00 20.86  ? 75  PRO A CA  1 
ATOM   498  C C   . PRO A 1 61  ? 5.053   -2.922  -2.540  1.00 22.21  ? 75  PRO A C   1 
ATOM   499  O O   . PRO A 1 61  ? 4.801   -1.855  -1.967  1.00 19.20  ? 75  PRO A O   1 
ATOM   500  C CB  . PRO A 1 61  ? 3.576   -3.128  -4.543  1.00 20.93  ? 75  PRO A CB  1 
ATOM   501  C CG  . PRO A 1 61  ? 2.115   -2.943  -4.565  1.00 20.91  ? 75  PRO A CG  1 
ATOM   502  C CD  . PRO A 1 61  ? 1.579   -3.041  -3.170  1.00 19.95  ? 75  PRO A CD  1 
ATOM   503  N N   . GLY A 1 62  ? 6.280   -3.383  -2.697  1.00 22.01  ? 76  GLY A N   1 
ATOM   504  C CA  . GLY A 1 62  ? 7.442   -2.670  -2.133  1.00 22.96  ? 76  GLY A CA  1 
ATOM   505  C C   . GLY A 1 62  ? 8.607   -3.603  -1.894  1.00 23.73  ? 76  GLY A C   1 
ATOM   506  O O   . GLY A 1 62  ? 8.552   -4.783  -2.241  1.00 22.04  ? 76  GLY A O   1 
ATOM   507  N N   . GLY A 1 63  ? 9.661   -3.082  -1.276  1.00 24.08  ? 77  GLY A N   1 
ATOM   508  C CA  . GLY A 1 63  ? 10.843  -3.893  -0.997  1.00 23.83  ? 77  GLY A CA  1 
ATOM   509  C C   . GLY A 1 63  ? 12.019  -3.057  -0.559  1.00 22.15  ? 77  GLY A C   1 
ATOM   510  O O   . GLY A 1 63  ? 11.857  -1.880  -0.231  1.00 20.26  ? 77  GLY A O   1 
ATOM   511  N N   . LYS A 1 64  ? 13.202  -3.673  -0.568  1.00 22.41  ? 78  LYS A N   1 
ATOM   512  C CA  . LYS A 1 64  ? 14.425  -3.067  -0.014  1.00 23.51  ? 78  LYS A CA  1 
ATOM   513  C C   . LYS A 1 64  ? 15.027  -2.070  -0.972  1.00 22.10  ? 78  LYS A C   1 
ATOM   514  O O   . LYS A 1 64  ? 15.110  -2.318  -2.173  1.00 22.28  ? 78  LYS A O   1 
ATOM   515  C CB  . LYS A 1 64  ? 15.445  -4.171  0.315   1.00 26.56  ? 78  LYS A CB  1 
ATOM   516  C CG  . LYS A 1 64  ? 16.583  -3.690  1.189   1.00 31.11  ? 78  LYS A CG  1 
ATOM   517  C CD  . LYS A 1 64  ? 17.364  -4.838  1.803   1.00 37.32  ? 78  LYS A CD  1 
ATOM   518  C CE  . LYS A 1 64  ? 18.699  -4.363  2.388   1.00 40.44  ? 78  LYS A CE  1 
ATOM   519  N NZ  . LYS A 1 64  ? 18.571  -3.155  3.225   1.00 45.61  ? 78  LYS A NZ  1 
ATOM   520  N N   . ARG A 1 65  ? 15.448  -0.924  -0.467  1.00 20.58  ? 79  ARG A N   1 
ATOM   521  C CA  . ARG A 1 65  ? 16.132  0.058   -1.278  1.00 22.32  ? 79  ARG A CA  1 
ATOM   522  C C   . ARG A 1 65  ? 17.413  -0.583  -1.835  1.00 23.33  ? 79  ARG A C   1 
ATOM   523  O O   . ARG A 1 65  ? 18.007  -1.461  -1.197  1.00 22.34  ? 79  ARG A O   1 
ATOM   524  C CB  . ARG A 1 65  ? 16.465  1.296   -0.459  1.00 24.09  ? 79  ARG A CB  1 
ATOM   525  C CG  . ARG A 1 65  ? 17.237  2.358   -1.218  1.00 27.61  ? 79  ARG A CG  1 
ATOM   526  C CD  . ARG A 1 65  ? 17.085  3.732   -0.592  1.00 28.99  ? 79  ARG A CD  1 
ATOM   527  N NE  . ARG A 1 65  ? 17.842  4.759   -1.315  1.00 28.45  ? 79  ARG A NE  1 
ATOM   528  C CZ  . ARG A 1 65  ? 17.743  6.066   -1.103  1.00 31.40  ? 79  ARG A CZ  1 
ATOM   529  N NH1 . ARG A 1 65  ? 16.893  6.545   -0.193  1.00 30.99  ? 79  ARG A NH1 1 
ATOM   530  N NH2 . ARG A 1 65  ? 18.514  6.917   -1.792  1.00 33.26  ? 79  ARG A NH2 1 
ATOM   531  N N   . ASP A 1 66  ? 17.774  -0.187  -3.048  1.00 24.02  ? 80  ASP A N   1 
ATOM   532  C CA  . ASP A 1 66  ? 19.045  -0.625  -3.644  1.00 22.96  ? 80  ASP A CA  1 
ATOM   533  C C   . ASP A 1 66  ? 19.804  0.564   -4.168  1.00 21.59  ? 80  ASP A C   1 
ATOM   534  O O   . ASP A 1 66  ? 19.277  1.688   -4.178  1.00 22.16  ? 80  ASP A O   1 
ATOM   535  C CB  . ASP A 1 66  ? 18.848  -1.796  -4.644  1.00 23.87  ? 80  ASP A CB  1 
ATOM   536  C CG  . ASP A 1 66  ? 18.454  -1.355  -6.063  1.00 24.60  ? 80  ASP A CG  1 
ATOM   537  O OD1 . ASP A 1 66  ? 18.451  -0.146  -6.399  1.00 24.98  ? 80  ASP A OD1 1 
ATOM   538  O OD2 . ASP A 1 66  ? 18.133  -2.281  -6.852  1.00 26.37  ? 80  ASP A OD2 1 
ATOM   539  N N   . PRO A 1 67  ? 21.090  0.361   -4.575  1.00 23.10  ? 81  PRO A N   1 
ATOM   540  C CA  . PRO A 1 67  ? 21.892  1.533   -4.941  1.00 23.97  ? 81  PRO A CA  1 
ATOM   541  C C   . PRO A 1 67  ? 21.381  2.345   -6.116  1.00 23.28  ? 81  PRO A C   1 
ATOM   542  O O   . PRO A 1 67  ? 21.702  3.526   -6.217  1.00 24.06  ? 81  PRO A O   1 
ATOM   543  C CB  . PRO A 1 67  ? 23.283  0.927   -5.252  1.00 24.85  ? 81  PRO A CB  1 
ATOM   544  C CG  . PRO A 1 67  ? 23.331  -0.331  -4.485  1.00 24.81  ? 81  PRO A CG  1 
ATOM   545  C CD  . PRO A 1 67  ? 21.913  -0.857  -4.435  1.00 23.56  ? 81  PRO A CD  1 
ATOM   546  N N   . THR A 1 68  ? 20.572  1.752   -6.998  1.00 24.86  ? 82  THR A N   1 
ATOM   547  C CA  . THR A 1 68  ? 20.074  2.486   -8.182  1.00 24.66  ? 82  THR A CA  1 
ATOM   548  C C   . THR A 1 68  ? 19.054  3.590   -7.829  1.00 26.83  ? 82  THR A C   1 
ATOM   549  O O   . THR A 1 68  ? 18.881  4.572   -8.575  1.00 25.67  ? 82  THR A O   1 
ATOM   550  C CB  . THR A 1 68  ? 19.423  1.541   -9.232  1.00 25.84  ? 82  THR A CB  1 
ATOM   551  O OG1 . THR A 1 68  ? 18.145  1.060   -8.768  1.00 26.33  ? 82  THR A OG1 1 
ATOM   552  C CG2 . THR A 1 68  ? 20.300  0.365   -9.513  1.00 26.17  ? 82  THR A CG2 1 
ATOM   553  N N   . ASP A 1 69  ? 18.391  3.427   -6.680  1.00 26.19  ? 83  ASP A N   1 
ATOM   554  C CA  . ASP A 1 69  ? 17.238  4.258   -6.348  1.00 25.40  ? 83  ASP A CA  1 
ATOM   555  C C   . ASP A 1 69  ? 17.684  5.673   -6.056  1.00 25.36  ? 83  ASP A C   1 
ATOM   556  O O   . ASP A 1 69  ? 18.497  5.882   -5.175  1.00 27.41  ? 83  ASP A O   1 
ATOM   557  C CB  . ASP A 1 69  ? 16.524  3.680   -5.111  1.00 24.64  ? 83  ASP A CB  1 
ATOM   558  C CG  . ASP A 1 69  ? 15.882  2.343   -5.375  1.00 23.46  ? 83  ASP A CG  1 
ATOM   559  O OD1 . ASP A 1 69  ? 15.399  2.128   -6.514  1.00 23.96  ? 83  ASP A OD1 1 
ATOM   560  O OD2 . ASP A 1 69  ? 15.775  1.493   -4.445  1.00 23.89  ? 83  ASP A OD2 1 
ATOM   561  N N   . MET A 1 70  ? 17.130  6.644   -6.773  1.00 26.49  ? 84  MET A N   1 
ATOM   562  C CA  . MET A 1 70  ? 17.422  8.065   -6.512  1.00 29.14  ? 84  MET A CA  1 
ATOM   563  C C   . MET A 1 70  ? 16.928  8.501   -5.129  1.00 28.37  ? 84  MET A C   1 
ATOM   564  O O   . MET A 1 70  ? 17.525  9.374   -4.502  1.00 27.07  ? 84  MET A O   1 
ATOM   565  C CB  . MET A 1 70  ? 16.758  8.972   -7.558  1.00 32.78  ? 84  MET A CB  1 
ATOM   566  C CG  . MET A 1 70  ? 17.337  8.903   -8.965  1.00 39.62  ? 84  MET A CG  1 
ATOM   567  S SD  . MET A 1 70  ? 19.033  9.508   -9.084  1.00 44.04  ? 84  MET A SD  1 
ATOM   568  C CE  . MET A 1 70  ? 18.894  11.251  -8.708  1.00 45.18  ? 84  MET A CE  1 
ATOM   569  N N   . ASP A 1 71  ? 15.816  7.916   -4.680  1.00 25.96  ? 85  ASP A N   1 
ATOM   570  C CA  . ASP A 1 71  ? 15.220  8.254   -3.383  1.00 25.20  ? 85  ASP A CA  1 
ATOM   571  C C   . ASP A 1 71  ? 14.296  7.118   -2.927  1.00 23.37  ? 85  ASP A C   1 
ATOM   572  O O   . ASP A 1 71  ? 14.156  6.096   -3.623  1.00 21.48  ? 85  ASP A O   1 
ATOM   573  C CB  . ASP A 1 71  ? 14.502  9.611   -3.467  1.00 26.20  ? 85  ASP A CB  1 
ATOM   574  C CG  . ASP A 1 71  ? 13.430  9.670   -4.557  1.00 26.63  ? 85  ASP A CG  1 
ATOM   575  O OD1 . ASP A 1 71  ? 12.885  8.618   -4.974  1.00 27.04  ? 85  ASP A OD1 1 
ATOM   576  O OD2 . ASP A 1 71  ? 13.102  10.791  -4.968  1.00 30.60  ? 85  ASP A OD2 1 
ATOM   577  N N   . ASP A 1 72  ? 13.634  7.291   -1.784  1.00 20.74  ? 86  ASP A N   1 
ATOM   578  C CA  . ASP A 1 72  ? 12.796  6.235   -1.241  1.00 20.59  ? 86  ASP A CA  1 
ATOM   579  C C   . ASP A 1 72  ? 11.560  5.961   -2.118  1.00 19.24  ? 86  ASP A C   1 
ATOM   580  O O   . ASP A 1 72  ? 11.081  4.826   -2.164  1.00 19.77  ? 86  ASP A O   1 
ATOM   581  C CB  . ASP A 1 72  ? 12.415  6.526   0.222   1.00 22.03  ? 86  ASP A CB  1 
ATOM   582  C CG  . ASP A 1 72  ? 13.602  6.343   1.177   1.00 24.44  ? 86  ASP A CG  1 
ATOM   583  O OD1 . ASP A 1 72  ? 14.464  5.455   0.916   1.00 23.68  ? 86  ASP A OD1 1 
ATOM   584  O OD2 . ASP A 1 72  ? 13.674  7.065   2.199   1.00 24.99  ? 86  ASP A OD2 1 
ATOM   585  N N   . ALA A 1 73  ? 11.052  6.987   -2.774  1.00 19.71  ? 87  ALA A N   1 
ATOM   586  C CA  . ALA A 1 73  ? 9.874   6.824   -3.665  1.00 20.29  ? 87  ALA A CA  1 
ATOM   587  C C   . ALA A 1 73  ? 10.270  5.914   -4.850  1.00 20.36  ? 87  ALA A C   1 
ATOM   588  O O   . ALA A 1 73  ? 9.512   5.025   -5.257  1.00 19.91  ? 87  ALA A O   1 
ATOM   589  C CB  . ALA A 1 73  ? 9.407   8.171   -4.147  1.00 19.69  ? 87  ALA A CB  1 
ATOM   590  N N   . ALA A 1 74  ? 11.488  6.118   -5.364  1.00 20.36  ? 88  ALA A N   1 
ATOM   591  C CA  . ALA A 1 74  ? 12.019  5.251   -6.437  1.00 22.47  ? 88  ALA A CA  1 
ATOM   592  C C   . ALA A 1 74  ? 12.048  3.775   -6.066  1.00 21.32  ? 88  ALA A C   1 
ATOM   593  O O   . ALA A 1 74  ? 11.652  2.922   -6.876  1.00 20.36  ? 88  ALA A O   1 
ATOM   594  C CB  . ALA A 1 74  ? 13.385  5.747   -6.927  1.00 23.05  ? 88  ALA A CB  1 
ATOM   595  N N   . THR A 1 75  ? 12.432  3.455   -4.822  1.00 20.34  ? 89  THR A N   1 
ATOM   596  C CA  . THR A 1 75  ? 12.373  2.089   -4.319  1.00 19.95  ? 89  THR A CA  1 
ATOM   597  C C   . THR A 1 75  ? 10.975  1.469   -4.470  1.00 20.33  ? 89  THR A C   1 
ATOM   598  O O   . THR A 1 75  ? 10.796  0.333   -5.000  1.00 18.52  ? 89  THR A O   1 
ATOM   599  C CB  . THR A 1 75  ? 12.801  2.022   -2.821  1.00 20.00  ? 89  THR A CB  1 
ATOM   600  O OG1 . THR A 1 75  ? 14.092  2.621   -2.657  1.00 19.65  ? 89  THR A OG1 1 
ATOM   601  C CG2 . THR A 1 75  ? 12.839  0.631   -2.344  1.00 19.78  ? 89  THR A CG2 1 
ATOM   602  N N   . ALA A 1 76  ? 9.977   2.212   -3.987  1.00 20.15  ? 90  ALA A N   1 
ATOM   603  C CA  . ALA A 1 76  ? 8.609   1.730   -4.041  1.00 19.65  ? 90  ALA A CA  1 
ATOM   604  C C   . ALA A 1 76  ? 8.151   1.481   -5.509  1.00 18.88  ? 90  ALA A C   1 
ATOM   605  O O   . ALA A 1 76  ? 7.547   0.464   -5.777  1.00 19.23  ? 90  ALA A O   1 
ATOM   606  C CB  . ALA A 1 76  ? 7.664   2.699   -3.311  1.00 19.15  ? 90  ALA A CB  1 
ATOM   607  N N   . LEU A 1 77  ? 8.473   2.393   -6.417  1.00 20.67  ? 91  LEU A N   1 
ATOM   608  C CA  . LEU A 1 77  ? 8.070   2.280   -7.839  1.00 23.36  ? 91  LEU A CA  1 
ATOM   609  C C   . LEU A 1 77  ? 8.791   1.134   -8.550  1.00 22.57  ? 91  LEU A C   1 
ATOM   610  O O   . LEU A 1 77  ? 8.154   0.365   -9.256  1.00 20.06  ? 91  LEU A O   1 
ATOM   611  C CB  . LEU A 1 77  ? 8.317   3.585   -8.572  1.00 24.62  ? 91  LEU A CB  1 
ATOM   612  C CG  . LEU A 1 77  ? 7.515   4.795   -8.072  1.00 26.62  ? 91  LEU A CG  1 
ATOM   613  C CD1 . LEU A 1 77  ? 7.703   5.980   -9.004  1.00 29.44  ? 91  LEU A CD1 1 
ATOM   614  C CD2 . LEU A 1 77  ? 6.045   4.456   -7.898  1.00 28.33  ? 91  LEU A CD2 1 
ATOM   615  N N   . ARG A 1 78  ? 10.099  0.987   -8.296  1.00 22.11  ? 92  ARG A N   1 
ATOM   616  C CA  . ARG A 1 78  ? 10.891  -0.140  -8.856  1.00 22.67  ? 92  ARG A CA  1 
ATOM   617  C C   . ARG A 1 78  ? 10.320  -1.471  -8.459  1.00 24.07  ? 92  ARG A C   1 
ATOM   618  O O   . ARG A 1 78  ? 10.093  -2.358  -9.310  1.00 22.52  ? 92  ARG A O   1 
ATOM   619  C CB  . ARG A 1 78  ? 12.372  -0.044  -8.447  1.00 23.30  ? 92  ARG A CB  1 
ATOM   620  C CG  . ARG A 1 78  ? 13.265  -1.155  -9.026  1.00 24.18  ? 92  ARG A CG  1 
ATOM   621  C CD  . ARG A 1 78  ? 14.742  -0.932  -8.705  1.00 24.37  ? 92  ARG A CD  1 
ATOM   622  N NE  . ARG A 1 78  ? 14.923  -0.723  -7.265  1.00 23.03  ? 92  ARG A NE  1 
ATOM   623  C CZ  . ARG A 1 78  ? 14.816  -1.646  -6.315  1.00 22.19  ? 92  ARG A CZ  1 
ATOM   624  N NH1 . ARG A 1 78  ? 14.585  -2.929  -6.578  1.00 25.48  ? 92  ARG A NH1 1 
ATOM   625  N NH2 . ARG A 1 78  ? 14.962  -1.268  -5.042  1.00 23.66  ? 92  ARG A NH2 1 
ATOM   626  N N   . GLU A 1 79  ? 10.033  -1.609  -7.162  1.00 22.21  ? 93  GLU A N   1 
ATOM   627  C CA  . GLU A 1 79  ? 9.498   -2.846  -6.626  1.00 22.97  ? 93  GLU A CA  1 
ATOM   628  C C   . GLU A 1 79  ? 8.081   -3.129  -7.104  1.00 22.78  ? 93  GLU A C   1 
ATOM   629  O O   . GLU A 1 79  ? 7.780   -4.275  -7.442  1.00 22.50  ? 93  GLU A O   1 
ATOM   630  C CB  . GLU A 1 79  ? 9.594   -2.891  -5.091  1.00 25.67  ? 93  GLU A CB  1 
ATOM   631  C CG  . GLU A 1 79  ? 11.038  -2.969  -4.580  1.00 28.24  ? 93  GLU A CG  1 
ATOM   632  C CD  . GLU A 1 79  ? 11.659  -4.370  -4.592  1.00 31.65  ? 93  GLU A CD  1 
ATOM   633  O OE1 . GLU A 1 79  ? 12.882  -4.477  -4.489  1.00 42.75  ? 93  GLU A OE1 1 
ATOM   634  O OE2 . GLU A 1 79  ? 10.957  -5.372  -4.656  1.00 40.29  ? 93  GLU A OE2 1 
ATOM   635  N N   . ALA A 1 80  ? 7.224   -2.107  -7.138  1.00 20.67  ? 94  ALA A N   1 
ATOM   636  C CA  . ALA A 1 80  ? 5.892   -2.263  -7.699  1.00 23.41  ? 94  ALA A CA  1 
ATOM   637  C C   . ALA A 1 80  ? 5.933   -2.741  -9.177  1.00 23.12  ? 94  ALA A C   1 
ATOM   638  O O   . ALA A 1 80  ? 5.131   -3.589  -9.561  1.00 25.70  ? 94  ALA A O   1 
ATOM   639  C CB  . ALA A 1 80  ? 5.113   -0.977  -7.596  1.00 22.50  ? 94  ALA A CB  1 
ATOM   640  N N   . GLN A 1 81  ? 6.848   -2.202  -9.968  1.00 23.28  ? 95  GLN A N   1 
ATOM   641  C CA  . GLN A 1 81  ? 6.994   -2.629  -11.372 1.00 26.55  ? 95  GLN A CA  1 
ATOM   642  C C   . GLN A 1 81  ? 7.367   -4.118  -11.453 1.00 28.01  ? 95  GLN A C   1 
ATOM   643  O O   . GLN A 1 81  ? 6.733   -4.905  -12.164 1.00 24.89  ? 95  GLN A O   1 
ATOM   644  C CB  . GLN A 1 81  ? 8.009   -1.770  -12.116 1.00 28.52  ? 95  GLN A CB  1 
ATOM   645  C CG  . GLN A 1 81  ? 8.012   -2.067  -13.635 1.00 33.14  ? 95  GLN A CG  1 
ATOM   646  C CD  . GLN A 1 81  ? 8.744   -1.031  -14.474 1.00 35.48  ? 95  GLN A CD  1 
ATOM   647  O OE1 . GLN A 1 81  ? 9.247   -0.047  -13.972 1.00 44.38  ? 95  GLN A OE1 1 
ATOM   648  N NE2 . GLN A 1 81  ? 8.795   -1.259  -15.772 1.00 45.03  ? 95  GLN A NE2 1 
ATOM   649  N N   . GLU A 1 82  ? 8.358   -4.507  -10.657 1.00 26.87  ? 96  GLU A N   1 
ATOM   650  C CA  . GLU A 1 82  ? 8.823   -5.885  -10.601 1.00 28.60  ? 96  GLU A CA  1 
ATOM   651  C C   . GLU A 1 82  ? 7.732   -6.856  -10.156 1.00 26.44  ? 96  GLU A C   1 
ATOM   652  O O   . GLU A 1 82  ? 7.601   -7.963  -10.691 1.00 25.13  ? 96  GLU A O   1 
ATOM   653  C CB  . GLU A 1 82  ? 10.039  -5.962  -9.645  1.00 33.39  ? 96  GLU A CB  1 
ATOM   654  C CG  . GLU A 1 82  ? 10.544  -7.360  -9.382  1.00 40.79  ? 96  GLU A CG  1 
ATOM   655  C CD  . GLU A 1 82  ? 11.031  -8.042  -10.637 1.00 48.88  ? 96  GLU A CD  1 
ATOM   656  O OE1 . GLU A 1 82  ? 11.641  -7.349  -11.487 1.00 55.26  ? 96  GLU A OE1 1 
ATOM   657  O OE2 . GLU A 1 82  ? 10.804  -9.267  -10.764 1.00 59.09  ? 96  GLU A OE2 1 
ATOM   658  N N   . GLU A 1 83  ? 6.937   -6.458  -9.174  1.00 23.73  ? 97  GLU A N   1 
ATOM   659  C CA  . GLU A 1 83  ? 5.955   -7.335  -8.567  1.00 24.04  ? 97  GLU A CA  1 
ATOM   660  C C   . GLU A 1 83  ? 4.640   -7.428  -9.329  1.00 24.37  ? 97  GLU A C   1 
ATOM   661  O O   . GLU A 1 83  ? 4.040   -8.519  -9.401  1.00 23.22  ? 97  GLU A O   1 
ATOM   662  C CB  . GLU A 1 83  ? 5.701   -6.915  -7.095  1.00 25.64  ? 97  GLU A CB  1 
ATOM   663  C CG  . GLU A 1 83  ? 6.949   -7.213  -6.226  1.00 26.31  ? 97  GLU A CG  1 
ATOM   664  C CD  . GLU A 1 83  ? 7.144   -6.315  -5.007  1.00 30.77  ? 97  GLU A CD  1 
ATOM   665  O OE1 . GLU A 1 83  ? 6.238   -5.525  -4.684  1.00 28.76  ? 97  GLU A OE1 1 
ATOM   666  O OE2 . GLU A 1 83  ? 8.242   -6.420  -4.379  1.00 30.70  ? 97  GLU A OE2 1 
ATOM   667  N N   . VAL A 1 84  ? 4.140   -6.296  -9.826  1.00 23.69  ? 98  VAL A N   1 
ATOM   668  C CA  . VAL A 1 84  ? 2.804   -6.274  -10.446 1.00 24.02  ? 98  VAL A CA  1 
ATOM   669  C C   . VAL A 1 84  ? 2.725   -5.626  -11.828 1.00 25.22  ? 98  VAL A C   1 
ATOM   670  O O   . VAL A 1 84  ? 1.614   -5.504  -12.372 1.00 27.94  ? 98  VAL A O   1 
ATOM   671  C CB  . VAL A 1 84  ? 1.747   -5.624  -9.527  1.00 23.16  ? 98  VAL A CB  1 
ATOM   672  C CG1 . VAL A 1 84  ? 1.682   -6.362  -8.206  1.00 25.23  ? 98  VAL A CG1 1 
ATOM   673  C CG2 . VAL A 1 84  ? 2.031   -4.153  -9.289  1.00 23.63  ? 98  VAL A CG2 1 
ATOM   674  N N   . GLY A 1 85  ? 3.871   -5.230  -12.375 1.00 25.22  ? 99  GLY A N   1 
ATOM   675  C CA  . GLY A 1 85  ? 3.981   -4.631  -13.711 1.00 26.49  ? 99  GLY A CA  1 
ATOM   676  C C   . GLY A 1 85  ? 3.583   -3.175  -13.821 1.00 28.05  ? 99  GLY A C   1 
ATOM   677  O O   . GLY A 1 85  ? 3.497   -2.634  -14.937 1.00 25.96  ? 99  GLY A O   1 
ATOM   678  N N   . LEU A 1 86  ? 3.394   -2.509  -12.672 1.00 25.76  ? 100 LEU A N   1 
ATOM   679  C CA  . LEU A 1 86  ? 3.097   -1.091  -12.647 1.00 24.78  ? 100 LEU A CA  1 
ATOM   680  C C   . LEU A 1 86  ? 4.257   -0.273  -13.172 1.00 27.39  ? 100 LEU A C   1 
ATOM   681  O O   . LEU A 1 86  ? 5.353   -0.268  -12.578 1.00 27.07  ? 100 LEU A O   1 
ATOM   682  C CB  . LEU A 1 86  ? 2.742   -0.667  -11.207 1.00 25.18  ? 100 LEU A CB  1 
ATOM   683  C CG  . LEU A 1 86  ? 2.338   0.783   -11.008 1.00 24.06  ? 100 LEU A CG  1 
ATOM   684  C CD1 . LEU A 1 86  ? 0.958   1.059   -11.620 1.00 23.93  ? 100 LEU A CD1 1 
ATOM   685  C CD2 . LEU A 1 86  ? 2.355   1.129   -9.522  1.00 25.19  ? 100 LEU A CD2 1 
ATOM   686  N N   . ARG A 1 87  ? 4.024   0.454   -14.260 1.00 26.57  ? 101 ARG A N   1 
ATOM   687  C CA  . ARG A 1 87  ? 5.047   1.274   -14.882 1.00 31.84  ? 101 ARG A CA  1 
ATOM   688  C C   . ARG A 1 87  ? 5.000   2.702   -14.306 1.00 34.25  ? 101 ARG A C   1 
ATOM   689  O O   . ARG A 1 87  ? 3.932   3.172   -13.915 1.00 29.82  ? 101 ARG A O   1 
ATOM   690  C CB  . ARG A 1 87  ? 4.902   1.271   -16.409 1.00 37.25  ? 101 ARG A CB  1 
ATOM   691  C CG  . ARG A 1 87  ? 5.257   -0.083  -17.029 1.00 43.10  ? 101 ARG A CG  1 
ATOM   692  C CD  . ARG A 1 87  ? 4.637   -0.295  -18.399 1.00 51.38  ? 101 ARG A CD  1 
ATOM   693  N NE  . ARG A 1 87  ? 5.269   0.529   -19.434 1.00 59.72  ? 101 ARG A NE  1 
ATOM   694  C CZ  . ARG A 1 87  ? 4.857   0.628   -20.706 1.00 64.46  ? 101 ARG A CZ  1 
ATOM   695  N NH1 . ARG A 1 87  ? 3.792   -0.051  -21.144 1.00 66.33  ? 101 ARG A NH1 1 
ATOM   696  N NH2 . ARG A 1 87  ? 5.523   1.420   -21.551 1.00 63.91  ? 101 ARG A NH2 1 
HETATM 697  N N   . HYP A 1 88  ? 6.155   3.389   -14.220 1.00 37.64  ? 102 HYP A N   1 
HETATM 698  C CA  . HYP A 1 88  ? 6.177   4.740   -13.626 1.00 38.14  ? 102 HYP A CA  1 
HETATM 699  C C   . HYP A 1 88  ? 5.244   5.766   -14.196 1.00 34.98  ? 102 HYP A C   1 
HETATM 700  O O   . HYP A 1 88  ? 4.715   6.579   -13.436 1.00 34.34  ? 102 HYP A O   1 
HETATM 701  C CB  . HYP A 1 88  ? 7.627   5.215   -13.702 1.00 41.91  ? 102 HYP A CB  1 
HETATM 702  C CG  . HYP A 1 88  ? 8.408   3.914   -13.694 1.00 43.91  ? 102 HYP A CG  1 
HETATM 703  C CD  . HYP A 1 88  ? 7.524   2.904   -14.425 1.00 43.02  ? 102 HYP A CD  1 
HETATM 704  O OD1 . HYP A 1 88  ? 8.538   3.473   -12.337 1.00 51.50  ? 102 HYP A OD1 1 
ATOM   705  N N   . HIS A 1 89  ? 4.987   5.727   -15.502 1.00 32.57  ? 103 HIS A N   1 
ATOM   706  C CA  . HIS A 1 89  ? 4.001   6.624   -16.084 1.00 32.33  ? 103 HIS A CA  1 
ATOM   707  C C   . HIS A 1 89  ? 2.556   6.324   -15.604 1.00 27.30  ? 103 HIS A C   1 
ATOM   708  O O   . HIS A 1 89  ? 1.663   7.128   -15.825 1.00 27.80  ? 103 HIS A O   1 
ATOM   709  C CB  . HIS A 1 89  ? 4.097   6.643   -17.628 1.00 34.30  ? 103 HIS A CB  1 
ATOM   710  C CG  . HIS A 1 89  ? 3.549   5.414   -18.293 1.00 32.81  ? 103 HIS A CG  1 
ATOM   711  N ND1 . HIS A 1 89  ? 2.227   5.296   -18.655 1.00 33.83  ? 103 HIS A ND1 1 
ATOM   712  C CD2 . HIS A 1 89  ? 4.147   4.260   -18.670 1.00 30.75  ? 103 HIS A CD2 1 
ATOM   713  C CE1 . HIS A 1 89  ? 2.029   4.109   -19.201 1.00 31.47  ? 103 HIS A CE1 1 
ATOM   714  N NE2 . HIS A 1 89  ? 3.178   3.465   -19.229 1.00 31.36  ? 103 HIS A NE2 1 
ATOM   715  N N   . GLN A 1 90  ? 2.336   5.182   -14.957 1.00 24.97  ? 104 GLN A N   1 
ATOM   716  C CA  . GLN A 1 90  ? 1.005   4.765   -14.515 1.00 24.86  ? 104 GLN A CA  1 
ATOM   717  C C   . GLN A 1 90  ? 0.713   5.120   -13.061 1.00 24.29  ? 104 GLN A C   1 
ATOM   718  O O   . GLN A 1 90  ? -0.352  4.760   -12.541 1.00 21.40  ? 104 GLN A O   1 
ATOM   719  C CB  . GLN A 1 90  ? 0.837   3.261   -14.734 1.00 25.51  ? 104 GLN A CB  1 
ATOM   720  C CG  . GLN A 1 90  ? 0.952   2.832   -16.201 1.00 27.64  ? 104 GLN A CG  1 
ATOM   721  C CD  . GLN A 1 90  ? 0.668   1.353   -16.400 1.00 29.53  ? 104 GLN A CD  1 
ATOM   722  O OE1 . GLN A 1 90  ? -0.305  0.962   -17.077 1.00 34.79  ? 104 GLN A OE1 1 
ATOM   723  N NE2 . GLN A 1 90  ? 1.475   0.516   -15.779 1.00 23.81  ? 104 GLN A NE2 1 
ATOM   724  N N   . VAL A 1 91  ? 1.650   5.822   -12.415 1.00 23.75  ? 105 VAL A N   1 
ATOM   725  C CA  . VAL A 1 91  ? 1.532   6.167   -11.014 1.00 23.00  ? 105 VAL A CA  1 
ATOM   726  C C   . VAL A 1 91  ? 1.989   7.613   -10.736 1.00 24.02  ? 105 VAL A C   1 
ATOM   727  O O   . VAL A 1 91  ? 3.048   8.080   -11.209 1.00 23.21  ? 105 VAL A O   1 
ATOM   728  C CB  . VAL A 1 91  ? 2.223   5.106   -10.126 1.00 25.49  ? 105 VAL A CB  1 
ATOM   729  C CG1 . VAL A 1 91  ? 3.647   4.856   -10.566 1.00 28.10  ? 105 VAL A CG1 1 
ATOM   730  C CG2 . VAL A 1 91  ? 2.172   5.489   -8.640  1.00 24.98  ? 105 VAL A CG2 1 
ATOM   731  N N   . GLU A 1 92  ? 1.159   8.336   -9.995  1.00 22.41  ? 106 GLU A N   1 
ATOM   732  C CA  . GLU A 1 92  ? 1.543   9.634   -9.474  1.00 24.08  ? 106 GLU A CA  1 
ATOM   733  C C   . GLU A 1 92  ? 1.747   9.487   -7.964  1.00 22.42  ? 106 GLU A C   1 
ATOM   734  O O   . GLU A 1 92  ? 0.792   9.222   -7.235  1.00 20.99  ? 106 GLU A O   1 
ATOM   735  C CB  . GLU A 1 92  ? 0.452   10.652  -9.761  1.00 26.52  ? 106 GLU A CB  1 
ATOM   736  C CG  . GLU A 1 92  ? 0.811   12.079  -9.353  1.00 30.75  ? 106 GLU A CG  1 
ATOM   737  C CD  . GLU A 1 92  ? -0.358  13.049  -9.517  1.00 34.96  ? 106 GLU A CD  1 
ATOM   738  O OE1 . GLU A 1 92  ? -1.460  12.636  -9.956  1.00 37.76  ? 106 GLU A OE1 1 
ATOM   739  O OE2 . GLU A 1 92  ? -0.168  14.233  -9.170  1.00 40.71  ? 106 GLU A OE2 1 
ATOM   740  N N   . VAL A 1 93  ? 2.983   9.663   -7.508  1.00 21.69  ? 107 VAL A N   1 
ATOM   741  C CA  . VAL A 1 93  ? 3.297   9.582   -6.084  1.00 23.65  ? 107 VAL A CA  1 
ATOM   742  C C   . VAL A 1 93  ? 2.874   10.913  -5.477  1.00 24.46  ? 107 VAL A C   1 
ATOM   743  O O   . VAL A 1 93  ? 3.348   11.955  -5.895  1.00 23.45  ? 107 VAL A O   1 
ATOM   744  C CB  . VAL A 1 93  ? 4.784   9.302   -5.842  1.00 25.47  ? 107 VAL A CB  1 
ATOM   745  C CG1 . VAL A 1 93  ? 5.104   9.357   -4.348  1.00 26.50  ? 107 VAL A CG1 1 
ATOM   746  C CG2 . VAL A 1 93  ? 5.148   7.955   -6.443  1.00 26.72  ? 107 VAL A CG2 1 
ATOM   747  N N   . VAL A 1 94  ? 1.943   10.862  -4.532  1.00 24.46  ? 108 VAL A N   1 
ATOM   748  C CA  . VAL A 1 94  ? 1.317   12.059  -3.995  1.00 26.90  ? 108 VAL A CA  1 
ATOM   749  C C   . VAL A 1 94  ? 1.998   12.470  -2.692  1.00 27.27  ? 108 VAL A C   1 
ATOM   750  O O   . VAL A 1 94  ? 2.158   13.665  -2.421  1.00 28.46  ? 108 VAL A O   1 
ATOM   751  C CB  . VAL A 1 94  ? -0.181  11.818  -3.713  1.00 30.03  ? 108 VAL A CB  1 
ATOM   752  C CG1 . VAL A 1 94  ? -0.832  13.085  -3.184  1.00 35.17  ? 108 VAL A CG1 1 
ATOM   753  C CG2 . VAL A 1 94  ? -0.881  11.358  -4.971  1.00 33.27  ? 108 VAL A CG2 1 
HETATM 754  N N   . CSO A 1 95  ? 2.353   11.492  -1.867  1.00 24.29  ? 109 CSO A N   1 
HETATM 755  C CA  . CSO A 1 95  ? 3.020   11.808  -0.617  1.00 25.75  ? 109 CSO A CA  1 
HETATM 756  C CB  . CSO A 1 95  ? 1.999   12.390  0.330   1.00 27.51  ? 109 CSO A CB  1 
HETATM 757  S SG  . CSO A 1 95  ? 0.888   11.152  0.851   1.00 31.07  ? 109 CSO A SG  1 
HETATM 758  C C   . CSO A 1 95  ? 3.671   10.648  0.037   1.00 24.74  ? 109 CSO A C   1 
HETATM 759  O O   . CSO A 1 95  ? 3.499   9.476   -0.355  1.00 22.23  ? 109 CSO A O   1 
HETATM 760  O OD  . CSO A 1 95  ? 1.192   11.518  2.504   1.00 36.54  ? 109 CSO A OD  1 
ATOM   761  N N   . CYS A 1 96  ? 4.454   10.999  1.044   1.00 23.45  ? 110 CYS A N   1 
ATOM   762  C CA  . CYS A 1 96  ? 5.150   10.082  1.889   1.00 24.88  ? 110 CYS A CA  1 
ATOM   763  C C   . CYS A 1 96  ? 4.512   10.148  3.286   1.00 25.70  ? 110 CYS A C   1 
ATOM   764  O O   . CYS A 1 96  ? 4.496   11.215  3.900   1.00 26.84  ? 110 CYS A O   1 
ATOM   765  C CB  . CYS A 1 96  ? 6.589   10.577  1.919   1.00 31.70  ? 110 CYS A CB  1 
ATOM   766  S SG  . CYS A 1 96  ? 7.625   9.637   2.971   1.00 36.63  ? 110 CYS A SG  1 
ATOM   767  N N   . LEU A 1 97  ? 3.943   9.046   3.753   1.00 24.25  ? 111 LEU A N   1 
ATOM   768  C CA  . LEU A 1 97  ? 3.335   8.990   5.071   1.00 27.08  ? 111 LEU A CA  1 
ATOM   769  C C   . LEU A 1 97  ? 4.376   8.635   6.134   1.00 29.26  ? 111 LEU A C   1 
ATOM   770  O O   . LEU A 1 97  ? 5.561   8.387   5.821   1.00 25.29  ? 111 LEU A O   1 
ATOM   771  C CB  . LEU A 1 97  ? 2.165   8.015   5.101   1.00 27.03  ? 111 LEU A CB  1 
ATOM   772  C CG  . LEU A 1 97  ? 0.957   8.431   4.256   1.00 29.20  ? 111 LEU A CG  1 
ATOM   773  C CD1 . LEU A 1 97  ? -0.108  7.368   4.324   1.00 29.98  ? 111 LEU A CD1 1 
ATOM   774  C CD2 . LEU A 1 97  ? 0.383   9.763   4.673   1.00 29.98  ? 111 LEU A CD2 1 
ATOM   775  N N   . VAL A 1 98  ? 3.922   8.659   7.386   1.00 29.76  ? 112 VAL A N   1 
ATOM   776  C CA  . VAL A 1 98  ? 4.758   8.324   8.535   1.00 31.50  ? 112 VAL A CA  1 
ATOM   777  C C   . VAL A 1 98  ? 5.492   7.010   8.349   1.00 28.45  ? 112 VAL A C   1 
ATOM   778  O O   . VAL A 1 98  ? 4.870   5.998   8.103   1.00 29.05  ? 112 VAL A O   1 
ATOM   779  C CB  . VAL A 1 98  ? 3.966   8.276   9.886   1.00 33.76  ? 112 VAL A CB  1 
ATOM   780  C CG1 . VAL A 1 98  ? 3.634   9.686   10.339  1.00 36.86  ? 112 VAL A CG1 1 
ATOM   781  C CG2 . VAL A 1 98  ? 2.719   7.409   9.807   1.00 34.07  ? 112 VAL A CG2 1 
ATOM   782  N N   . PRO A 1 99  ? 6.829   7.024   8.475   1.00 27.80  ? 113 PRO A N   1 
ATOM   783  C CA  . PRO A 1 99  ? 7.542   5.757   8.345   1.00 26.76  ? 113 PRO A CA  1 
ATOM   784  C C   . PRO A 1 99  ? 7.305   4.843   9.530   1.00 26.20  ? 113 PRO A C   1 
ATOM   785  O O   . PRO A 1 99  ? 6.923   5.339   10.639  1.00 26.76  ? 113 PRO A O   1 
ATOM   786  C CB  . PRO A 1 99  ? 9.018   6.176   8.225   1.00 29.02  ? 113 PRO A CB  1 
ATOM   787  C CG  . PRO A 1 99  ? 9.092   7.517   8.816   1.00 31.04  ? 113 PRO A CG  1 
ATOM   788  C CD  . PRO A 1 99  ? 7.749   8.165   8.527   1.00 30.46  ? 113 PRO A CD  1 
ATOM   789  N N   A CYS A 1 100 ? 7.514   3.553   9.311   0.35 21.52  ? 114 CYS A N   1 
ATOM   790  N N   B CYS A 1 100 ? 7.494   3.546   9.301   0.15 23.25  ? 114 CYS A N   1 
ATOM   791  C CA  A CYS A 1 100 ? 7.267   2.519   10.291  0.35 21.91  ? 114 CYS A CA  1 
ATOM   792  C CA  B CYS A 1 100 ? 7.297   2.497   10.293  0.15 22.86  ? 114 CYS A CA  1 
ATOM   793  C C   A CYS A 1 100 ? 8.636   1.963   10.750  0.35 21.64  ? 114 CYS A C   1 
ATOM   794  C C   B CYS A 1 100 ? 8.660   1.986   10.747  0.15 23.06  ? 114 CYS A C   1 
ATOM   795  O O   A CYS A 1 100 ? 9.445   1.552   9.933   0.35 17.58  ? 114 CYS A O   1 
ATOM   796  O O   B CYS A 1 100 ? 9.481   1.596   9.923   0.15 20.99  ? 114 CYS A O   1 
ATOM   797  C CB  A CYS A 1 100 ? 6.363   1.440   9.657   0.35 21.90  ? 114 CYS A CB  1 
ATOM   798  C CB  B CYS A 1 100 ? 6.504   1.342   9.674   0.15 22.05  ? 114 CYS A CB  1 
ATOM   799  S SG  A CYS A 1 100 ? 4.800   2.119   8.953   0.35 25.09  ? 114 CYS A SG  1 
ATOM   800  S SG  B CYS A 1 100 ? 6.291   -0.103  10.737  0.15 22.01  ? 114 CYS A SG  1 
ATOM   801  N N   . LEU A 1 101 ? 8.898   2.000   12.056  1.00 24.67  ? 115 LEU A N   1 
ATOM   802  C CA  . LEU A 1 101 ? 10.158  1.459   12.636  1.00 27.43  ? 115 LEU A CA  1 
ATOM   803  C C   . LEU A 1 101 ? 9.980   0.022   13.022  1.00 29.12  ? 115 LEU A C   1 
ATOM   804  O O   . LEU A 1 101 ? 9.055   -0.287  13.755  1.00 27.71  ? 115 LEU A O   1 
ATOM   805  C CB  . LEU A 1 101 ? 10.573  2.248   13.891  1.00 30.73  ? 115 LEU A CB  1 
ATOM   806  C CG  . LEU A 1 101 ? 10.788  3.744   13.716  1.00 33.61  ? 115 LEU A CG  1 
ATOM   807  C CD1 . LEU A 1 101 ? 11.027  4.436   15.056  1.00 35.49  ? 115 LEU A CD1 1 
ATOM   808  C CD2 . LEU A 1 101 ? 11.941  3.994   12.757  1.00 36.32  ? 115 LEU A CD2 1 
ATOM   809  N N   . ILE A 1 102 ? 10.866  -0.871  12.576  1.00 30.08  ? 116 ILE A N   1 
ATOM   810  C CA  . ILE A 1 102 ? 10.806  -2.260  13.041  1.00 31.86  ? 116 ILE A CA  1 
ATOM   811  C C   . ILE A 1 102 ? 12.183  -2.845  13.338  1.00 29.80  ? 116 ILE A C   1 
ATOM   812  O O   . ILE A 1 102 ? 13.197  -2.394  12.799  1.00 30.02  ? 116 ILE A O   1 
ATOM   813  C CB  . ILE A 1 102 ? 10.039  -3.179  12.051  1.00 38.57  ? 116 ILE A CB  1 
ATOM   814  C CG1 . ILE A 1 102 ? 10.652  -3.121  10.656  1.00 38.93  ? 116 ILE A CG1 1 
ATOM   815  C CG2 . ILE A 1 102 ? 8.559   -2.802  11.976  1.00 40.74  ? 116 ILE A CG2 1 
ATOM   816  C CD1 . ILE A 1 102 ? 10.251  -4.307  9.797   1.00 47.18  ? 116 ILE A CD1 1 
ATOM   817  N N   . ASP A 1 103 ? 12.208  -3.821  14.239  1.00 30.83  ? 117 ASP A N   1 
ATOM   818  C CA  . ASP A 1 103 ? 13.395  -4.628  14.557  1.00 34.69  ? 117 ASP A CA  1 
ATOM   819  C C   . ASP A 1 103 ? 14.627  -3.865  15.048  1.00 32.20  ? 117 ASP A C   1 
ATOM   820  O O   . ASP A 1 103 ? 15.726  -4.401  14.991  1.00 33.47  ? 117 ASP A O   1 
ATOM   821  C CB  . ASP A 1 103 ? 13.789  -5.503  13.345  1.00 40.37  ? 117 ASP A CB  1 
ATOM   822  C CG  . ASP A 1 103 ? 12.712  -6.517  12.969  1.00 49.43  ? 117 ASP A CG  1 
ATOM   823  O OD1 . ASP A 1 103 ? 11.870  -6.848  13.833  1.00 58.09  ? 117 ASP A OD1 1 
ATOM   824  O OD2 . ASP A 1 103 ? 12.717  -6.996  11.804  1.00 54.60  ? 117 ASP A OD2 1 
ATOM   825  N N   . THR A 1 104 ? 14.437  -2.624  15.501  1.00 28.37  ? 118 THR A N   1 
ATOM   826  C CA  . THR A 1 104 ? 15.483  -1.712  15.975  1.00 28.58  ? 118 THR A CA  1 
ATOM   827  C C   . THR A 1 104 ? 16.382  -1.093  14.913  1.00 29.77  ? 118 THR A C   1 
ATOM   828  O O   . THR A 1 104 ? 16.974  -0.062  15.179  1.00 30.17  ? 118 THR A O   1 
ATOM   829  C CB  . THR A 1 104 ? 16.360  -2.311  17.121  1.00 30.21  ? 118 THR A CB  1 
ATOM   830  O OG1 . THR A 1 104 ? 17.281  -3.284  16.614  1.00 30.03  ? 118 THR A OG1 1 
ATOM   831  C CG2 . THR A 1 104 ? 15.491  -2.952  18.188  1.00 31.12  ? 118 THR A CG2 1 
ATOM   832  N N   . ASP A 1 105 ? 16.484  -1.700  13.723  1.00 25.76  ? 119 ASP A N   1 
ATOM   833  C CA  . ASP A 1 105 ? 17.452  -1.267  12.721  1.00 27.34  ? 119 ASP A CA  1 
ATOM   834  C C   . ASP A 1 105 ? 16.841  -1.025  11.314  1.00 26.07  ? 119 ASP A C   1 
ATOM   835  O O   . ASP A 1 105 ? 17.588  -0.832  10.353  1.00 23.16  ? 119 ASP A O   1 
ATOM   836  C CB  . ASP A 1 105 ? 18.574  -2.317  12.613  1.00 30.08  ? 119 ASP A CB  1 
ATOM   837  C CG  . ASP A 1 105 ? 18.066  -3.688  12.153  1.00 34.19  ? 119 ASP A CG  1 
ATOM   838  O OD1 . ASP A 1 105 ? 16.858  -3.857  11.795  1.00 33.35  ? 119 ASP A OD1 1 
ATOM   839  O OD2 . ASP A 1 105 ? 18.879  -4.628  12.188  1.00 39.40  ? 119 ASP A OD2 1 
ATOM   840  N N   . THR A 1 106 ? 15.511  -0.997  11.222  1.00 23.97  ? 120 THR A N   1 
ATOM   841  C CA  . THR A 1 106 ? 14.820  -0.996  9.935   1.00 24.87  ? 120 THR A CA  1 
ATOM   842  C C   . THR A 1 106 ? 13.753  0.091   9.927   1.00 24.43  ? 120 THR A C   1 
ATOM   843  O O   . THR A 1 106 ? 13.070  0.341   10.953  1.00 25.18  ? 120 THR A O   1 
ATOM   844  C CB  . THR A 1 106 ? 14.229  -2.399  9.649   1.00 26.44  ? 120 THR A CB  1 
ATOM   845  O OG1 . THR A 1 106 ? 15.302  -3.326  9.564   1.00 26.89  ? 120 THR A OG1 1 
ATOM   846  C CG2 . THR A 1 106 ? 13.434  -2.426  8.342   1.00 28.38  ? 120 THR A CG2 1 
ATOM   847  N N   . LEU A 1 107 ? 13.676  0.787   8.803   1.00 21.93  ? 121 LEU A N   1 
ATOM   848  C CA  . LEU A 1 107 ? 12.729  1.854   8.589   1.00 22.75  ? 121 LEU A CA  1 
ATOM   849  C C   . LEU A 1 107 ? 12.021  1.610   7.235   1.00 23.57  ? 121 LEU A C   1 
ATOM   850  O O   . LEU A 1 107 ? 12.667  1.507   6.175   1.00 21.87  ? 121 LEU A O   1 
ATOM   851  C CB  . LEU A 1 107 ? 13.435  3.201   8.584   1.00 24.08  ? 121 LEU A CB  1 
ATOM   852  C CG  . LEU A 1 107 ? 12.531  4.443   8.608   1.00 28.63  ? 121 LEU A CG  1 
ATOM   853  C CD1 . LEU A 1 107 ? 13.082  5.559   9.480   1.00 33.31  ? 121 LEU A CD1 1 
ATOM   854  C CD2 . LEU A 1 107 ? 12.383  5.011   7.218   1.00 29.21  ? 121 LEU A CD2 1 
ATOM   855  N N   . ILE A 1 108 ? 10.710  1.534   7.298   1.00 22.03  ? 122 ILE A N   1 
ATOM   856  C CA  . ILE A 1 108 ? 9.852   1.292   6.125   1.00 21.83  ? 122 ILE A CA  1 
ATOM   857  C C   . ILE A 1 108 ? 9.075   2.561   5.860   1.00 21.72  ? 122 ILE A C   1 
ATOM   858  O O   . ILE A 1 108 ? 8.273   3.001   6.718   1.00 20.79  ? 122 ILE A O   1 
ATOM   859  C CB  . ILE A 1 108 ? 8.886   0.135   6.402   1.00 24.55  ? 122 ILE A CB  1 
ATOM   860  C CG1 . ILE A 1 108 ? 9.662   -1.125  6.798   1.00 26.40  ? 122 ILE A CG1 1 
ATOM   861  C CG2 . ILE A 1 108 ? 8.004   -0.187  5.178   1.00 26.52  ? 122 ILE A CG2 1 
ATOM   862  C CD1 . ILE A 1 108 ? 8.770   -2.250  7.263   1.00 28.98  ? 122 ILE A CD1 1 
ATOM   863  N N   . THR A 1 109 ? 9.311   3.155   4.704   1.00 18.94  ? 123 THR A N   1 
ATOM   864  C CA  . THR A 1 109 ? 8.688   4.392   4.305   1.00 21.08  ? 123 THR A CA  1 
ATOM   865  C C   . THR A 1 109 ? 7.520   4.099   3.332   1.00 21.77  ? 123 THR A C   1 
ATOM   866  O O   . THR A 1 109 ? 7.738   3.497   2.250   1.00 19.22  ? 123 THR A O   1 
ATOM   867  C CB  . THR A 1 109 ? 9.728   5.301   3.645   1.00 23.86  ? 123 THR A CB  1 
ATOM   868  O OG1 . THR A 1 109 ? 10.844  5.441   4.546   1.00 26.74  ? 123 THR A OG1 1 
ATOM   869  C CG2 . THR A 1 109 ? 9.135   6.686   3.322   1.00 26.05  ? 123 THR A CG2 1 
ATOM   870  N N   . PRO A 1 110 ? 6.287   4.504   3.711   1.00 22.12  ? 124 PRO A N   1 
ATOM   871  C CA  . PRO A 1 110 ? 5.147   4.327   2.789   1.00 20.09  ? 124 PRO A CA  1 
ATOM   872  C C   . PRO A 1 110 ? 4.848   5.544   1.909   1.00 19.89  ? 124 PRO A C   1 
ATOM   873  O O   . PRO A 1 110 ? 4.832   6.701   2.379   1.00 21.26  ? 124 PRO A O   1 
ATOM   874  C CB  . PRO A 1 110 ? 3.977   4.002   3.725   1.00 21.52  ? 124 PRO A CB  1 
ATOM   875  C CG  . PRO A 1 110 ? 4.364   4.512   5.085   1.00 22.83  ? 124 PRO A CG  1 
ATOM   876  C CD  . PRO A 1 110 ? 5.843   4.834   5.088   1.00 22.81  ? 124 PRO A CD  1 
ATOM   877  N N   . PHE A 1 111 ? 4.615   5.292   0.624   1.00 18.46  ? 125 PHE A N   1 
ATOM   878  C CA  . PHE A 1 111 ? 4.214   6.324   -0.295  1.00 19.11  ? 125 PHE A CA  1 
ATOM   879  C C   . PHE A 1 111 ? 2.817   6.035   -0.812  1.00 20.87  ? 125 PHE A C   1 
ATOM   880  O O   . PHE A 1 111 ? 2.519   4.882   -1.156  1.00 20.02  ? 125 PHE A O   1 
ATOM   881  C CB  . PHE A 1 111 ? 5.187   6.383   -1.460  1.00 19.94  ? 125 PHE A CB  1 
ATOM   882  C CG  . PHE A 1 111 ? 6.550   6.840   -1.058  1.00 20.14  ? 125 PHE A CG  1 
ATOM   883  C CD1 . PHE A 1 111 ? 7.480   5.929   -0.579  1.00 20.47  ? 125 PHE A CD1 1 
ATOM   884  C CD2 . PHE A 1 111 ? 6.890   8.178   -1.146  1.00 20.47  ? 125 PHE A CD2 1 
ATOM   885  C CE1 . PHE A 1 111 ? 8.736   6.358   -0.169  1.00 21.71  ? 125 PHE A CE1 1 
ATOM   886  C CE2 . PHE A 1 111 ? 8.154   8.603   -0.761  1.00 22.22  ? 125 PHE A CE2 1 
ATOM   887  C CZ  . PHE A 1 111 ? 9.053   7.700   -0.246  1.00 20.53  ? 125 PHE A CZ  1 
ATOM   888  N N   . VAL A 1 112 ? 1.963   7.060   -0.879  1.00 20.05  ? 126 VAL A N   1 
ATOM   889  C CA  . VAL A 1 112 ? 0.657   6.870   -1.504  1.00 20.55  ? 126 VAL A CA  1 
ATOM   890  C C   . VAL A 1 112 ? 0.773   7.279   -2.970  1.00 20.03  ? 126 VAL A C   1 
ATOM   891  O O   . VAL A 1 112 ? 1.270   8.350   -3.263  1.00 20.80  ? 126 VAL A O   1 
ATOM   892  C CB  . VAL A 1 112 ? -0.481  7.648   -0.828  1.00 20.51  ? 126 VAL A CB  1 
ATOM   893  C CG1 . VAL A 1 112 ? -1.825  7.291   -1.508  1.00 21.18  ? 126 VAL A CG1 1 
ATOM   894  C CG2 . VAL A 1 112 ? -0.510  7.335   0.666   1.00 21.23  ? 126 VAL A CG2 1 
ATOM   895  N N   . GLY A 1 113 ? 0.299   6.406   -3.860  1.00 19.60  ? 127 GLY A N   1 
ATOM   896  C CA  . GLY A 1 113 ? 0.335   6.617   -5.302  1.00 20.01  ? 127 GLY A CA  1 
ATOM   897  C C   . GLY A 1 113 ? -1.054  6.539   -5.920  1.00 21.02  ? 127 GLY A C   1 
ATOM   898  O O   . GLY A 1 113 ? -1.804  5.638   -5.602  1.00 21.22  ? 127 GLY A O   1 
ATOM   899  N N   . LEU A 1 114 ? -1.399  7.492   -6.782  1.00 21.04  ? 128 LEU A N   1 
ATOM   900  C CA  . LEU A 1 114 ? -2.629  7.394   -7.573  1.00 23.05  ? 128 LEU A CA  1 
ATOM   901  C C   . LEU A 1 114 ? -2.335  6.616   -8.846  1.00 21.35  ? 128 LEU A C   1 
ATOM   902  O O   . LEU A 1 114 ? -1.411  6.981   -9.603  1.00 20.32  ? 128 LEU A O   1 
ATOM   903  C CB  . LEU A 1 114 ? -3.136  8.772   -7.971  1.00 26.84  ? 128 LEU A CB  1 
ATOM   904  C CG  . LEU A 1 114 ? -3.549  9.783   -6.909  1.00 33.10  ? 128 LEU A CG  1 
ATOM   905  C CD1 . LEU A 1 114 ? -4.324  10.894  -7.602  1.00 35.65  ? 128 LEU A CD1 1 
ATOM   906  C CD2 . LEU A 1 114 ? -4.418  9.170   -5.831  1.00 35.95  ? 128 LEU A CD2 1 
ATOM   907  N N   . ILE A 1 115 ? -3.118  5.572   -9.088  1.00 21.85  ? 129 ILE A N   1 
ATOM   908  C CA  . ILE A 1 115 ? -2.848  4.609   -10.169 1.00 21.89  ? 129 ILE A CA  1 
ATOM   909  C C   . ILE A 1 115 ? -3.740  4.935   -11.370 1.00 23.84  ? 129 ILE A C   1 
ATOM   910  O O   . ILE A 1 115 ? -4.925  5.225   -11.220 1.00 21.66  ? 129 ILE A O   1 
ATOM   911  C CB  . ILE A 1 115 ? -3.129  3.171   -9.688  1.00 22.71  ? 129 ILE A CB  1 
ATOM   912  C CG1 . ILE A 1 115 ? -2.254  2.824   -8.456  1.00 24.67  ? 129 ILE A CG1 1 
ATOM   913  C CG2 . ILE A 1 115 ? -2.945  2.139   -10.803 1.00 23.70  ? 129 ILE A CG2 1 
ATOM   914  C CD1 . ILE A 1 115 ? -0.778  3.137   -8.603  1.00 22.87  ? 129 ILE A CD1 1 
ATOM   915  N N   . ASP A 1 116 ? -3.157  4.877   -12.555 1.00 24.39  ? 130 ASP A N   1 
ATOM   916  C CA  . ASP A 1 116 ? -3.899  5.135   -13.797 1.00 25.06  ? 130 ASP A CA  1 
ATOM   917  C C   . ASP A 1 116 ? -5.062  4.172   -14.022 1.00 24.53  ? 130 ASP A C   1 
ATOM   918  O O   . ASP A 1 116 ? -4.945  2.964   -13.806 1.00 21.63  ? 130 ASP A O   1 
ATOM   919  C CB  . ASP A 1 116 ? -2.956  5.051   -14.976 1.00 28.64  ? 130 ASP A CB  1 
ATOM   920  C CG  . ASP A 1 116 ? -3.627  5.480   -16.270 1.00 30.90  ? 130 ASP A CG  1 
ATOM   921  O OD1 . ASP A 1 116 ? -3.774  6.696   -16.494 1.00 35.69  ? 130 ASP A OD1 1 
ATOM   922  O OD2 . ASP A 1 116 ? -4.063  4.579   -17.005 1.00 28.90  ? 130 ASP A OD2 1 
ATOM   923  N N   . HIS A 1 117 ? -6.196  4.700   -14.485 1.00 26.42  ? 131 HIS A N   1 
ATOM   924  C CA  . HIS A 1 117 ? -7.363  3.843   -14.756 1.00 27.87  ? 131 HIS A CA  1 
ATOM   925  C C   . HIS A 1 117 ? -7.133  2.731   -15.785 1.00 27.04  ? 131 HIS A C   1 
ATOM   926  O O   . HIS A 1 117 ? -7.848  1.765   -15.755 1.00 31.90  ? 131 HIS A O   1 
ATOM   927  C CB  . HIS A 1 117 ? -8.635  4.668   -15.054 1.00 29.00  ? 131 HIS A CB  1 
ATOM   928  C CG  . HIS A 1 117 ? -8.658  5.317   -16.408 1.00 31.33  ? 131 HIS A CG  1 
ATOM   929  N ND1 . HIS A 1 117 ? -7.669  6.171   -16.852 1.00 32.12  ? 131 HIS A ND1 1 
ATOM   930  C CD2 . HIS A 1 117 ? -9.595  5.300   -17.385 1.00 32.23  ? 131 HIS A CD2 1 
ATOM   931  C CE1 . HIS A 1 117 ? -7.969  6.605   -18.061 1.00 30.73  ? 131 HIS A CE1 1 
ATOM   932  N NE2 . HIS A 1 117 ? -9.135  6.100   -18.406 1.00 34.46  ? 131 HIS A NE2 1 
ATOM   933  N N   . ASN A 1 118 ? -6.141  2.837   -16.665 1.00 28.01  ? 132 ASN A N   1 
ATOM   934  C CA  . ASN A 1 118 ? -5.863  1.771   -17.654 1.00 30.46  ? 132 ASN A CA  1 
ATOM   935  C C   . ASN A 1 118 ? -4.805  0.739   -17.206 1.00 33.14  ? 132 ASN A C   1 
ATOM   936  O O   . ASN A 1 118 ? -4.399  -0.125  -17.999 1.00 31.22  ? 132 ASN A O   1 
ATOM   937  C CB  . ASN A 1 118 ? -5.458  2.383   -19.000 1.00 30.78  ? 132 ASN A CB  1 
ATOM   938  C CG  . ASN A 1 118 ? -6.618  3.121   -19.670 1.00 32.02  ? 132 ASN A CG  1 
ATOM   939  O OD1 . ASN A 1 118 ? -6.463  4.238   -20.182 1.00 32.63  ? 132 ASN A OD1 1 
ATOM   940  N ND2 . ASN A 1 118 ? -7.786  2.526   -19.605 1.00 30.62  ? 132 ASN A ND2 1 
ATOM   941  N N   . PHE A 1 119 ? -4.358  0.820   -15.943 1.00 31.08  ? 133 PHE A N   1 
ATOM   942  C CA  . PHE A 1 119 ? -3.414  -0.184  -15.428 1.00 27.63  ? 133 PHE A CA  1 
ATOM   943  C C   . PHE A 1 119 ? -4.140  -1.504  -15.200 1.00 26.80  ? 133 PHE A C   1 
ATOM   944  O O   . PHE A 1 119 ? -5.205  -1.566  -14.598 1.00 27.08  ? 133 PHE A O   1 
ATOM   945  C CB  . PHE A 1 119 ? -2.718  0.315   -14.134 1.00 28.11  ? 133 PHE A CB  1 
ATOM   946  C CG  . PHE A 1 119 ? -2.036  -0.770  -13.355 1.00 25.74  ? 133 PHE A CG  1 
ATOM   947  C CD1 . PHE A 1 119 ? -0.830  -1.274  -13.764 1.00 27.63  ? 133 PHE A CD1 1 
ATOM   948  C CD2 . PHE A 1 119 ? -2.618  -1.285  -12.210 1.00 27.33  ? 133 PHE A CD2 1 
ATOM   949  C CE1 . PHE A 1 119 ? -0.189  -2.282  -13.030 1.00 26.90  ? 133 PHE A CE1 1 
ATOM   950  C CE2 . PHE A 1 119 ? -1.980  -2.296  -11.475 1.00 28.12  ? 133 PHE A CE2 1 
ATOM   951  C CZ  . PHE A 1 119 ? -0.770  -2.781  -11.895 1.00 25.14  ? 133 PHE A CZ  1 
ATOM   952  N N   . GLN A 1 120 ? -3.543  -2.583  -15.672 1.00 29.07  ? 134 GLN A N   1 
ATOM   953  C CA  . GLN A 1 120 ? -4.056  -3.914  -15.365 1.00 32.90  ? 134 GLN A CA  1 
ATOM   954  C C   . GLN A 1 120 ? -2.909  -4.739  -14.800 1.00 28.44  ? 134 GLN A C   1 
ATOM   955  O O   . GLN A 1 120 ? -1.855  -4.842  -15.420 1.00 27.47  ? 134 GLN A O   1 
ATOM   956  C CB  . GLN A 1 120 ? -4.638  -4.536  -16.628 1.00 40.71  ? 134 GLN A CB  1 
ATOM   957  C CG  . GLN A 1 120 ? -5.847  -3.747  -17.118 1.00 46.63  ? 134 GLN A CG  1 
ATOM   958  C CD  . GLN A 1 120 ? -6.670  -4.506  -18.133 1.00 53.18  ? 134 GLN A CD  1 
ATOM   959  O OE1 . GLN A 1 120 ? -7.887  -4.639  -17.979 1.00 73.46  ? 134 GLN A OE1 1 
ATOM   960  N NE2 . GLN A 1 120 ? -6.007  -5.028  -19.174 1.00 64.03  ? 134 GLN A NE2 1 
ATOM   961  N N   . ALA A 1 121 ? -3.106  -5.269  -13.606 1.00 31.14  ? 135 ALA A N   1 
ATOM   962  C CA  . ALA A 1 121 ? -2.027  -5.975  -12.892 1.00 33.93  ? 135 ALA A CA  1 
ATOM   963  C C   . ALA A 1 121 ? -1.555  -7.177  -13.676 1.00 35.11  ? 135 ALA A C   1 
ATOM   964  O O   . ALA A 1 121 ? -2.369  -7.929  -14.217 1.00 33.47  ? 135 ALA A O   1 
ATOM   965  C CB  . ALA A 1 121 ? -2.509  -6.424  -11.528 1.00 34.74  ? 135 ALA A CB  1 
ATOM   966  N N   . GLN A 1 122 ? -0.240  -7.338  -13.732 1.00 35.14  ? 136 GLN A N   1 
ATOM   967  C CA  . GLN A 1 122 ? 0.393   -8.527  -14.273 1.00 36.76  ? 136 GLN A CA  1 
ATOM   968  C C   . GLN A 1 122 ? 1.202   -9.174  -13.133 1.00 34.33  ? 136 GLN A C   1 
ATOM   969  O O   . GLN A 1 122 ? 2.395   -8.929  -13.030 1.00 28.36  ? 136 GLN A O   1 
ATOM   970  C CB  . GLN A 1 122 ? 1.311   -8.122  -15.417 1.00 39.69  ? 136 GLN A CB  1 
ATOM   971  C CG  . GLN A 1 122 ? 0.594   -7.438  -16.568 1.00 47.24  ? 136 GLN A CG  1 
ATOM   972  C CD  . GLN A 1 122 ? 1.537   -7.078  -17.687 1.00 53.08  ? 136 GLN A CD  1 
ATOM   973  O OE1 . GLN A 1 122 ? 1.764   -5.904  -17.973 1.00 55.76  ? 136 GLN A OE1 1 
ATOM   974  N NE2 . GLN A 1 122 ? 2.112   -8.101  -18.327 1.00 62.15  ? 136 GLN A NE2 1 
ATOM   975  N N   . PRO A 1 123 ? 0.548   -9.968  -12.261 1.00 34.55  ? 137 PRO A N   1 
ATOM   976  C CA  . PRO A 1 123 ? 1.265   -10.552 -11.114 1.00 36.32  ? 137 PRO A CA  1 
ATOM   977  C C   . PRO A 1 123 ? 2.510   -11.321 -11.566 1.00 37.75  ? 137 PRO A C   1 
ATOM   978  O O   . PRO A 1 123 ? 2.429   -12.136 -12.485 1.00 36.72  ? 137 PRO A O   1 
ATOM   979  C CB  . PRO A 1 123 ? 0.235   -11.503 -10.508 1.00 37.60  ? 137 PRO A CB  1 
ATOM   980  C CG  . PRO A 1 123 ? -1.086  -10.968 -10.929 1.00 36.43  ? 137 PRO A CG  1 
ATOM   981  C CD  . PRO A 1 123 ? -0.862  -10.395 -12.288 1.00 36.92  ? 137 PRO A CD  1 
ATOM   982  N N   . ASN A 1 124 ? 3.658   -11.023 -10.976 1.00 34.26  ? 138 ASN A N   1 
ATOM   983  C CA  . ASN A 1 124 ? 4.858   -11.807 -11.234 1.00 32.73  ? 138 ASN A CA  1 
ATOM   984  C C   . ASN A 1 124 ? 4.844   -13.033 -10.290 1.00 29.77  ? 138 ASN A C   1 
ATOM   985  O O   . ASN A 1 124 ? 5.061   -12.873 -9.081  1.00 27.55  ? 138 ASN A O   1 
ATOM   986  C CB  . ASN A 1 124 ? 6.080   -10.918 -11.045 1.00 33.03  ? 138 ASN A CB  1 
ATOM   987  C CG  . ASN A 1 124 ? 7.387   -11.675 -11.054 1.00 36.73  ? 138 ASN A CG  1 
ATOM   988  O OD1 . ASN A 1 124 ? 7.443   -12.919 -11.167 1.00 36.91  ? 138 ASN A OD1 1 
ATOM   989  N ND2 . ASN A 1 124 ? 8.470   -10.918 -10.914 1.00 37.33  ? 138 ASN A ND2 1 
ATOM   990  N N   . PRO A 1 125 ? 4.594   -14.260 -10.829 1.00 29.16  ? 139 PRO A N   1 
ATOM   991  C CA  . PRO A 1 125 ? 4.366   -15.414 -9.949  1.00 29.88  ? 139 PRO A CA  1 
ATOM   992  C C   . PRO A 1 125 ? 5.561   -15.842 -9.061  1.00 30.00  ? 139 PRO A C   1 
ATOM   993  O O   . PRO A 1 125 ? 5.349   -16.522 -8.063  1.00 31.23  ? 139 PRO A O   1 
ATOM   994  C CB  . PRO A 1 125 ? 3.967   -16.544 -10.917 1.00 31.14  ? 139 PRO A CB  1 
ATOM   995  C CG  . PRO A 1 125 ? 4.606   -16.181 -12.197 1.00 30.45  ? 139 PRO A CG  1 
ATOM   996  C CD  . PRO A 1 125 ? 4.706   -14.671 -12.243 1.00 30.71  ? 139 PRO A CD  1 
ATOM   997  N N   . ALA A 1 126 ? 6.779   -15.430 -9.384  1.00 31.64  ? 140 ALA A N   1 
ATOM   998  C CA  . ALA A 1 126 ? 7.920   -15.696 -8.474  1.00 34.40  ? 140 ALA A CA  1 
ATOM   999  C C   . ALA A 1 126 ? 7.813   -14.873 -7.170  1.00 37.40  ? 140 ALA A C   1 
ATOM   1000 O O   . ALA A 1 126 ? 8.429   -15.217 -6.159  1.00 39.01  ? 140 ALA A O   1 
ATOM   1001 C CB  . ALA A 1 126 ? 9.241   -15.414 -9.179  1.00 34.35  ? 140 ALA A CB  1 
ATOM   1002 N N   . GLU A 1 127 ? 7.032   -13.789 -7.189  1.00 34.65  ? 141 GLU A N   1 
ATOM   1003 C CA  . GLU A 1 127 ? 6.881   -12.929 -6.005  1.00 34.50  ? 141 GLU A CA  1 
ATOM   1004 C C   . GLU A 1 127 ? 5.469   -12.789 -5.459  1.00 32.21  ? 141 GLU A C   1 
ATOM   1005 O O   . GLU A 1 127 ? 5.299   -12.680 -4.259  1.00 29.27  ? 141 GLU A O   1 
ATOM   1006 C CB  . GLU A 1 127 ? 7.461   -11.573 -6.329  1.00 38.10  ? 141 GLU A CB  1 
ATOM   1007 C CG  . GLU A 1 127 ? 8.992   -11.613 -6.322  1.00 43.36  ? 141 GLU A CG  1 
ATOM   1008 C CD  . GLU A 1 127 ? 9.628   -10.495 -7.092  1.00 45.85  ? 141 GLU A CD  1 
ATOM   1009 O OE1 . GLU A 1 127 ? 10.878  -10.474 -7.162  1.00 55.16  ? 141 GLU A OE1 1 
ATOM   1010 O OE2 . GLU A 1 127 ? 8.890   -9.651  -7.628  1.00 46.56  ? 141 GLU A OE2 1 
ATOM   1011 N N   . VAL A 1 128 ? 4.469   -12.846 -6.334  1.00 28.01  ? 142 VAL A N   1 
ATOM   1012 C CA  . VAL A 1 128 ? 3.109   -12.507 -5.997  1.00 30.81  ? 142 VAL A CA  1 
ATOM   1013 C C   . VAL A 1 128 ? 2.193   -13.652 -6.438  1.00 29.38  ? 142 VAL A C   1 
ATOM   1014 O O   . VAL A 1 128 ? 2.184   -13.992 -7.607  1.00 30.12  ? 142 VAL A O   1 
ATOM   1015 C CB  . VAL A 1 128 ? 2.759   -11.187 -6.733  1.00 33.01  ? 142 VAL A CB  1 
ATOM   1016 C CG1 . VAL A 1 128 ? 1.282   -10.900 -6.721  1.00 35.50  ? 142 VAL A CG1 1 
ATOM   1017 C CG2 . VAL A 1 128 ? 3.532   -10.036 -6.098  1.00 35.37  ? 142 VAL A CG2 1 
ATOM   1018 N N   . LYS A 1 129 ? 1.443   -14.216 -5.498  1.00 29.59  ? 143 LYS A N   1 
ATOM   1019 C CA  . LYS A 1 129 ? 0.408   -15.230 -5.769  1.00 31.97  ? 143 LYS A CA  1 
ATOM   1020 C C   . LYS A 1 129 ? -0.920  -14.625 -6.253  1.00 31.27  ? 143 LYS A C   1 
ATOM   1021 O O   . LYS A 1 129 ? -1.681  -15.261 -6.990  1.00 27.50  ? 143 LYS A O   1 
ATOM   1022 C CB  . LYS A 1 129 ? 0.163   -16.075 -4.512  1.00 36.48  ? 143 LYS A CB  1 
ATOM   1023 C CG  . LYS A 1 129 ? -0.945  -17.102 -4.684  1.00 44.62  ? 143 LYS A CG  1 
ATOM   1024 C CD  . LYS A 1 129 ? -0.831  -18.249 -3.703  1.00 49.83  ? 143 LYS A CD  1 
ATOM   1025 C CE  . LYS A 1 129 ? -1.001  -17.789 -2.273  1.00 52.37  ? 143 LYS A CE  1 
ATOM   1026 N NZ  . LYS A 1 129 ? -1.387  -18.953 -1.423  1.00 57.16  ? 143 LYS A NZ  1 
ATOM   1027 N N   . ASP A 1 130 ? -1.217  -13.394 -5.838  1.00 27.66  ? 144 ASP A N   1 
ATOM   1028 C CA  . ASP A 1 130 ? -2.495  -12.781 -6.166  1.00 26.90  ? 144 ASP A CA  1 
ATOM   1029 C C   . ASP A 1 130 ? -2.375  -11.254 -5.994  1.00 27.62  ? 144 ASP A C   1 
ATOM   1030 O O   . ASP A 1 130 ? -1.475  -10.781 -5.296  1.00 26.81  ? 144 ASP A O   1 
ATOM   1031 C CB  . ASP A 1 130 ? -3.573  -13.389 -5.237  1.00 27.37  ? 144 ASP A CB  1 
ATOM   1032 C CG  . ASP A 1 130 ? -4.981  -13.127 -5.693  1.00 28.20  ? 144 ASP A CG  1 
ATOM   1033 O OD1 . ASP A 1 130 ? -5.183  -12.518 -6.756  1.00 25.65  ? 144 ASP A OD1 1 
ATOM   1034 O OD2 . ASP A 1 130 ? -5.904  -13.555 -4.965  1.00 29.38  ? 144 ASP A OD2 1 
ATOM   1035 N N   . VAL A 1 131 ? -3.231  -10.519 -6.691  1.00 26.21  ? 145 VAL A N   1 
ATOM   1036 C CA  . VAL A 1 131 ? -3.386  -9.060  -6.540  1.00 27.50  ? 145 VAL A CA  1 
ATOM   1037 C C   . VAL A 1 131 ? -4.874  -8.815  -6.418  1.00 27.50  ? 145 VAL A C   1 
ATOM   1038 O O   . VAL A 1 131 ? -5.651  -9.429  -7.132  1.00 27.81  ? 145 VAL A O   1 
ATOM   1039 C CB  . VAL A 1 131 ? -2.810  -8.299  -7.742  1.00 28.38  ? 145 VAL A CB  1 
ATOM   1040 C CG1 . VAL A 1 131 ? -3.162  -6.810  -7.696  1.00 30.65  ? 145 VAL A CG1 1 
ATOM   1041 C CG2 . VAL A 1 131 ? -1.312  -8.485  -7.793  1.00 28.51  ? 145 VAL A CG2 1 
ATOM   1042 N N   . PHE A 1 132 ? -5.297  -7.979  -5.478  1.00 23.81  ? 146 PHE A N   1 
ATOM   1043 C CA  . PHE A 1 132 ? -6.727  -7.692  -5.317  1.00 23.05  ? 146 PHE A CA  1 
ATOM   1044 C C   . PHE A 1 132 ? -6.964  -6.280  -4.805  1.00 23.82  ? 146 PHE A C   1 
ATOM   1045 O O   . PHE A 1 132 ? -6.041  -5.647  -4.254  1.00 22.08  ? 146 PHE A O   1 
ATOM   1046 C CB  . PHE A 1 132 ? -7.401  -8.711  -4.386  1.00 24.95  ? 146 PHE A CB  1 
ATOM   1047 C CG  . PHE A 1 132 ? -6.890  -8.697  -2.974  1.00 23.94  ? 146 PHE A CG  1 
ATOM   1048 C CD1 . PHE A 1 132 ? -5.672  -9.271  -2.655  1.00 26.51  ? 146 PHE A CD1 1 
ATOM   1049 C CD2 . PHE A 1 132 ? -7.644  -8.112  -1.965  1.00 24.96  ? 146 PHE A CD2 1 
ATOM   1050 C CE1 . PHE A 1 132 ? -5.201  -9.266  -1.340  1.00 27.07  ? 146 PHE A CE1 1 
ATOM   1051 C CE2 . PHE A 1 132 ? -7.187  -8.104  -0.660  1.00 26.58  ? 146 PHE A CE2 1 
ATOM   1052 C CZ  . PHE A 1 132 ? -5.972  -8.682  -0.346  1.00 26.90  ? 146 PHE A CZ  1 
ATOM   1053 N N   . LEU A 1 133 ? -8.184  -5.788  -5.016  1.00 22.53  ? 147 LEU A N   1 
ATOM   1054 C CA  . LEU A 1 133 ? -8.567  -4.452  -4.577  1.00 23.43  ? 147 LEU A CA  1 
ATOM   1055 C C   . LEU A 1 133 ? -9.491  -4.550  -3.395  1.00 24.09  ? 147 LEU A C   1 
ATOM   1056 O O   . LEU A 1 133 ? -10.289 -5.488  -3.314  1.00 23.60  ? 147 LEU A O   1 
ATOM   1057 C CB  . LEU A 1 133 ? -9.267  -3.678  -5.685  1.00 25.22  ? 147 LEU A CB  1 
ATOM   1058 C CG  . LEU A 1 133 ? -8.525  -3.441  -6.991  1.00 25.28  ? 147 LEU A CG  1 
ATOM   1059 C CD1 . LEU A 1 133 ? -9.435  -2.705  -7.943  1.00 28.81  ? 147 LEU A CD1 1 
ATOM   1060 C CD2 . LEU A 1 133 ? -7.234  -2.661  -6.824  1.00 26.56  ? 147 LEU A CD2 1 
ATOM   1061 N N   . VAL A 1 134 ? -9.400  -3.576  -2.488  1.00 22.83  ? 148 VAL A N   1 
ATOM   1062 C CA  . VAL A 1 134 ? -10.379 -3.420  -1.418  1.00 23.01  ? 148 VAL A CA  1 
ATOM   1063 C C   . VAL A 1 134 ? -10.874 -1.981  -1.443  1.00 23.19  ? 148 VAL A C   1 
ATOM   1064 O O   . VAL A 1 134 ? -10.052 -1.044  -1.485  1.00 22.08  ? 148 VAL A O   1 
ATOM   1065 C CB  . VAL A 1 134 ? -9.788  -3.728  -0.012  1.00 21.70  ? 148 VAL A CB  1 
ATOM   1066 C CG1 . VAL A 1 134 ? -10.856 -3.633  1.068   1.00 22.47  ? 148 VAL A CG1 1 
ATOM   1067 C CG2 . VAL A 1 134 ? -9.142  -5.098  0.028   1.00 23.11  ? 148 VAL A CG2 1 
ATOM   1068 N N   . PRO A 1 135 ? -12.214 -1.779  -1.389  1.00 23.29  ? 149 PRO A N   1 
ATOM   1069 C CA  . PRO A 1 135 ? -12.691 -0.410  -1.317  1.00 22.87  ? 149 PRO A CA  1 
ATOM   1070 C C   . PRO A 1 135 ? -12.113 0.269   -0.066  1.00 20.70  ? 149 PRO A C   1 
ATOM   1071 O O   . PRO A 1 135 ? -12.078 -0.333  0.996   1.00 19.37  ? 149 PRO A O   1 
ATOM   1072 C CB  . PRO A 1 135 ? -14.215 -0.570  -1.159  1.00 25.07  ? 149 PRO A CB  1 
ATOM   1073 C CG  . PRO A 1 135 ? -14.527 -1.929  -1.692  1.00 24.87  ? 149 PRO A CG  1 
ATOM   1074 C CD  . PRO A 1 135 ? -13.329 -2.752  -1.319  1.00 24.53  ? 149 PRO A CD  1 
ATOM   1075 N N   . LEU A 1 136 ? -11.670 1.505   -0.211  1.00 20.87  ? 150 LEU A N   1 
ATOM   1076 C CA  . LEU A 1 136 ? -11.078 2.235   0.890   1.00 21.88  ? 150 LEU A CA  1 
ATOM   1077 C C   . LEU A 1 136 ? -12.046 2.348   2.076   1.00 22.87  ? 150 LEU A C   1 
ATOM   1078 O O   . LEU A 1 136 ? -11.635 2.227   3.246   1.00 21.57  ? 150 LEU A O   1 
ATOM   1079 C CB  . LEU A 1 136 ? -10.591 3.602   0.383   1.00 21.40  ? 150 LEU A CB  1 
ATOM   1080 C CG  . LEU A 1 136 ? -9.734  4.441   1.300   1.00 22.92  ? 150 LEU A CG  1 
ATOM   1081 C CD1 . LEU A 1 136 ? -8.438  3.685   1.591   1.00 22.80  ? 150 LEU A CD1 1 
ATOM   1082 C CD2 . LEU A 1 136 ? -9.455  5.776   0.611   1.00 23.24  ? 150 LEU A CD2 1 
ATOM   1083 N N   . ALA A 1 137 ? -13.338 2.530   1.784   1.00 22.71  ? 151 ALA A N   1 
ATOM   1084 C CA  . ALA A 1 137 ? -14.347 2.662   2.842   1.00 22.73  ? 151 ALA A CA  1 
ATOM   1085 C C   . ALA A 1 137 ? -14.484 1.425   3.723   1.00 23.21  ? 151 ALA A C   1 
ATOM   1086 O O   . ALA A 1 137 ? -14.891 1.550   4.890   1.00 23.45  ? 151 ALA A O   1 
ATOM   1087 C CB  . ALA A 1 137 ? -15.710 3.055   2.269   1.00 25.01  ? 151 ALA A CB  1 
ATOM   1088 N N   . TYR A 1 138 ? -14.109 0.250   3.212   1.00 22.59  ? 152 TYR A N   1 
ATOM   1089 C CA  . TYR A 1 138 ? -14.117 -0.970  4.016   1.00 23.74  ? 152 TYR A CA  1 
ATOM   1090 C C   . TYR A 1 138 ? -13.351 -0.786  5.336   1.00 23.76  ? 152 TYR A C   1 
ATOM   1091 O O   . TYR A 1 138 ? -13.745 -1.320  6.389   1.00 23.06  ? 152 TYR A O   1 
ATOM   1092 C CB  . TYR A 1 138 ? -13.525 -2.162  3.249   1.00 24.17  ? 152 TYR A CB  1 
ATOM   1093 C CG  . TYR A 1 138 ? -13.226 -3.332  4.138   1.00 24.92  ? 152 TYR A CG  1 
ATOM   1094 C CD1 . TYR A 1 138 ? -14.207 -4.281  4.443   1.00 26.12  ? 152 TYR A CD1 1 
ATOM   1095 C CD2 . TYR A 1 138 ? -11.959 -3.487  4.707   1.00 26.36  ? 152 TYR A CD2 1 
ATOM   1096 C CE1 . TYR A 1 138 ? -13.940 -5.327  5.306   1.00 26.90  ? 152 TYR A CE1 1 
ATOM   1097 C CE2 . TYR A 1 138 ? -11.694 -4.521  5.581   1.00 27.37  ? 152 TYR A CE2 1 
ATOM   1098 C CZ  . TYR A 1 138 ? -12.680 -5.440  5.880   1.00 26.92  ? 152 TYR A CZ  1 
ATOM   1099 O OH  . TYR A 1 138 ? -12.387 -6.489  6.739   1.00 29.59  ? 152 TYR A OH  1 
ATOM   1100 N N   . PHE A 1 139 ? -12.252 -0.047  5.273   1.00 22.07  ? 153 PHE A N   1 
ATOM   1101 C CA  . PHE A 1 139 ? -11.354 0.071   6.438   1.00 22.82  ? 153 PHE A CA  1 
ATOM   1102 C C   . PHE A 1 139 ? -11.923 0.938   7.564   1.00 25.85  ? 153 PHE A C   1 
ATOM   1103 O O   . PHE A 1 139 ? -11.363 0.954   8.671   1.00 24.24  ? 153 PHE A O   1 
ATOM   1104 C CB  . PHE A 1 139 ? -9.964  0.507   5.978   1.00 21.35  ? 153 PHE A CB  1 
ATOM   1105 C CG  . PHE A 1 139 ? -9.325  -0.524  5.116   1.00 20.51  ? 153 PHE A CG  1 
ATOM   1106 C CD1 . PHE A 1 139 ? -8.849  -1.703  5.679   1.00 21.47  ? 153 PHE A CD1 1 
ATOM   1107 C CD2 . PHE A 1 139 ? -9.338  -0.407  3.749   1.00 20.63  ? 153 PHE A CD2 1 
ATOM   1108 C CE1 . PHE A 1 139 ? -8.319  -2.701  4.885   1.00 21.23  ? 153 PHE A CE1 1 
ATOM   1109 C CE2 . PHE A 1 139 ? -8.805  -1.396  2.944   1.00 19.97  ? 153 PHE A CE2 1 
ATOM   1110 C CZ  . PHE A 1 139 ? -8.301  -2.545  3.505   1.00 21.59  ? 153 PHE A CZ  1 
ATOM   1111 N N   . LEU A 1 140 ? -13.043 1.612   7.287   1.00 25.06  ? 154 LEU A N   1 
ATOM   1112 C CA  . LEU A 1 140 ? -13.810 2.313   8.308   1.00 27.61  ? 154 LEU A CA  1 
ATOM   1113 C C   . LEU A 1 140 ? -14.772 1.398   9.062   1.00 29.28  ? 154 LEU A C   1 
ATOM   1114 O O   . LEU A 1 140 ? -15.149 1.702   10.177  1.00 27.18  ? 154 LEU A O   1 
ATOM   1115 C CB  . LEU A 1 140 ? -14.597 3.480   7.695   1.00 27.66  ? 154 LEU A CB  1 
ATOM   1116 C CG  . LEU A 1 140 ? -13.796 4.530   6.926   1.00 29.35  ? 154 LEU A CG  1 
ATOM   1117 C CD1 . LEU A 1 140 ? -14.719 5.638   6.488   1.00 30.83  ? 154 LEU A CD1 1 
ATOM   1118 C CD2 . LEU A 1 140 ? -12.630 5.069   7.739   1.00 28.65  ? 154 LEU A CD2 1 
ATOM   1119 N N   . HIS A 1 141 ? -15.192 0.294   8.449   1.00 28.72  ? 155 HIS A N   1 
ATOM   1120 C CA  . HIS A 1 141 ? -16.085 -0.671  9.088   1.00 31.01  ? 155 HIS A CA  1 
ATOM   1121 C C   . HIS A 1 141 ? -15.657 -2.079  8.732   1.00 29.99  ? 155 HIS A C   1 
ATOM   1122 O O   . HIS A 1 141 ? -16.374 -2.798  8.057   1.00 28.06  ? 155 HIS A O   1 
ATOM   1123 C CB  . HIS A 1 141 ? -17.526 -0.424  8.648   1.00 32.96  ? 155 HIS A CB  1 
ATOM   1124 C CG  . HIS A 1 141 ? -18.053 0.895   9.096   1.00 32.64  ? 155 HIS A CG  1 
ATOM   1125 N ND1 . HIS A 1 141 ? -18.408 1.142   10.406  1.00 35.39  ? 155 HIS A ND1 1 
ATOM   1126 C CD2 . HIS A 1 141 ? -18.231 2.057   8.430   1.00 34.03  ? 155 HIS A CD2 1 
ATOM   1127 C CE1 . HIS A 1 141 ? -18.827 2.390   10.515  1.00 33.00  ? 155 HIS A CE1 1 
ATOM   1128 N NE2 . HIS A 1 141 ? -18.722 2.972   9.334   1.00 32.87  ? 155 HIS A NE2 1 
ATOM   1129 N N   . PRO A 1 142 ? -14.455 -2.460  9.164   1.00 29.97  ? 156 PRO A N   1 
ATOM   1130 C CA  . PRO A 1 142 ? -13.913 -3.757  8.787   1.00 32.31  ? 156 PRO A CA  1 
ATOM   1131 C C   . PRO A 1 142 ? -14.546 -4.902  9.569   1.00 34.57  ? 156 PRO A C   1 
ATOM   1132 O O   . PRO A 1 142 ? -15.133 -4.677  10.638  1.00 35.58  ? 156 PRO A O   1 
ATOM   1133 C CB  . PRO A 1 142 ? -12.427 -3.610  9.148   1.00 31.26  ? 156 PRO A CB  1 
ATOM   1134 C CG  . PRO A 1 142 ? -12.448 -2.716  10.330  1.00 31.07  ? 156 PRO A CG  1 
ATOM   1135 C CD  . PRO A 1 142 ? -13.571 -1.754  10.113  1.00 30.48  ? 156 PRO A CD  1 
ATOM   1136 N N   . GLN A 1 143 ? -14.462 -6.103  9.018   1.00 35.00  ? 157 GLN A N   1 
ATOM   1137 C CA  . GLN A 1 143 ? -14.866 -7.318  9.713   1.00 39.23  ? 157 GLN A CA  1 
ATOM   1138 C C   . GLN A 1 143 ? -13.634 -7.841  10.461  1.00 40.86  ? 157 GLN A C   1 
ATOM   1139 O O   . GLN A 1 143 ? -12.673 -8.311  9.843   1.00 37.72  ? 157 GLN A O   1 
ATOM   1140 C CB  . GLN A 1 143 ? -15.410 -8.356  8.729   1.00 41.27  ? 157 GLN A CB  1 
ATOM   1141 C CG  . GLN A 1 143 ? -15.967 -9.608  9.397   1.00 48.05  ? 157 GLN A CG  1 
ATOM   1142 C CD  . GLN A 1 143 ? -16.472 -10.637 8.398   1.00 51.74  ? 157 GLN A CD  1 
ATOM   1143 O OE1 . GLN A 1 143 ? -17.508 -10.441 7.763   1.00 60.37  ? 157 GLN A OE1 1 
ATOM   1144 N NE2 . GLN A 1 143 ? -15.746 -11.742 8.257   1.00 54.27  ? 157 GLN A NE2 1 
ATOM   1145 N N   . VAL A 1 144 ? -13.669 -7.737  11.789  1.00 42.28  ? 158 VAL A N   1 
ATOM   1146 C CA  . VAL A 1 144 ? -12.499 -7.939  12.624  1.00 46.28  ? 158 VAL A CA  1 
ATOM   1147 C C   . VAL A 1 144 ? -12.592 -9.316  13.262  1.00 48.67  ? 158 VAL A C   1 
ATOM   1148 O O   . VAL A 1 144 ? -13.652 -9.701  13.751  1.00 48.63  ? 158 VAL A O   1 
ATOM   1149 C CB  . VAL A 1 144 ? -12.399 -6.862  13.730  1.00 49.72  ? 158 VAL A CB  1 
ATOM   1150 C CG1 . VAL A 1 144 ? -11.151 -7.084  14.585  1.00 50.73  ? 158 VAL A CG1 1 
ATOM   1151 C CG2 . VAL A 1 144 ? -12.401 -5.464  13.125  1.00 50.55  ? 158 VAL A CG2 1 
ATOM   1152 N N   . HIS A 1 145 ? -11.486 -10.050 13.227  1.00 49.39  ? 159 HIS A N   1 
ATOM   1153 C CA  . HIS A 1 145 ? -11.338 -11.339 13.910  1.00 58.46  ? 159 HIS A CA  1 
ATOM   1154 C C   . HIS A 1 145 ? -10.099 -11.262 14.797  1.00 59.73  ? 159 HIS A C   1 
ATOM   1155 O O   . HIS A 1 145 ? -9.037  -10.841 14.345  1.00 58.36  ? 159 HIS A O   1 
ATOM   1156 C CB  . HIS A 1 145 ? -11.211 -12.482 12.891  1.00 61.88  ? 159 HIS A CB  1 
ATOM   1157 C CG  . HIS A 1 145 ? -12.528 -12.940 12.344  1.00 71.44  ? 159 HIS A CG  1 
ATOM   1158 N ND1 . HIS A 1 145 ? -13.235 -12.220 11.401  1.00 77.27  ? 159 HIS A ND1 1 
ATOM   1159 C CD2 . HIS A 1 145 ? -13.281 -14.030 12.628  1.00 77.23  ? 159 HIS A CD2 1 
ATOM   1160 C CE1 . HIS A 1 145 ? -14.361 -12.855 11.122  1.00 77.80  ? 159 HIS A CE1 1 
ATOM   1161 N NE2 . HIS A 1 145 ? -14.414 -13.955 11.851  1.00 78.86  ? 159 HIS A NE2 1 
ATOM   1162 N N   . ASP A 1 146 ? -10.246 -11.640 16.063  1.00 62.82  ? 160 ASP A N   1 
ATOM   1163 C CA  . ASP A 1 146 ? -9.140  -11.605 17.018  1.00 65.67  ? 160 ASP A CA  1 
ATOM   1164 C C   . ASP A 1 146 ? -8.456  -12.966 17.031  1.00 66.08  ? 160 ASP A C   1 
ATOM   1165 O O   . ASP A 1 146 ? -9.121  -13.978 17.239  1.00 66.27  ? 160 ASP A O   1 
ATOM   1166 C CB  . ASP A 1 146 ? -9.665  -11.230 18.403  1.00 70.43  ? 160 ASP A CB  1 
ATOM   1167 C CG  . ASP A 1 146 ? -10.405 -9.897  18.408  1.00 73.55  ? 160 ASP A CG  1 
ATOM   1168 O OD1 . ASP A 1 146 ? -10.091 -9.026  17.565  1.00 76.73  ? 160 ASP A OD1 1 
ATOM   1169 O OD2 . ASP A 1 146 ? -11.306 -9.720  19.253  1.00 77.59  ? 160 ASP A OD2 1 
ATOM   1170 N N   . GLN A 1 147 ? -7.142  -12.984 16.783  1.00 66.55  ? 161 GLN A N   1 
ATOM   1171 C CA  . GLN A 1 147 ? -6.369  -14.228 16.657  1.00 69.81  ? 161 GLN A CA  1 
ATOM   1172 C C   . GLN A 1 147 ? -5.485  -14.436 17.878  1.00 72.21  ? 161 GLN A C   1 
ATOM   1173 O O   . GLN A 1 147 ? -4.630  -13.606 18.176  1.00 71.24  ? 161 GLN A O   1 
ATOM   1174 C CB  . GLN A 1 147 ? -5.497  -14.187 15.397  1.00 69.66  ? 161 GLN A CB  1 
ATOM   1175 N N   . ILE A 1 158 ? -3.321  -11.817 21.723  1.00 96.53  ? 172 ILE A N   1 
ATOM   1176 C CA  . ILE A 1 158 ? -4.547  -11.682 20.939  1.00 96.96  ? 172 ILE A CA  1 
ATOM   1177 C C   . ILE A 1 158 ? -4.522  -10.364 20.144  1.00 89.17  ? 172 ILE A C   1 
ATOM   1178 O O   . ILE A 1 158 ? -4.604  -9.290  20.738  1.00 86.37  ? 172 ILE A O   1 
ATOM   1179 C CB  . ILE A 1 158 ? -5.803  -11.770 21.850  1.00 102.55 ? 172 ILE A CB  1 
ATOM   1180 C CG1 . ILE A 1 158 ? -5.918  -13.168 22.499  1.00 105.15 ? 172 ILE A CG1 1 
ATOM   1181 C CG2 . ILE A 1 158 ? -7.081  -11.436 21.082  1.00 103.48 ? 172 ILE A CG2 1 
ATOM   1182 C CD1 . ILE A 1 158 ? -6.379  -14.290 21.580  1.00 104.04 ? 172 ILE A CD1 1 
ATOM   1183 N N   . ASN A 1 159 ? -4.415  -10.461 18.813  1.00 81.96  ? 173 ASN A N   1 
ATOM   1184 C CA  . ASN A 1 159 ? -4.309  -9.287  17.917  1.00 76.08  ? 173 ASN A CA  1 
ATOM   1185 C C   . ASN A 1 159 ? -5.359  -9.291  16.781  1.00 69.54  ? 173 ASN A C   1 
ATOM   1186 O O   . ASN A 1 159 ? -5.829  -10.348 16.343  1.00 64.55  ? 173 ASN A O   1 
ATOM   1187 C CB  . ASN A 1 159 ? -2.876  -9.157  17.358  1.00 76.92  ? 173 ASN A CB  1 
ATOM   1188 C CG  . ASN A 1 159 ? -2.649  -9.960  16.087  1.00 76.55  ? 173 ASN A CG  1 
ATOM   1189 O OD1 . ASN A 1 159 ? -2.223  -9.416  15.063  1.00 75.34  ? 173 ASN A OD1 1 
ATOM   1190 N ND2 . ASN A 1 159 ? -2.934  -11.255 16.141  1.00 77.23  ? 173 ASN A ND2 1 
ATOM   1191 N N   . HIS A 1 160 ? -5.693  -8.094  16.301  1.00 62.03  ? 174 HIS A N   1 
ATOM   1192 C CA  . HIS A 1 160 ? -6.829  -7.884  15.395  1.00 58.23  ? 174 HIS A CA  1 
ATOM   1193 C C   . HIS A 1 160 ? -6.476  -8.165  13.922  1.00 52.04  ? 174 HIS A C   1 
ATOM   1194 O O   . HIS A 1 160 ? -5.470  -7.669  13.416  1.00 53.05  ? 174 HIS A O   1 
ATOM   1195 C CB  . HIS A 1 160 ? -7.361  -6.454  15.545  1.00 61.43  ? 174 HIS A CB  1 
ATOM   1196 C CG  . HIS A 1 160 ? -7.753  -6.093  16.946  1.00 67.15  ? 174 HIS A CG  1 
ATOM   1197 N ND1 . HIS A 1 160 ? -8.856  -6.632  17.574  1.00 69.89  ? 174 HIS A ND1 1 
ATOM   1198 C CD2 . HIS A 1 160 ? -7.193  -5.239  17.837  1.00 69.56  ? 174 HIS A CD2 1 
ATOM   1199 C CE1 . HIS A 1 160 ? -8.957  -6.130  18.793  1.00 70.05  ? 174 HIS A CE1 1 
ATOM   1200 N NE2 . HIS A 1 160 ? -7.960  -5.283  18.978  1.00 71.51  ? 174 HIS A NE2 1 
ATOM   1201 N N   . ILE A 1 161 ? -7.313  -8.960  13.257  1.00 45.64  ? 175 ILE A N   1 
ATOM   1202 C CA  . ILE A 1 161 ? -7.158  -9.327  11.842  1.00 43.84  ? 175 ILE A CA  1 
ATOM   1203 C C   . ILE A 1 161 ? -8.428  -8.893  11.098  1.00 40.52  ? 175 ILE A C   1 
ATOM   1204 O O   . ILE A 1 161 ? -9.531  -9.132  11.588  1.00 38.54  ? 175 ILE A O   1 
ATOM   1205 C CB  . ILE A 1 161 ? -6.944  -10.857 11.715  1.00 45.09  ? 175 ILE A CB  1 
ATOM   1206 C CG1 . ILE A 1 161 ? -5.532  -11.218 12.198  1.00 48.60  ? 175 ILE A CG1 1 
ATOM   1207 C CG2 . ILE A 1 161 ? -7.193  -11.375 10.300  1.00 46.07  ? 175 ILE A CG2 1 
ATOM   1208 C CD1 . ILE A 1 161 ? -5.288  -12.709 12.336  1.00 50.19  ? 175 ILE A CD1 1 
ATOM   1209 N N   . PHE A 1 162 ? -8.274  -8.263  9.931   1.00 32.34  ? 176 PHE A N   1 
ATOM   1210 C CA  . PHE A 1 162 ? -9.411  -7.937  9.068   1.00 30.33  ? 176 PHE A CA  1 
ATOM   1211 C C   . PHE A 1 162 ? -9.642  -9.084  8.098   1.00 29.09  ? 176 PHE A C   1 
ATOM   1212 O O   . PHE A 1 162 ? -8.680  -9.622  7.563   1.00 30.52  ? 176 PHE A O   1 
ATOM   1213 C CB  . PHE A 1 162 ? -9.152  -6.677  8.256   1.00 31.31  ? 176 PHE A CB  1 
ATOM   1214 C CG  . PHE A 1 162 ? -8.930  -5.430  9.072   1.00 30.45  ? 176 PHE A CG  1 
ATOM   1215 C CD1 . PHE A 1 162 ? -9.401  -5.298  10.389  1.00 32.92  ? 176 PHE A CD1 1 
ATOM   1216 C CD2 . PHE A 1 162 ? -8.288  -4.354  8.491   1.00 30.66  ? 176 PHE A CD2 1 
ATOM   1217 C CE1 . PHE A 1 162 ? -9.213  -4.115  11.087  1.00 32.59  ? 176 PHE A CE1 1 
ATOM   1218 C CE2 . PHE A 1 162 ? -8.090  -3.178  9.196   1.00 30.85  ? 176 PHE A CE2 1 
ATOM   1219 C CZ  . PHE A 1 162 ? -8.561  -3.057  10.483  1.00 31.77  ? 176 PHE A CZ  1 
ATOM   1220 N N   . GLU A 1 163 ? -10.906 -9.452  7.883   1.00 29.00  ? 177 GLU A N   1 
ATOM   1221 C CA  . GLU A 1 163 ? -11.296 -10.383 6.817   1.00 31.34  ? 177 GLU A CA  1 
ATOM   1222 C C   . GLU A 1 163 ? -12.115 -9.638  5.775   1.00 29.21  ? 177 GLU A C   1 
ATOM   1223 O O   . GLU A 1 163 ? -13.145 -9.035  6.093   1.00 29.05  ? 177 GLU A O   1 
ATOM   1224 C CB  . GLU A 1 163 ? -12.091 -11.564 7.385   1.00 35.76  ? 177 GLU A CB  1 
ATOM   1225 C CG  . GLU A 1 163 ? -11.275 -12.373 8.385   1.00 41.71  ? 177 GLU A CG  1 
ATOM   1226 C CD  . GLU A 1 163 ? -11.837 -13.758 8.677   1.00 50.28  ? 177 GLU A CD  1 
ATOM   1227 O OE1 . GLU A 1 163 ? -13.051 -13.986 8.441   1.00 54.39  ? 177 GLU A OE1 1 
ATOM   1228 O OE2 . GLU A 1 163 ? -11.047 -14.615 9.158   1.00 52.86  ? 177 GLU A OE2 1 
ATOM   1229 N N   . TYR A 1 164 ? -11.641 -9.635  4.539   1.00 28.16  ? 178 TYR A N   1 
ATOM   1230 C CA  . TYR A 1 164 ? -12.368 -8.971  3.456   1.00 27.39  ? 178 TYR A CA  1 
ATOM   1231 C C   . TYR A 1 164 ? -12.747 -10.033 2.466   1.00 27.26  ? 178 TYR A C   1 
ATOM   1232 O O   . TYR A 1 164 ? -11.870 -10.755 1.985   1.00 26.55  ? 178 TYR A O   1 
ATOM   1233 C CB  . TYR A 1 164 ? -11.504 -7.929  2.736   1.00 26.39  ? 178 TYR A CB  1 
ATOM   1234 C CG  . TYR A 1 164 ? -12.197 -7.402  1.506   1.00 26.75  ? 178 TYR A CG  1 
ATOM   1235 C CD1 . TYR A 1 164 ? -13.312 -6.580  1.635   1.00 28.58  ? 178 TYR A CD1 1 
ATOM   1236 C CD2 . TYR A 1 164 ? -11.793 -7.763  0.219   1.00 27.17  ? 178 TYR A CD2 1 
ATOM   1237 C CE1 . TYR A 1 164 ? -13.996 -6.118  0.525   1.00 29.28  ? 178 TYR A CE1 1 
ATOM   1238 C CE2 . TYR A 1 164 ? -12.471 -7.286  -0.903  1.00 27.71  ? 178 TYR A CE2 1 
ATOM   1239 C CZ  . TYR A 1 164 ? -13.567 -6.467  -0.737  1.00 27.60  ? 178 TYR A CZ  1 
ATOM   1240 O OH  . TYR A 1 164 ? -14.305 -5.984  -1.787  1.00 31.08  ? 178 TYR A OH  1 
ATOM   1241 N N   . THR A 1 165 ? -14.024 -10.082 2.119   1.00 28.74  ? 179 THR A N   1 
ATOM   1242 C CA  . THR A 1 165 ? -14.533 -11.016 1.113   1.00 29.58  ? 179 THR A CA  1 
ATOM   1243 C C   . THR A 1 165 ? -14.849 -10.248 -0.156  1.00 28.84  ? 179 THR A C   1 
ATOM   1244 O O   . THR A 1 165 ? -15.633 -9.299  -0.128  1.00 30.01  ? 179 THR A O   1 
ATOM   1245 C CB  . THR A 1 165 ? -15.808 -11.728 1.615   1.00 31.21  ? 179 THR A CB  1 
ATOM   1246 O OG1 . THR A 1 165 ? -15.536 -12.352 2.875   1.00 30.93  ? 179 THR A OG1 1 
ATOM   1247 C CG2 . THR A 1 165 ? -16.260 -12.797 0.593   1.00 32.43  ? 179 THR A CG2 1 
ATOM   1248 N N   . ASN A 1 166 ? -14.207 -10.617 -1.257  1.00 25.95  ? 180 ASN A N   1 
ATOM   1249 C CA  . ASN A 1 166 ? -14.444 -9.984  -2.539  1.00 28.14  ? 180 ASN A CA  1 
ATOM   1250 C C   . ASN A 1 166 ? -15.827 -10.433 -3.062  1.00 29.41  ? 180 ASN A C   1 
ATOM   1251 O O   . ASN A 1 166 ? -16.022 -11.621 -3.299  1.00 27.86  ? 180 ASN A O   1 
ATOM   1252 C CB  . ASN A 1 166 ? -13.322 -10.399 -3.491  1.00 28.82  ? 180 ASN A CB  1 
ATOM   1253 C CG  . ASN A 1 166 ? -13.423 -9.773  -4.854  1.00 29.21  ? 180 ASN A CG  1 
ATOM   1254 O OD1 . ASN A 1 166 ? -14.385 -9.082  -5.188  1.00 31.45  ? 180 ASN A OD1 1 
ATOM   1255 N ND2 . ASN A 1 166 ? -12.401 -10.025 -5.672  1.00 29.75  ? 180 ASN A ND2 1 
ATOM   1256 N N   . PRO A 1 167 ? -16.786 -9.497  -3.229  1.00 31.10  ? 181 PRO A N   1 
ATOM   1257 C CA  . PRO A 1 167 ? -18.137 -9.905  -3.700  1.00 31.42  ? 181 PRO A CA  1 
ATOM   1258 C C   . PRO A 1 167 ? -18.180 -10.375 -5.160  1.00 31.63  ? 181 PRO A C   1 
ATOM   1259 O O   . PRO A 1 167 ? -19.147 -11.001 -5.563  1.00 29.85  ? 181 PRO A O   1 
ATOM   1260 C CB  . PRO A 1 167 ? -18.989 -8.637  -3.500  1.00 32.68  ? 181 PRO A CB  1 
ATOM   1261 C CG  . PRO A 1 167 ? -18.016 -7.511  -3.523  1.00 34.06  ? 181 PRO A CG  1 
ATOM   1262 C CD  . PRO A 1 167 ? -16.674 -8.031  -3.070  1.00 32.52  ? 181 PRO A CD  1 
ATOM   1263 N N   . GLU A 1 168 ? -17.141 -10.090 -5.936  1.00 32.80  ? 182 GLU A N   1 
ATOM   1264 C CA  . GLU A 1 168 ? -17.006 -10.636 -7.284  1.00 36.65  ? 182 GLU A CA  1 
ATOM   1265 C C   . GLU A 1 168 ? -16.916 -12.166 -7.324  1.00 34.95  ? 182 GLU A C   1 
ATOM   1266 O O   . GLU A 1 168 ? -17.522 -12.777 -8.211  1.00 31.59  ? 182 GLU A O   1 
ATOM   1267 C CB  . GLU A 1 168 ? -15.763 -10.077 -7.977  1.00 40.56  ? 182 GLU A CB  1 
ATOM   1268 C CG  . GLU A 1 168 ? -15.871 -8.591  -8.299  1.00 44.29  ? 182 GLU A CG  1 
ATOM   1269 C CD  . GLU A 1 168 ? -16.873 -8.323  -9.393  1.00 48.71  ? 182 GLU A CD  1 
ATOM   1270 O OE1 . GLU A 1 168 ? -16.720 -8.889  -10.521 1.00 48.33  ? 182 GLU A OE1 1 
ATOM   1271 O OE2 . GLU A 1 168 ? -17.824 -7.560  -9.116  1.00 59.56  ? 182 GLU A OE2 1 
ATOM   1272 N N   . ASP A 1 169 ? -16.153 -12.754 -6.392  1.00 32.80  ? 183 ASP A N   1 
ATOM   1273 C CA  . ASP A 1 169 ? -15.874 -14.191 -6.369  1.00 31.17  ? 183 ASP A CA  1 
ATOM   1274 C C   . ASP A 1 169 ? -16.022 -14.929 -5.011  1.00 29.82  ? 183 ASP A C   1 
ATOM   1275 O O   . ASP A 1 169 ? -15.847 -16.148 -4.949  1.00 28.51  ? 183 ASP A O   1 
ATOM   1276 C CB  . ASP A 1 169 ? -14.500 -14.464 -6.997  1.00 29.74  ? 183 ASP A CB  1 
ATOM   1277 C CG  . ASP A 1 169 ? -13.342 -13.834 -6.207  1.00 35.66  ? 183 ASP A CG  1 
ATOM   1278 O OD1 . ASP A 1 169 ? -13.552 -13.370 -5.060  1.00 34.04  ? 183 ASP A OD1 1 
ATOM   1279 O OD2 . ASP A 1 169 ? -12.212 -13.845 -6.737  1.00 36.60  ? 183 ASP A OD2 1 
ATOM   1280 N N   . GLY A 1 170 ? -16.374 -14.217 -3.942  1.00 28.05  ? 184 GLY A N   1 
ATOM   1281 C CA  . GLY A 1 170 ? -16.490 -14.801 -2.593  1.00 26.89  ? 184 GLY A CA  1 
ATOM   1282 C C   . GLY A 1 170 ? -15.214 -15.210 -1.891  1.00 28.24  ? 184 GLY A C   1 
ATOM   1283 O O   . GLY A 1 170 ? -15.270 -15.866 -0.836  1.00 25.95  ? 184 GLY A O   1 
ATOM   1284 N N   . VAL A 1 171 ? -14.056 -14.829 -2.433  1.00 27.51  ? 185 VAL A N   1 
ATOM   1285 C CA  . VAL A 1 171 ? -12.788 -15.154 -1.802  1.00 28.94  ? 185 VAL A CA  1 
ATOM   1286 C C   . VAL A 1 171 ? -12.541 -14.219 -0.607  1.00 30.48  ? 185 VAL A C   1 
ATOM   1287 O O   . VAL A 1 171 ? -12.666 -12.994 -0.736  1.00 27.45  ? 185 VAL A O   1 
ATOM   1288 C CB  . VAL A 1 171 ? -11.615 -15.040 -2.798  1.00 30.87  ? 185 VAL A CB  1 
ATOM   1289 C CG1 . VAL A 1 171 ? -10.288 -15.260 -2.090  1.00 32.81  ? 185 VAL A CG1 1 
ATOM   1290 C CG2 . VAL A 1 171 ? -11.788 -16.055 -3.934  1.00 32.91  ? 185 VAL A CG2 1 
ATOM   1291 N N   . THR A 1 172 ? -12.168 -14.799 0.527   1.00 29.47  ? 186 THR A N   1 
ATOM   1292 C CA  . THR A 1 172 ? -11.832 -14.026 1.725   1.00 33.25  ? 186 THR A CA  1 
ATOM   1293 C C   . THR A 1 172 ? -10.309 -13.872 1.877   1.00 33.50  ? 186 THR A C   1 
ATOM   1294 O O   . THR A 1 172 ? -9.563  -14.852 1.759   1.00 31.71  ? 186 THR A O   1 
ATOM   1295 C CB  . THR A 1 172 ? -12.440 -14.671 2.974   1.00 33.88  ? 186 THR A CB  1 
ATOM   1296 O OG1 . THR A 1 172 ? -13.852 -14.742 2.795   1.00 33.81  ? 186 THR A OG1 1 
ATOM   1297 C CG2 . THR A 1 172 ? -12.130 -13.839 4.246   1.00 35.23  ? 186 THR A CG2 1 
ATOM   1298 N N   . TYR A 1 173 ? -9.863  -12.638 2.120   1.00 29.76  ? 187 TYR A N   1 
ATOM   1299 C CA  . TYR A 1 173 ? -8.453  -12.348 2.395   1.00 29.38  ? 187 TYR A CA  1 
ATOM   1300 C C   . TYR A 1 173 ? -8.302  -11.864 3.829   1.00 31.06  ? 187 TYR A C   1 
ATOM   1301 O O   . TYR A 1 173 ? -9.177  -11.136 4.333   1.00 29.69  ? 187 TYR A O   1 
ATOM   1302 C CB  . TYR A 1 173 ? -7.960  -11.258 1.457   1.00 29.68  ? 187 TYR A CB  1 
ATOM   1303 C CG  . TYR A 1 173 ? -8.057  -11.608 -0.009  1.00 29.52  ? 187 TYR A CG  1 
ATOM   1304 C CD1 . TYR A 1 173 ? -7.003  -12.248 -0.656  1.00 31.15  ? 187 TYR A CD1 1 
ATOM   1305 C CD2 . TYR A 1 173 ? -9.207  -11.314 -0.750  1.00 31.14  ? 187 TYR A CD2 1 
ATOM   1306 C CE1 . TYR A 1 173 ? -7.083  -12.578 -2.004  1.00 29.85  ? 187 TYR A CE1 1 
ATOM   1307 C CE2 . TYR A 1 173 ? -9.296  -11.627 -2.109  1.00 30.89  ? 187 TYR A CE2 1 
ATOM   1308 C CZ  . TYR A 1 173 ? -8.236  -12.270 -2.730  1.00 31.63  ? 187 TYR A CZ  1 
ATOM   1309 O OH  . TYR A 1 173 ? -8.311  -12.572 -4.078  1.00 30.50  ? 187 TYR A OH  1 
ATOM   1310 N N   . GLN A 1 174 ? -7.194  -12.242 4.472   1.00 28.28  ? 188 GLN A N   1 
ATOM   1311 C CA  . GLN A 1 174 ? -6.861  -11.751 5.806   1.00 30.39  ? 188 GLN A CA  1 
ATOM   1312 C C   . GLN A 1 174 ? -5.829  -10.658 5.674   1.00 28.04  ? 188 GLN A C   1 
ATOM   1313 O O   . GLN A 1 174 ? -4.807  -10.850 5.024   1.00 25.93  ? 188 GLN A O   1 
ATOM   1314 C CB  . GLN A 1 174 ? -6.294  -12.865 6.682   1.00 34.35  ? 188 GLN A CB  1 
ATOM   1315 C CG  . GLN A 1 174 ? -7.285  -13.985 6.933   1.00 38.23  ? 188 GLN A CG  1 
ATOM   1316 C CD  . GLN A 1 174 ? -6.868  -14.860 8.098   1.00 44.07  ? 188 GLN A CD  1 
ATOM   1317 O OE1 . GLN A 1 174 ? -5.671  -15.108 8.322   1.00 48.25  ? 188 GLN A OE1 1 
ATOM   1318 N NE2 . GLN A 1 174 ? -7.847  -15.320 8.860   1.00 47.72  ? 188 GLN A NE2 1 
ATOM   1319 N N   . ILE A 1 175 ? -6.109  -9.520  6.293   1.00 26.92  ? 189 ILE A N   1 
ATOM   1320 C CA  . ILE A 1 175 ? -5.224  -8.366  6.241   1.00 27.16  ? 189 ILE A CA  1 
ATOM   1321 C C   . ILE A 1 175 ? -4.872  -8.011  7.690   1.00 27.27  ? 189 ILE A C   1 
ATOM   1322 O O   . ILE A 1 175 ? -5.759  -7.860  8.535   1.00 27.57  ? 189 ILE A O   1 
ATOM   1323 C CB  . ILE A 1 175 ? -5.874  -7.175  5.515   1.00 26.07  ? 189 ILE A CB  1 
ATOM   1324 C CG1 . ILE A 1 175 ? -6.466  -7.637  4.169   1.00 26.92  ? 189 ILE A CG1 1 
ATOM   1325 C CG2 . ILE A 1 175 ? -4.843  -6.069  5.267   1.00 26.37  ? 189 ILE A CG2 1 
ATOM   1326 C CD1 . ILE A 1 175 ? -7.168  -6.535  3.390   1.00 28.07  ? 189 ILE A CD1 1 
ATOM   1327 N N   . LYS A 1 176 ? -3.582  -7.897  7.972   1.00 28.66  ? 190 LYS A N   1 
ATOM   1328 C CA  . LYS A 1 176 ? -3.157  -7.686  9.349   1.00 29.45  ? 190 LYS A CA  1 
ATOM   1329 C C   . LYS A 1 176 ? -1.888  -6.884  9.437   1.00 27.06  ? 190 LYS A C   1 
ATOM   1330 O O   . LYS A 1 176 ? -1.297  -6.498  8.413   1.00 24.84  ? 190 LYS A O   1 
ATOM   1331 C CB  . LYS A 1 176 ? -3.015  -9.047  10.049  1.00 32.88  ? 190 LYS A CB  1 
ATOM   1332 C CG  . LYS A 1 176 ? -1.912  -9.919  9.510   1.00 36.76  ? 190 LYS A CG  1 
ATOM   1333 C CD  . LYS A 1 176 ? -2.063  -11.386 9.935   1.00 41.15  ? 190 LYS A CD  1 
ATOM   1334 C CE  . LYS A 1 176 ? -0.773  -12.144 9.657   1.00 45.15  ? 190 LYS A CE  1 
ATOM   1335 N NZ  . LYS A 1 176 ? -0.801  -13.572 10.091  1.00 49.13  ? 190 LYS A NZ  1 
ATOM   1336 N N   . GLY A 1 177 ? -1.483  -6.589  10.677  1.00 25.95  ? 191 GLY A N   1 
ATOM   1337 C CA  . GLY A 1 177 ? -0.205  -5.946  10.919  1.00 25.15  ? 191 GLY A CA  1 
ATOM   1338 C C   . GLY A 1 177 ? -0.065  -4.557  10.329  1.00 23.43  ? 191 GLY A C   1 
ATOM   1339 O O   . GLY A 1 177 ? -1.039  -3.800  10.255  1.00 22.45  ? 191 GLY A O   1 
ATOM   1340 N N   . MET A 1 178 ? 1.163   -4.221  9.920   1.00 23.12  ? 192 MET A N   1 
ATOM   1341 C CA  . MET A 1 178 ? 1.459   -2.920  9.323   1.00 24.50  ? 192 MET A CA  1 
ATOM   1342 C C   . MET A 1 178 ? 0.561   -2.633  8.116   1.00 22.03  ? 192 MET A C   1 
ATOM   1343 O O   . MET A 1 178 ? 0.122   -1.508  7.918   1.00 21.40  ? 192 MET A O   1 
ATOM   1344 C CB  . MET A 1 178 ? 2.921   -2.870  8.872   1.00 25.68  ? 192 MET A CB  1 
ATOM   1345 C CG  . MET A 1 178 ? 3.397   -1.524  8.376   1.00 26.55  ? 192 MET A CG  1 
ATOM   1346 S SD  . MET A 1 178 ? 5.019   -1.610  7.562   1.00 29.35  ? 192 MET A SD  1 
ATOM   1347 C CE  . MET A 1 178 ? 4.675   -2.564  6.074   1.00 32.16  ? 192 MET A CE  1 
ATOM   1348 N N   . THR A 1 179 ? 0.314   -3.652  7.312   1.00 21.99  ? 193 THR A N   1 
ATOM   1349 C CA  . THR A 1 179 ? -0.539  -3.508  6.124   1.00 22.23  ? 193 THR A CA  1 
ATOM   1350 C C   . THR A 1 179 ? -1.925  -3.018  6.495   1.00 21.19  ? 193 THR A C   1 
ATOM   1351 O O   . THR A 1 179 ? -2.397  -2.014  5.935   1.00 18.59  ? 193 THR A O   1 
ATOM   1352 C CB  . THR A 1 179 ? -0.597  -4.831  5.356   1.00 22.65  ? 193 THR A CB  1 
ATOM   1353 O OG1 . THR A 1 179 ? 0.737   -5.153  4.962   1.00 22.50  ? 193 THR A OG1 1 
ATOM   1354 C CG2 . THR A 1 179 ? -1.464  -4.695  4.098   1.00 23.69  ? 193 THR A CG2 1 
ATOM   1355 N N   . ALA A 1 180 ? -2.548  -3.687  7.469   1.00 20.36  ? 194 ALA A N   1 
ATOM   1356 C CA  . ALA A 1 180 ? -3.866  -3.275  7.972   1.00 21.01  ? 194 ALA A CA  1 
ATOM   1357 C C   . ALA A 1 180 ? -3.844  -1.895  8.598   1.00 21.08  ? 194 ALA A C   1 
ATOM   1358 O O   . ALA A 1 180 ? -4.759  -1.091  8.383   1.00 20.02  ? 194 ALA A O   1 
ATOM   1359 C CB  . ALA A 1 180 ? -4.439  -4.301  8.939   1.00 21.26  ? 194 ALA A CB  1 
ATOM   1360 N N   . ASN A 1 181 ? -2.784  -1.595  9.351   1.00 21.29  ? 195 ASN A N   1 
ATOM   1361 C CA  . ASN A 1 181 ? -2.655  -0.284  9.971   1.00 21.34  ? 195 ASN A CA  1 
ATOM   1362 C C   . ASN A 1 181 ? -2.543  0.846   8.970   1.00 19.08  ? 195 ASN A C   1 
ATOM   1363 O O   . ASN A 1 181 ? -3.208  1.876   9.135   1.00 17.26  ? 195 ASN A O   1 
ATOM   1364 C CB  . ASN A 1 181 ? -1.495  -0.259  10.996  1.00 24.46  ? 195 ASN A CB  1 
ATOM   1365 C CG  . ASN A 1 181 ? -1.903  -0.906  12.316  1.00 30.23  ? 195 ASN A CG  1 
ATOM   1366 O OD1 . ASN A 1 181 ? -2.282  -0.208  13.276  1.00 44.53  ? 195 ASN A OD1 1 
ATOM   1367 N ND2 . ASN A 1 181 ? -1.888  -2.208  12.368  1.00 32.34  ? 195 ASN A ND2 1 
ATOM   1368 N N   . LEU A 1 182 ? -1.751  0.645   7.918   1.00 17.72  ? 196 LEU A N   1 
ATOM   1369 C CA  . LEU A 1 182 ? -1.598  1.670   6.899   1.00 19.47  ? 196 LEU A CA  1 
ATOM   1370 C C   . LEU A 1 182 ? -2.885  1.882   6.094   1.00 18.25  ? 196 LEU A C   1 
ATOM   1371 O O   . LEU A 1 182 ? -3.195  3.011   5.682   1.00 18.77  ? 196 LEU A O   1 
ATOM   1372 C CB  . LEU A 1 182 ? -0.407  1.369   5.983   1.00 20.50  ? 196 LEU A CB  1 
ATOM   1373 C CG  . LEU A 1 182 ? 0.998   1.553   6.610   1.00 20.89  ? 196 LEU A CG  1 
ATOM   1374 C CD1 . LEU A 1 182 ? 2.126   1.007   5.744   1.00 21.58  ? 196 LEU A CD1 1 
ATOM   1375 C CD2 . LEU A 1 182 ? 1.261   2.993   6.985   1.00 22.65  ? 196 LEU A CD2 1 
ATOM   1376 N N   . ALA A 1 183 ? -3.613  0.801   5.859   1.00 18.78  ? 197 ALA A N   1 
ATOM   1377 C CA  . ALA A 1 183 ? -4.885  0.895   5.114   1.00 19.52  ? 197 ALA A CA  1 
ATOM   1378 C C   . ALA A 1 183 ? -5.882  1.761   5.868   1.00 18.51  ? 197 ALA A C   1 
ATOM   1379 O O   . ALA A 1 183 ? -6.527  2.636   5.290   1.00 18.89  ? 197 ALA A O   1 
ATOM   1380 C CB  . ALA A 1 183 ? -5.443  -0.490  4.855   1.00 19.29  ? 197 ALA A CB  1 
ATOM   1381 N N   . VAL A 1 184 ? -5.977  1.545   7.177   1.00 19.34  ? 198 VAL A N   1 
ATOM   1382 C CA  . VAL A 1 184 ? -6.851  2.376   8.016   1.00 20.19  ? 198 VAL A CA  1 
ATOM   1383 C C   . VAL A 1 184 ? -6.435  3.838   8.003   1.00 19.32  ? 198 VAL A C   1 
ATOM   1384 O O   . VAL A 1 184 ? -7.262  4.739   7.832   1.00 18.66  ? 198 VAL A O   1 
ATOM   1385 C CB  . VAL A 1 184 ? -6.903  1.831   9.458   1.00 20.69  ? 198 VAL A CB  1 
ATOM   1386 C CG1 . VAL A 1 184 ? -7.615  2.822   10.399  1.00 21.43  ? 198 VAL A CG1 1 
ATOM   1387 C CG2 . VAL A 1 184 ? -7.602  0.503   9.456   1.00 21.96  ? 198 VAL A CG2 1 
ATOM   1388 N N   . LEU A 1 185 ? -5.138  4.097   8.160   1.00 19.27  ? 199 LEU A N   1 
ATOM   1389 C CA  . LEU A 1 185 ? -4.634  5.464   8.105   1.00 18.49  ? 199 LEU A CA  1 
ATOM   1390 C C   . LEU A 1 185 ? -5.046  6.213   6.817   1.00 19.23  ? 199 LEU A C   1 
ATOM   1391 O O   . LEU A 1 185 ? -5.577  7.336   6.862   1.00 18.32  ? 199 LEU A O   1 
ATOM   1392 C CB  . LEU A 1 185 ? -3.103  5.466   8.216   1.00 19.47  ? 199 LEU A CB  1 
ATOM   1393 C CG  . LEU A 1 185 ? -2.402  6.832   8.067   1.00 20.38  ? 199 LEU A CG  1 
ATOM   1394 C CD1 . LEU A 1 185 ? -2.852  7.829   9.122   1.00 22.05  ? 199 LEU A CD1 1 
ATOM   1395 C CD2 . LEU A 1 185 ? -0.897  6.645   8.112   1.00 21.99  ? 199 LEU A CD2 1 
ATOM   1396 N N   . VAL A 1 186 ? -4.801  5.578   5.674   1.00 17.92  ? 200 VAL A N   1 
ATOM   1397 C CA  . VAL A 1 186 ? -5.154  6.164   4.393   1.00 19.13  ? 200 VAL A CA  1 
ATOM   1398 C C   . VAL A 1 186 ? -6.676  6.418   4.301   1.00 18.15  ? 200 VAL A C   1 
ATOM   1399 O O   . VAL A 1 186 ? -7.085  7.478   3.863   1.00 19.31  ? 200 VAL A O   1 
ATOM   1400 C CB  . VAL A 1 186 ? -4.692  5.261   3.227   1.00 20.05  ? 200 VAL A CB  1 
ATOM   1401 C CG1 . VAL A 1 186 ? -5.218  5.795   1.915   1.00 21.35  ? 200 VAL A CG1 1 
ATOM   1402 C CG2 . VAL A 1 186 ? -3.177  5.253   3.193   1.00 20.79  ? 200 VAL A CG2 1 
ATOM   1403 N N   . ALA A 1 187 ? -7.488  5.459   4.749   1.00 19.23  ? 201 ALA A N   1 
ATOM   1404 C CA  . ALA A 1 187 ? -8.957  5.634   4.752   1.00 20.60  ? 201 ALA A CA  1 
ATOM   1405 C C   . ALA A 1 187 ? -9.375  6.833   5.610   1.00 20.76  ? 201 ALA A C   1 
ATOM   1406 O O   . ALA A 1 187 ? -10.231 7.637   5.192   1.00 20.81  ? 201 ALA A O   1 
ATOM   1407 C CB  . ALA A 1 187 ? -9.648  4.377   5.220   1.00 20.31  ? 201 ALA A CB  1 
ATOM   1408 N N   . PHE A 1 188 ? -8.804  6.947   6.822   1.00 21.02  ? 202 PHE A N   1 
ATOM   1409 C CA  . PHE A 1 188 ? -9.105  8.114   7.678   1.00 20.73  ? 202 PHE A CA  1 
ATOM   1410 C C   . PHE A 1 188 ? -8.741  9.415   6.978   1.00 20.60  ? 202 PHE A C   1 
ATOM   1411 O O   . PHE A 1 188 ? -9.528  10.344  6.963   1.00 19.33  ? 202 PHE A O   1 
ATOM   1412 C CB  . PHE A 1 188 ? -8.375  8.086   9.043   1.00 21.37  ? 202 PHE A CB  1 
ATOM   1413 C CG  . PHE A 1 188 ? -8.892  7.083   10.043  1.00 22.89  ? 202 PHE A CG  1 
ATOM   1414 C CD1 . PHE A 1 188 ? -10.045 6.339   9.848   1.00 24.46  ? 202 PHE A CD1 1 
ATOM   1415 C CD2 . PHE A 1 188 ? -8.193  6.905   11.252  1.00 25.35  ? 202 PHE A CD2 1 
ATOM   1416 C CE1 . PHE A 1 188 ? -10.486 5.428   10.797  1.00 24.49  ? 202 PHE A CE1 1 
ATOM   1417 C CE2 . PHE A 1 188 ? -8.642  6.004   12.208  1.00 25.19  ? 202 PHE A CE2 1 
ATOM   1418 C CZ  . PHE A 1 188 ? -9.796  5.269   11.986  1.00 24.29  ? 202 PHE A CZ  1 
ATOM   1419 N N   . ILE A 1 189 ? -7.529  9.487   6.419   1.00 18.77  ? 203 ILE A N   1 
ATOM   1420 C CA  . ILE A 1 189 ? -7.045  10.708  5.809   1.00 18.88  ? 203 ILE A CA  1 
ATOM   1421 C C   . ILE A 1 189 ? -7.974  11.182  4.696   1.00 18.69  ? 203 ILE A C   1 
ATOM   1422 O O   . ILE A 1 189 ? -8.357  12.348  4.656   1.00 18.34  ? 203 ILE A O   1 
ATOM   1423 C CB  . ILE A 1 189 ? -5.592  10.551  5.261   1.00 18.09  ? 203 ILE A CB  1 
ATOM   1424 C CG1 . ILE A 1 189 ? -4.593  10.498  6.435   1.00 19.97  ? 203 ILE A CG1 1 
ATOM   1425 C CG2 . ILE A 1 189 ? -5.228  11.688  4.321   1.00 18.38  ? 203 ILE A CG2 1 
ATOM   1426 C CD1 . ILE A 1 189 ? -3.179  10.062  6.040   1.00 20.59  ? 203 ILE A CD1 1 
ATOM   1427 N N   . ILE A 1 190 ? -8.360  10.251  3.838   1.00 19.12  ? 204 ILE A N   1 
ATOM   1428 C CA  . ILE A 1 190 ? -9.096  10.589  2.613   1.00 20.02  ? 204 ILE A CA  1 
ATOM   1429 C C   . ILE A 1 190 ? -10.606 10.718  2.855   1.00 19.23  ? 204 ILE A C   1 
ATOM   1430 O O   . ILE A 1 190 ? -11.223 11.577  2.265   1.00 20.59  ? 204 ILE A O   1 
ATOM   1431 C CB  . ILE A 1 190 ? -8.804  9.547   1.513   1.00 20.16  ? 204 ILE A CB  1 
ATOM   1432 C CG1 . ILE A 1 190 ? -7.305  9.609   1.125   1.00 20.25  ? 204 ILE A CG1 1 
ATOM   1433 C CG2 . ILE A 1 190 ? -9.724  9.751   0.308   1.00 21.83  ? 204 ILE A CG2 1 
ATOM   1434 C CD1 . ILE A 1 190 ? -6.888  8.583   0.079   1.00 21.33  ? 204 ILE A CD1 1 
ATOM   1435 N N   . LEU A 1 191 ? -11.175 9.880   3.710   1.00 19.60  ? 205 LEU A N   1 
ATOM   1436 C CA  . LEU A 1 191 ? -12.636 9.783   3.842   1.00 20.77  ? 205 LEU A CA  1 
ATOM   1437 C C   . LEU A 1 191 ? -13.266 10.490  5.044   1.00 23.38  ? 205 LEU A C   1 
ATOM   1438 O O   . LEU A 1 191 ? -14.488 10.643  5.079   1.00 22.43  ? 205 LEU A O   1 
ATOM   1439 C CB  . LEU A 1 191 ? -13.058 8.328   3.845   1.00 20.98  ? 205 LEU A CB  1 
ATOM   1440 C CG  . LEU A 1 191 ? -12.621 7.512   2.621   1.00 21.67  ? 205 LEU A CG  1 
ATOM   1441 C CD1 . LEU A 1 191 ? -13.007 6.069   2.866   1.00 21.68  ? 205 LEU A CD1 1 
ATOM   1442 C CD2 . LEU A 1 191 ? -13.235 8.041   1.341   1.00 22.85  ? 205 LEU A CD2 1 
ATOM   1443 N N   . GLU A 1 192 ? -12.475 10.885  6.045   1.00 22.88  ? 206 GLU A N   1 
ATOM   1444 C CA  . GLU A 1 192 ? -13.077 11.566  7.213   1.00 26.25  ? 206 GLU A CA  1 
ATOM   1445 C C   . GLU A 1 192 ? -13.744 12.900  6.833   1.00 26.57  ? 206 GLU A C   1 
ATOM   1446 O O   . GLU A 1 192 ? -13.290 13.624  5.931   1.00 26.79  ? 206 GLU A O   1 
ATOM   1447 C CB  . GLU A 1 192 ? -12.049 11.816  8.318   1.00 26.70  ? 206 GLU A CB  1 
ATOM   1448 C CG  . GLU A 1 192 ? -11.064 12.916  7.963   1.00 29.11  ? 206 GLU A CG  1 
ATOM   1449 C CD  . GLU A 1 192 ? -10.197 13.387  9.125   1.00 34.30  ? 206 GLU A CD  1 
ATOM   1450 O OE1 . GLU A 1 192 ? -10.535 13.107  10.296  1.00 34.74  ? 206 GLU A OE1 1 
ATOM   1451 O OE2 . GLU A 1 192 ? -9.179  14.055  8.832   1.00 37.07  ? 206 GLU A OE2 1 
ATOM   1452 N N   . LYS A 1 193 ? -14.825 13.228  7.529   1.00 28.64  ? 207 LYS A N   1 
ATOM   1453 C CA  . LYS A 1 193 ? -15.447 14.548  7.414   1.00 31.51  ? 207 LYS A CA  1 
ATOM   1454 C C   . LYS A 1 193 ? -15.763 14.922  5.985   1.00 32.76  ? 207 LYS A C   1 
ATOM   1455 O O   . LYS A 1 193 ? -15.230 15.897  5.467   1.00 33.64  ? 207 LYS A O   1 
ATOM   1456 C CB  . LYS A 1 193 ? -14.572 15.639  8.041   1.00 37.18  ? 207 LYS A CB  1 
ATOM   1457 C CG  . LYS A 1 193 ? -14.208 15.452  9.505   1.00 42.25  ? 207 LYS A CG  1 
ATOM   1458 C CD  . LYS A 1 193 ? -13.318 16.632  9.930   1.00 46.33  ? 207 LYS A CD  1 
ATOM   1459 C CE  . LYS A 1 193 ? -12.386 16.292  11.088  1.00 50.00  ? 207 LYS A CE  1 
ATOM   1460 N NZ  . LYS A 1 193 ? -11.186 17.191  11.099  1.00 52.39  ? 207 LYS A NZ  1 
ATOM   1461 N N   . LYS A 1 194 ? -16.604 14.123  5.337   1.00 35.49  ? 208 LYS A N   1 
ATOM   1462 C CA  . LYS A 1 194 ? -17.045 14.405  3.964   1.00 43.37  ? 208 LYS A CA  1 
ATOM   1463 C C   . LYS A 1 194 ? -18.563 14.513  3.894   1.00 44.65  ? 208 LYS A C   1 
ATOM   1464 O O   . LYS A 1 194 ? -19.255 13.643  4.429   1.00 39.93  ? 208 LYS A O   1 
ATOM   1465 C CB  . LYS A 1 194 ? -16.572 13.303  3.020   1.00 45.11  ? 208 LYS A CB  1 
ATOM   1466 C CG  . LYS A 1 194 ? -15.064 13.282  2.845   1.00 51.72  ? 208 LYS A CG  1 
ATOM   1467 C CD  . LYS A 1 194 ? -14.624 13.707  1.458   1.00 56.06  ? 208 LYS A CD  1 
ATOM   1468 C CE  . LYS A 1 194 ? -14.959 12.634  0.430   1.00 57.98  ? 208 LYS A CE  1 
ATOM   1469 N NZ  . LYS A 1 194 ? -13.965 12.647  -0.666  1.00 61.57  ? 208 LYS A NZ  1 
ATOM   1470 N N   . PRO A 1 195 ? -19.084 15.563  3.223   1.00 51.99  ? 209 PRO A N   1 
ATOM   1471 C CA  . PRO A 1 195 ? -20.525 15.575  2.934   1.00 55.22  ? 209 PRO A CA  1 
ATOM   1472 C C   . PRO A 1 195 ? -20.911 14.438  1.984   1.00 58.79  ? 209 PRO A C   1 
ATOM   1473 O O   . PRO A 1 195 ? -20.095 14.032  1.152   1.00 61.85  ? 209 PRO A O   1 
ATOM   1474 C CB  . PRO A 1 195 ? -20.754 16.940  2.262   1.00 55.49  ? 209 PRO A CB  1 
ATOM   1475 C CG  . PRO A 1 195 ? -19.527 17.748  2.519   1.00 56.94  ? 209 PRO A CG  1 
ATOM   1476 C CD  . PRO A 1 195 ? -18.406 16.776  2.719   1.00 55.25  ? 209 PRO A CD  1 
ATOM   1477 N N   . THR A 1 196 ? -22.130 13.923  2.123   1.00 62.40  ? 210 THR A N   1 
ATOM   1478 C CA  . THR A 1 196 ? -22.669 12.925  1.192   1.00 66.99  ? 210 THR A CA  1 
ATOM   1479 C C   . THR A 1 196 ? -23.335 13.620  -0.006  1.00 68.83  ? 210 THR A C   1 
ATOM   1480 O O   . THR A 1 196 ? -23.098 13.263  -1.165  1.00 68.43  ? 210 THR A O   1 
ATOM   1481 C CB  . THR A 1 196 ? -23.682 12.001  1.892   1.00 67.24  ? 210 THR A CB  1 
ATOM   1482 O OG1 . THR A 1 196 ? -24.795 12.775  2.354   1.00 71.45  ? 210 THR A OG1 1 
ATOM   1483 C CG2 . THR A 1 196 ? -23.033 11.300  3.082   1.00 68.15  ? 210 THR A CG2 1 
HETATM 1484 C C   . ACT B 2 .   ? -4.544  -14.433 2.929   1.00 49.38  ? 301 ACT A C   1 
HETATM 1485 O O   . ACT B 2 .   ? -4.256  -14.276 1.718   1.00 51.07  ? 301 ACT A O   1 
HETATM 1486 O OXT . ACT B 2 .   ? -5.704  -14.268 3.343   1.00 42.29  ? 301 ACT A OXT 1 
HETATM 1487 C CH3 . ACT B 2 .   ? -3.476  -14.825 3.912   1.00 49.17  ? 301 ACT A CH3 1 
HETATM 1488 C C   . ACT C 2 .   ? 2.696   10.876  -13.219 1.00 62.61  ? 302 ACT A C   1 
HETATM 1489 O O   . ACT C 2 .   ? 3.851   10.580  -12.876 1.00 66.83  ? 302 ACT A O   1 
HETATM 1490 O OXT . ACT C 2 .   ? 1.894   10.000  -13.596 1.00 68.56  ? 302 ACT A OXT 1 
HETATM 1491 C CH3 . ACT C 2 .   ? 2.272   12.313  -13.190 1.00 63.86  ? 302 ACT A CH3 1 
HETATM 1492 S S   . DMS D 3 .   ? 0.061   -2.801  -17.662 1.00 58.23  ? 303 DMS A S   1 
HETATM 1493 O O   . DMS D 3 .   ? -1.160  -2.023  -17.314 1.00 39.68  ? 303 DMS A O   1 
HETATM 1494 C C1  . DMS D 3 .   ? 1.337   -1.762  -18.149 1.00 56.24  ? 303 DMS A C1  1 
HETATM 1495 C C2  . DMS D 3 .   ? 0.849   -3.484  -16.303 1.00 54.09  ? 303 DMS A C2  1 
HETATM 1496 S S   . DMS E 3 .   ? -5.834  8.696   -14.781 1.00 56.26  ? 304 DMS A S   1 
HETATM 1497 O O   . DMS E 3 .   ? -6.518  7.453   -14.347 1.00 40.24  ? 304 DMS A O   1 
HETATM 1498 C C1  . DMS E 3 .   ? -6.757  9.588   -15.908 1.00 51.89  ? 304 DMS A C1  1 
HETATM 1499 C C2  . DMS E 3 .   ? -5.841  9.795   -13.465 1.00 56.82  ? 304 DMS A C2  1 
HETATM 1500 N N1  . H0M F 4 .   ? 6.108   -6.390  -0.730  0.44 30.34  ? 305 H0M A N1  1 
HETATM 1501 C C4  . H0M F 4 .   ? 7.057   -8.355  -1.874  0.44 27.97  ? 305 H0M A C4  1 
HETATM 1502 C C5  . H0M F 4 .   ? 6.830   -9.388  -2.751  0.44 27.62  ? 305 H0M A C5  1 
HETATM 1503 C C6  . H0M F 4 .   ? 5.599   -9.519  -3.342  0.44 28.03  ? 305 H0M A C6  1 
HETATM 1504 C C7  . H0M F 4 .   ? 4.622   -8.604  -3.030  0.44 26.93  ? 305 H0M A C7  1 
HETATM 1505 C C8  . H0M F 4 .   ? 7.007   -4.728  2.140   0.44 34.06  ? 305 H0M A C8  1 
HETATM 1506 C C10 . H0M F 4 .   ? 7.986   -4.384  4.302   0.44 33.04  ? 305 H0M A C10 1 
HETATM 1507 C C13 . H0M F 4 .   ? 5.849   -5.184  2.753   0.44 32.83  ? 305 H0M A C13 1 
HETATM 1508 C C1  . H0M F 4 .   ? 7.077   -4.661  0.643   0.44 33.25  ? 305 H0M A C1  1 
HETATM 1509 C C2  . H0M F 4 .   ? 7.178   -6.033  0.021   0.44 33.55  ? 305 H0M A C2  1 
HETATM 1510 C C3  . H0M F 4 .   ? 6.005   -7.478  -1.611  0.44 29.32  ? 305 H0M A C3  1 
HETATM 1511 N N2  . H0M F 4 .   ? 4.798   -7.585  -2.179  0.44 27.60  ? 305 H0M A N2  1 
HETATM 1512 O O1  . H0M F 4 .   ? 8.175   -6.730  0.164   0.44 34.36  ? 305 H0M A O1  1 
HETATM 1513 C C9  . H0M F 4 .   ? 8.075   -4.324  2.925   0.44 34.27  ? 305 H0M A C9  1 
HETATM 1514 C C11 . H0M F 4 .   ? 6.834   -4.854  4.909   0.44 33.72  ? 305 H0M A C11 1 
HETATM 1515 C C12 . H0M F 4 .   ? 5.757   -5.248  4.130   0.44 32.13  ? 305 H0M A C12 1 
HETATM 1516 O O2  . H0M F 4 .   ? 4.600   -5.729  4.674   0.44 32.14  ? 305 H0M A O2  1 
HETATM 1517 O O   . HOH G 5 .   ? 16.372  12.194  7.430   1.00 31.90  ? 401 HOH A O   1 
HETATM 1518 O O   . HOH G 5 .   ? 4.393   -8.543  -14.031 1.00 49.27  ? 402 HOH A O   1 
HETATM 1519 O O   . HOH G 5 .   ? -3.461  8.695   -17.847 1.00 41.83  ? 403 HOH A O   1 
HETATM 1520 O O   . HOH G 5 .   ? -3.369  1.825   14.082  1.00 33.28  ? 404 HOH A O   1 
HETATM 1521 O O   . HOH G 5 .   ? -14.512 13.760  -2.829  1.00 46.39  ? 405 HOH A O   1 
HETATM 1522 O O   . HOH G 5 .   ? 14.829  2.834   15.295  1.00 25.23  ? 406 HOH A O   1 
HETATM 1523 O O   . HOH G 5 .   ? -3.981  -6.198  16.405  1.00 62.28  ? 407 HOH A O   1 
HETATM 1524 O O   . HOH G 5 .   ? 16.895  13.299  4.969   1.00 42.79  ? 408 HOH A O   1 
HETATM 1525 O O   . HOH G 5 .   ? -5.671  18.312  -5.487  1.00 40.31  ? 409 HOH A O   1 
HETATM 1526 O O   . HOH G 5 .   ? -12.354 12.238  11.914  1.00 40.00  ? 410 HOH A O   1 
HETATM 1527 O O   . HOH G 5 .   ? -2.990  -7.003  13.066  1.00 40.66  ? 411 HOH A O   1 
HETATM 1528 O O   . HOH G 5 .   ? -17.299 -2.576  5.633   1.00 41.43  ? 412 HOH A O   1 
HETATM 1529 O O   . HOH G 5 .   ? -11.815 11.772  -2.537  1.00 31.66  ? 413 HOH A O   1 
HETATM 1530 O O   . HOH G 5 .   ? -2.174  -4.371  13.799  1.00 41.41  ? 414 HOH A O   1 
HETATM 1531 O O   . HOH G 5 .   ? 3.190   -17.453 -6.903  1.00 43.86  ? 415 HOH A O   1 
HETATM 1532 O O   . HOH G 5 .   ? -7.900  14.291  6.554   1.00 25.74  ? 416 HOH A O   1 
HETATM 1533 O O   . HOH G 5 .   ? -10.608 -12.217 -5.426  1.00 38.86  ? 417 HOH A O   1 
HETATM 1534 O O   . HOH G 5 .   ? 19.541  -1.372  0.947   1.00 49.53  ? 418 HOH A O   1 
HETATM 1535 O O   . HOH G 5 .   ? 15.459  -4.323  -3.895  1.00 39.00  ? 419 HOH A O   1 
HETATM 1536 O O   . HOH G 5 .   ? 10.634  -6.986  1.208   1.00 59.04  ? 420 HOH A O   1 
HETATM 1537 O O   . HOH G 5 .   ? -3.377  20.154  0.530   1.00 36.58  ? 421 HOH A O   1 
HETATM 1538 O O   . HOH G 5 .   ? -15.951 -2.660  12.177  1.00 44.49  ? 422 HOH A O   1 
HETATM 1539 O O   . HOH G 5 .   ? 20.794  -2.177  4.492   1.00 39.17  ? 423 HOH A O   1 
HETATM 1540 O O   . HOH G 5 .   ? -17.518 1.898   5.194   1.00 40.68  ? 424 HOH A O   1 
HETATM 1541 O O   . HOH G 5 .   ? 17.900  -2.776  -9.470  1.00 29.93  ? 425 HOH A O   1 
HETATM 1542 O O   . HOH G 5 .   ? 20.889  3.601   5.343   1.00 33.30  ? 426 HOH A O   1 
HETATM 1543 O O   . HOH G 5 .   ? 14.955  3.052   -8.990  1.00 29.24  ? 427 HOH A O   1 
HETATM 1544 O O   . HOH G 5 .   ? 19.782  4.194   -3.343  1.00 27.90  ? 428 HOH A O   1 
HETATM 1545 O O   . HOH G 5 .   ? 0.848   -15.117 -9.655  1.00 34.93  ? 429 HOH A O   1 
HETATM 1546 O O   . HOH G 5 .   ? -15.449 13.342  -8.314  1.00 44.47  ? 430 HOH A O   1 
HETATM 1547 O O   . HOH G 5 .   ? -10.259 14.498  -11.202 1.00 40.49  ? 431 HOH A O   1 
HETATM 1548 O O   . HOH G 5 .   ? -4.275  6.019   -19.276 1.00 32.70  ? 432 HOH A O   1 
HETATM 1549 O O   . HOH G 5 .   ? 16.378  1.749   -10.689 1.00 36.75  ? 433 HOH A O   1 
HETATM 1550 O O   . HOH G 5 .   ? -1.384  -8.819  6.106   1.00 26.10  ? 434 HOH A O   1 
HETATM 1551 O O   . HOH G 5 .   ? 4.464   -3.803  -17.185 1.00 42.48  ? 435 HOH A O   1 
HETATM 1552 O O   . HOH G 5 .   ? 6.155   1.592   -10.643 1.00 30.12  ? 436 HOH A O   1 
HETATM 1553 O O   . HOH G 5 .   ? -5.354  -15.751 -3.446  1.00 48.52  ? 437 HOH A O   1 
HETATM 1554 O O   . HOH G 5 .   ? 1.784   -6.306  7.210   1.00 26.46  ? 438 HOH A O   1 
HETATM 1555 O O   . HOH G 5 .   ? 15.118  15.941  8.692   1.00 40.49  ? 439 HOH A O   1 
HETATM 1556 O O   . HOH G 5 .   ? -18.025 -0.957  12.122  1.00 48.51  ? 440 HOH A O   1 
HETATM 1557 O O   . HOH G 5 .   ? -2.539  10.806  -11.692 1.00 34.52  ? 441 HOH A O   1 
HETATM 1558 O O   . HOH G 5 .   ? -21.165 13.606  6.407   1.00 31.15  ? 442 HOH A O   1 
HETATM 1559 O O   . HOH G 5 .   ? 19.280  9.811   1.866   1.00 83.66  ? 443 HOH A O   1 
HETATM 1560 O O   . HOH G 5 .   ? 5.808   8.102   -11.223 1.00 40.40  ? 444 HOH A O   1 
HETATM 1561 O O   . HOH G 5 .   ? -2.196  -11.635 5.470   1.00 32.68  ? 445 HOH A O   1 
HETATM 1562 O O   . HOH G 5 .   ? 12.993  3.754   4.126   1.00 21.83  ? 446 HOH A O   1 
HETATM 1563 O O   . HOH G 5 .   ? -11.093 13.077  -0.055  1.00 27.66  ? 447 HOH A O   1 
HETATM 1564 O O   . HOH G 5 .   ? -12.030 -15.659 -8.819  1.00 33.65  ? 448 HOH A O   1 
HETATM 1565 O O   . HOH G 5 .   ? 8.500   -14.888 -12.808 1.00 47.61  ? 449 HOH A O   1 
HETATM 1566 O O   . HOH G 5 .   ? -16.707 -4.735  -1.194  1.00 39.11  ? 450 HOH A O   1 
HETATM 1567 O O   . HOH G 5 .   ? 1.839   15.973  -4.194  1.00 45.00  ? 451 HOH A O   1 
HETATM 1568 O O   . HOH G 5 .   ? -8.264  -15.948 3.967   1.00 56.95  ? 452 HOH A O   1 
HETATM 1569 O O   . HOH G 5 .   ? 13.346  2.923   1.501   1.00 24.17  ? 453 HOH A O   1 
HETATM 1570 O O   . HOH G 5 .   ? -6.325  -0.011  -12.570 1.00 47.96  ? 454 HOH A O   1 
HETATM 1571 O O   . HOH G 5 .   ? -10.969 -8.086  -4.084  1.00 52.46  ? 455 HOH A O   1 
HETATM 1572 O O   . HOH G 5 .   ? 12.108  3.583   -9.554  1.00 27.53  ? 456 HOH A O   1 
HETATM 1573 O O   . HOH G 5 .   ? -9.654  17.724  -0.114  1.00 43.43  ? 457 HOH A O   1 
HETATM 1574 O O   . HOH G 5 .   ? -7.701  4.968   -10.910 1.00 31.47  ? 458 HOH A O   1 
HETATM 1575 O O   . HOH G 5 .   ? 6.991   12.847  -0.283  1.00 54.94  ? 459 HOH A O   1 
HETATM 1576 O O   . HOH G 5 .   ? -1.941  8.222   -12.064 1.00 35.00  ? 460 HOH A O   1 
HETATM 1577 O O   . HOH G 5 .   ? -5.274  -4.727  -11.901 1.00 43.07  ? 461 HOH A O   1 
HETATM 1578 O O   . HOH G 5 .   ? 7.072   3.118   13.880  1.00 32.29  ? 462 HOH A O   1 
HETATM 1579 O O   . HOH G 5 .   ? -15.917 -6.821  13.212  1.00 44.84  ? 463 HOH A O   1 
HETATM 1580 O O   . HOH G 5 .   ? 11.187  10.812  5.131   1.00 36.95  ? 464 HOH A O   1 
HETATM 1581 O O   . HOH G 5 .   ? 11.874  9.151   -7.548  1.00 40.40  ? 465 HOH A O   1 
HETATM 1582 O O   . HOH G 5 .   ? 17.312  -5.685  5.990   1.00 54.74  ? 466 HOH A O   1 
HETATM 1583 O O   . HOH G 5 .   ? -16.280 9.819   3.065   1.00 28.37  ? 467 HOH A O   1 
HETATM 1584 O O   . HOH G 5 .   ? -15.779 -2.346  -5.115  1.00 54.90  ? 468 HOH A O   1 
HETATM 1585 O O   . HOH G 5 .   ? -11.571 1.673   11.396  1.00 32.39  ? 469 HOH A O   1 
HETATM 1586 O O   . HOH G 5 .   ? -11.673 12.915  -9.683  1.00 37.43  ? 470 HOH A O   1 
HETATM 1587 O O   . HOH G 5 .   ? -15.245 -11.038 5.369   1.00 47.73  ? 471 HOH A O   1 
HETATM 1588 O O   . HOH G 5 .   ? -0.022  19.929  7.067   1.00 43.66  ? 472 HOH A O   1 
HETATM 1589 O O   . HOH G 5 .   ? 5.025   10.180  -9.406  1.00 33.69  ? 473 HOH A O   1 
HETATM 1590 O O   . HOH G 5 .   ? 13.208  -6.394  -1.385  1.00 32.09  ? 474 HOH A O   1 
HETATM 1591 O O   . HOH G 5 .   ? 0.172   -13.273 -13.798 1.00 42.97  ? 475 HOH A O   1 
HETATM 1592 O O   . HOH G 5 .   ? 17.081  9.217   0.776   1.00 56.13  ? 476 HOH A O   1 
HETATM 1593 O O   . HOH G 5 .   ? 2.663   -3.858  3.308   1.00 23.85  ? 477 HOH A O   1 
HETATM 1594 O O   . HOH G 5 .   ? 11.480  -2.769  -11.766 1.00 34.32  ? 478 HOH A O   1 
HETATM 1595 O O   . HOH G 5 .   ? -16.654 1.889   -1.073  1.00 38.83  ? 479 HOH A O   1 
HETATM 1596 O O   . HOH G 5 .   ? 16.041  6.356   6.679   1.00 23.53  ? 480 HOH A O   1 
HETATM 1597 O O   . HOH G 5 .   ? -12.134 -10.101 -8.533  1.00 37.61  ? 481 HOH A O   1 
HETATM 1598 O O   . HOH G 5 .   ? 2.680   -18.968 -4.481  1.00 47.89  ? 482 HOH A O   1 
HETATM 1599 O O   . HOH G 5 .   ? 20.104  -2.644  16.464  1.00 52.51  ? 483 HOH A O   1 
HETATM 1600 O O   . HOH G 5 .   ? 14.251  9.512   -0.022  1.00 33.24  ? 484 HOH A O   1 
HETATM 1601 O O   . HOH G 5 .   ? -1.891  3.084   -18.274 1.00 40.95  ? 485 HOH A O   1 
HETATM 1602 O O   . HOH G 5 .   ? 19.057  -4.052  -2.002  1.00 38.39  ? 486 HOH A O   1 
HETATM 1603 O O   . HOH G 5 .   ? -14.262 3.225   -0.894  1.00 23.05  ? 487 HOH A O   1 
HETATM 1604 O O   . HOH G 5 .   ? 11.926  8.147   4.297   1.00 44.16  ? 488 HOH A O   1 
HETATM 1605 O O   . HOH G 5 .   ? -11.856 -17.702 0.745   1.00 40.94  ? 489 HOH A O   1 
HETATM 1606 O O   . HOH G 5 .   ? -9.759  -7.453  -6.849  1.00 30.98  ? 490 HOH A O   1 
HETATM 1607 O O   . HOH G 5 .   ? -14.027 6.687   -2.252  1.00 29.26  ? 491 HOH A O   1 
HETATM 1608 O O   . HOH G 5 .   ? 19.263  -0.052  3.345   1.00 32.19  ? 492 HOH A O   1 
HETATM 1609 O O   . HOH G 5 .   ? -6.131  -1.513  -19.929 1.00 57.98  ? 493 HOH A O   1 
HETATM 1610 O O   . HOH G 5 .   ? 23.568  2.773   11.289  1.00 44.93  ? 494 HOH A O   1 
HETATM 1611 O O   . HOH G 5 .   ? 3.177   -6.322  10.474  1.00 36.96  ? 495 HOH A O   1 
HETATM 1612 O O   . HOH G 5 .   ? 10.904  1.811   -15.610 1.00 62.27  ? 496 HOH A O   1 
HETATM 1613 O O   . HOH G 5 .   ? 11.340  -13.110 1.572   1.00 54.43  ? 497 HOH A O   1 
HETATM 1614 O O   . HOH G 5 .   ? 13.664  13.160  -3.249  1.00 57.90  ? 498 HOH A O   1 
HETATM 1615 O O   . HOH G 5 .   ? 12.619  -15.567 -0.454  1.00 57.31  ? 499 HOH A O   1 
HETATM 1616 O O   . HOH G 5 .   ? 2.495   -9.476  5.129   1.00 64.93  ? 500 HOH A O   1 
HETATM 1617 O O   . HOH G 5 .   ? 6.739   -7.340  -13.939 1.00 51.46  ? 501 HOH A O   1 
HETATM 1618 O O   . HOH G 5 .   ? -18.890 10.794  3.453   1.00 35.57  ? 502 HOH A O   1 
HETATM 1619 O O   . HOH G 5 .   ? 7.832   2.057   -18.881 1.00 51.86  ? 503 HOH A O   1 
HETATM 1620 O O   . HOH G 5 .   ? -16.064 -8.271  3.455   1.00 37.66  ? 504 HOH A O   1 
HETATM 1621 O O   . HOH G 5 .   ? 11.277  9.948   -2.093  1.00 31.08  ? 505 HOH A O   1 
HETATM 1622 O O   . HOH G 5 .   ? 17.914  10.082  -1.556  1.00 46.98  ? 506 HOH A O   1 
HETATM 1623 O O   . HOH G 5 .   ? 11.180  2.087   -11.573 1.00 49.61  ? 507 HOH A O   1 
HETATM 1624 O O   . HOH G 5 .   ? 9.827   -3.860  16.193  1.00 41.16  ? 508 HOH A O   1 
HETATM 1625 O O   . HOH G 5 .   ? 20.806  0.720   11.747  1.00 49.75  ? 509 HOH A O   1 
HETATM 1626 O O   . HOH G 5 .   ? 15.187  -4.604  -9.169  1.00 44.15  ? 510 HOH A O   1 
HETATM 1627 O O   . HOH G 5 .   ? 20.121  -0.192  15.311  1.00 36.98  ? 511 HOH A O   1 
HETATM 1628 O O   . HOH G 5 .   ? -10.788 2.946   -20.516 1.00 51.55  ? 512 HOH A O   1 
HETATM 1629 O O   . HOH G 5 .   ? -13.364 3.506   12.070  1.00 47.64  ? 513 HOH A O   1 
HETATM 1630 O O   . HOH G 5 .   ? -1.016  7.979   -14.359 1.00 47.36  ? 514 HOH A O   1 
HETATM 1631 O O   . HOH G 5 .   ? -1.937  -13.747 7.069   1.00 59.03  ? 515 HOH A O   1 
HETATM 1632 O O   . HOH G 5 .   ? 7.040   4.291   -17.554 1.00 58.58  ? 516 HOH A O   1 
HETATM 1633 O O   . HOH G 5 .   ? -10.578 2.161   -17.501 1.00 56.45  ? 517 HOH A O   1 
HETATM 1634 O O   . HOH G 5 .   ? 1.033   -8.721  7.811   1.00 37.46  ? 518 HOH A O   1 
HETATM 1635 O O   . HOH G 5 .   ? 8.229   0.861   16.734  1.00 44.05  ? 519 HOH A O   1 
HETATM 1636 O O   . HOH G 5 .   ? 12.353  0.274   -12.859 1.00 61.42  ? 520 HOH A O   1 
HETATM 1637 O O   . HOH G 5 .   ? -3.021  20.543  -2.312  1.00 52.18  ? 521 HOH A O   1 
HETATM 1638 O O   . HOH G 5 .   ? 20.516  6.166   4.573   1.00 54.18  ? 522 HOH A O   1 
HETATM 1639 O O   . HOH G 5 .   ? -5.153  17.733  8.085   1.00 44.57  ? 523 HOH A O   1 
HETATM 1640 O O   . HOH G 5 .   ? -13.624 9.628   -2.096  1.00 43.43  ? 524 HOH A O   1 
HETATM 1641 O O   . HOH G 5 .   ? 19.614  7.111   2.364   1.00 63.48  ? 525 HOH A O   1 
HETATM 1642 O O   . HOH G 5 .   ? -17.650 -3.138  -3.520  1.00 48.68  ? 526 HOH A O   1 
HETATM 1643 O O   . HOH G 5 .   ? -11.815 15.821  0.522   1.00 58.13  ? 527 HOH A O   1 
HETATM 1644 O O   . HOH G 5 .   ? 10.672  -4.708  -13.439 1.00 49.94  ? 528 HOH A O   1 
HETATM 1645 O O   . HOH G 5 .   ? -23.292 14.955  5.181   1.00 41.65  ? 529 HOH A O   1 
HETATM 1646 O O   . HOH G 5 .   ? -1.612  -14.604 -10.362 1.00 39.08  ? 530 HOH A O   1 
HETATM 1647 O O   . HOH G 5 .   ? 15.526  12.594  -6.629  1.00 58.51  ? 531 HOH A O   1 
HETATM 1648 O O   . HOH G 5 .   ? 21.642  0.145   -1.169  1.00 43.49  ? 532 HOH A O   1 
HETATM 1649 O O   . HOH G 5 .   ? 11.245  10.519  0.918   1.00 43.74  ? 533 HOH A O   1 
HETATM 1650 O O   . HOH G 5 .   ? 8.703   -6.156  7.086   1.00 79.02  ? 534 HOH A O   1 
HETATM 1651 O O   . HOH G 5 .   ? -21.064 -8.265  -7.803  1.00 59.73  ? 535 HOH A O   1 
HETATM 1652 O O   . HOH G 5 .   ? -25.618 14.012  5.600   1.00 39.96  ? 536 HOH A O   1 
HETATM 1653 O O   . HOH G 5 .   ? -19.859 -15.026 -4.015  1.00 50.75  ? 537 HOH A O   1 
HETATM 1654 O O   . HOH G 5 .   ? 0.234   -9.267  12.465  1.00 59.47  ? 538 HOH A O   1 
HETATM 1655 O O   . HOH G 5 .   ? 20.450  2.288   3.066   1.00 52.83  ? 539 HOH A O   1 
HETATM 1656 O O   . HOH G 5 .   ? -19.040 1.349   13.986  1.00 50.55  ? 540 HOH A O   1 
HETATM 1657 O O   . HOH G 5 .   ? -7.940  19.093  1.739   1.00 47.98  ? 541 HOH A O   1 
HETATM 1658 O O   . HOH G 5 .   ? -0.975  20.542  1.649   1.00 55.86  ? 542 HOH A O   1 
HETATM 1659 O O   . HOH G 5 .   ? 2.028   8.859   -20.107 1.00 42.86  ? 543 HOH A O   1 
HETATM 1660 O O   . HOH G 5 .   ? 6.022   12.585  -2.882  1.00 49.47  ? 544 HOH A O   1 
HETATM 1661 O O   . HOH G 5 .   ? 6.120   -5.474  8.323   1.00 60.26  ? 545 HOH A O   1 
HETATM 1662 O O   . HOH G 5 .   ? -17.257 -0.539  0.855   1.00 44.19  ? 546 HOH A O   1 
HETATM 1663 O O   . HOH G 5 .   ? 1.819   -8.922  10.393  1.00 41.84  ? 547 HOH A O   1 
HETATM 1664 O O   . HOH G 5 .   ? 10.066  -9.936  -3.103  1.00 85.39  ? 548 HOH A O   1 
HETATM 1665 O O   . HOH G 5 .   ? 11.229  -5.977  6.654   1.00 59.36  ? 549 HOH A O   1 
HETATM 1666 O O   . HOH G 5 .   ? 3.822   -2.431  12.727  1.00 57.51  ? 550 HOH A O   1 
HETATM 1667 O O   . HOH G 5 .   ? 9.279   11.429  -3.185  1.00 56.24  ? 551 HOH A O   1 
HETATM 1668 O O   . HOH G 5 .   ? -16.514 -2.801  1.285   1.00 39.68  ? 552 HOH A O   1 
HETATM 1669 O O   . HOH G 5 .   ? 13.985  -3.697  -11.450 1.00 42.75  ? 553 HOH A O   1 
HETATM 1670 O O   . HOH G 5 .   ? 2.388   -6.513  13.484  1.00 67.28  ? 554 HOH A O   1 
HETATM 1671 O O   . HOH G 5 .   ? -18.582 3.423   -0.253  1.00 49.49  ? 555 HOH A O   1 
HETATM 1672 O O   . HOH G 5 .   ? 15.322  -14.815 0.625   1.00 63.27  ? 556 HOH A O   1 
HETATM 1673 O O   . HOH G 5 .   ? -15.750 5.742   -0.222  1.00 42.77  ? 557 HOH A O   1 
HETATM 1674 O O   . HOH G 5 .   ? 18.784  -2.544  -11.911 1.00 48.42  ? 558 HOH A O   1 
HETATM 1675 O O   . HOH G 5 .   ? -17.756 -3.735  3.458   1.00 46.07  ? 559 HOH A O   1 
HETATM 1676 O O   . HOH G 5 .   ? -16.652 6.824   2.649   1.00 34.89  ? 560 HOH A O   1 
HETATM 1677 O O   . HOH G 5 .   ? 8.342   9.657   -7.507  1.00 50.78  ? 561 HOH A O   1 
HETATM 1678 O O   . HOH G 5 .   ? -19.414 3.555   2.152   1.00 39.05  ? 562 HOH A O   1 
# 
loop_
_pdbx_poly_seq_scheme.asym_id 
_pdbx_poly_seq_scheme.entity_id 
_pdbx_poly_seq_scheme.seq_id 
_pdbx_poly_seq_scheme.mon_id 
_pdbx_poly_seq_scheme.ndb_seq_num 
_pdbx_poly_seq_scheme.pdb_seq_num 
_pdbx_poly_seq_scheme.auth_seq_num 
_pdbx_poly_seq_scheme.pdb_mon_id 
_pdbx_poly_seq_scheme.auth_mon_id 
_pdbx_poly_seq_scheme.pdb_strand_id 
_pdbx_poly_seq_scheme.pdb_ins_code 
_pdbx_poly_seq_scheme.hetero 
A 1 1   SER 1   15  15  SER SER A . n 
A 1 2   MET 2   16  16  MET MET A . n 
A 1 3   LEU 3   17  17  LEU LEU A . n 
A 1 4   ASP 4   18  18  ASP ASP A . n 
A 1 5   ASP 5   19  19  ASP ASP A . n 
A 1 6   ALA 6   20  20  ALA ALA A . n 
A 1 7   LYS 7   21  21  LYS LYS A . n 
A 1 8   ALA 8   22  22  ALA ALA A . n 
A 1 9   ARG 9   23  23  ARG ARG A . n 
A 1 10  LEU 10  24  24  LEU LEU A . n 
A 1 11  ARG 11  25  25  ARG ARG A . n 
A 1 12  LYS 12  26  26  LYS LYS A . n 
A 1 13  TYR 13  27  27  TYR TYR A . n 
A 1 14  ASP 14  28  28  ASP ASP A . n 
A 1 15  ILE 15  29  29  ILE ILE A . n 
A 1 16  GLY 16  30  30  GLY GLY A . n 
A 1 17  GLY 17  31  31  GLY GLY A . n 
A 1 18  LYS 18  32  32  LYS LYS A . n 
A 1 19  TYR 19  33  33  TYR TYR A . n 
A 1 20  SER 20  34  34  SER SER A . n 
A 1 21  HIS 21  35  35  HIS HIS A . n 
A 1 22  LEU 22  36  36  LEU LEU A . n 
A 1 23  PRO 23  37  37  PRO PRO A . n 
A 1 24  TYR 24  38  38  TYR TYR A . n 
A 1 25  ASN 25  39  39  ASN ASN A . n 
A 1 26  LYS 26  40  40  LYS LYS A . n 
A 1 27  TYR 27  41  41  TYR TYR A . n 
A 1 28  SER 28  42  42  SER SER A . n 
A 1 29  VAL 29  43  43  VAL VAL A . n 
A 1 30  LEU 30  44  44  LEU LEU A . n 
A 1 31  LEU 31  45  45  LEU LEU A . n 
A 1 32  PRO 32  46  46  PRO PRO A . n 
A 1 33  LEU 33  47  47  LEU LEU A . n 
A 1 34  VAL 34  48  48  VAL VAL A . n 
A 1 35  ALA 35  49  49  ALA ALA A . n 
A 1 36  LYS 36  50  50  LYS LYS A . n 
A 1 37  GLU 37  51  51  GLU GLU A . n 
A 1 38  GLY 38  52  52  GLY GLY A . n 
A 1 39  LYS 39  53  53  LYS LYS A . n 
A 1 40  LEU 40  54  54  LEU LEU A . n 
A 1 41  HIS 41  55  55  HIS HIS A . n 
A 1 42  LEU 42  56  56  LEU LEU A . n 
A 1 43  LEU 43  57  57  LEU LEU A . n 
A 1 44  PHE 44  58  58  PHE PHE A . n 
A 1 45  THR 45  59  59  THR THR A . n 
A 1 46  VAL 46  60  60  VAL VAL A . n 
A 1 47  ARG 47  61  61  ARG ARG A . n 
A 1 48  SER 48  62  62  SER SER A . n 
A 1 49  GLU 49  63  63  GLU GLU A . n 
A 1 50  LYS 50  64  64  LYS LYS A . n 
A 1 51  LEU 51  65  65  LEU LEU A . n 
A 1 52  ARG 52  66  66  ARG ARG A . n 
A 1 53  ARG 53  67  67  ARG ARG A . n 
A 1 54  ALA 54  68  68  ALA ALA A . n 
A 1 55  PRO 55  69  69  PRO PRO A . n 
A 1 56  GLY 56  70  70  GLY GLY A . n 
A 1 57  GLU 57  71  71  GLU GLU A . n 
A 1 58  VAL 58  72  72  VAL VAL A . n 
A 1 59  CYS 59  73  73  CYS CYS A . n 
A 1 60  PHE 60  74  74  PHE PHE A . n 
A 1 61  PRO 61  75  75  PRO PRO A . n 
A 1 62  GLY 62  76  76  GLY GLY A . n 
A 1 63  GLY 63  77  77  GLY GLY A . n 
A 1 64  LYS 64  78  78  LYS LYS A . n 
A 1 65  ARG 65  79  79  ARG ARG A . n 
A 1 66  ASP 66  80  80  ASP ASP A . n 
A 1 67  PRO 67  81  81  PRO PRO A . n 
A 1 68  THR 68  82  82  THR THR A . n 
A 1 69  ASP 69  83  83  ASP ASP A . n 
A 1 70  MET 70  84  84  MET MET A . n 
A 1 71  ASP 71  85  85  ASP ASP A . n 
A 1 72  ASP 72  86  86  ASP ASP A . n 
A 1 73  ALA 73  87  87  ALA ALA A . n 
A 1 74  ALA 74  88  88  ALA ALA A . n 
A 1 75  THR 75  89  89  THR THR A . n 
A 1 76  ALA 76  90  90  ALA ALA A . n 
A 1 77  LEU 77  91  91  LEU LEU A . n 
A 1 78  ARG 78  92  92  ARG ARG A . n 
A 1 79  GLU 79  93  93  GLU GLU A . n 
A 1 80  ALA 80  94  94  ALA ALA A . n 
A 1 81  GLN 81  95  95  GLN GLN A . n 
A 1 82  GLU 82  96  96  GLU GLU A . n 
A 1 83  GLU 83  97  97  GLU GLU A . n 
A 1 84  VAL 84  98  98  VAL VAL A . n 
A 1 85  GLY 85  99  99  GLY GLY A . n 
A 1 86  LEU 86  100 100 LEU LEU A . n 
A 1 87  ARG 87  101 101 ARG ARG A . n 
A 1 88  HYP 88  102 102 HYP HYP A . n 
A 1 89  HIS 89  103 103 HIS HIS A . n 
A 1 90  GLN 90  104 104 GLN GLN A . n 
A 1 91  VAL 91  105 105 VAL VAL A . n 
A 1 92  GLU 92  106 106 GLU GLU A . n 
A 1 93  VAL 93  107 107 VAL VAL A . n 
A 1 94  VAL 94  108 108 VAL VAL A . n 
A 1 95  CSO 95  109 109 CSO CSO A . n 
A 1 96  CYS 96  110 110 CYS CYS A . n 
A 1 97  LEU 97  111 111 LEU LEU A . n 
A 1 98  VAL 98  112 112 VAL VAL A . n 
A 1 99  PRO 99  113 113 PRO PRO A . n 
A 1 100 CYS 100 114 114 CYS CYS A . n 
A 1 101 LEU 101 115 115 LEU LEU A . n 
A 1 102 ILE 102 116 116 ILE ILE A . n 
A 1 103 ASP 103 117 117 ASP ASP A . n 
A 1 104 THR 104 118 118 THR THR A . n 
A 1 105 ASP 105 119 119 ASP ASP A . n 
A 1 106 THR 106 120 120 THR THR A . n 
A 1 107 LEU 107 121 121 LEU LEU A . n 
A 1 108 ILE 108 122 122 ILE ILE A . n 
A 1 109 THR 109 123 123 THR THR A . n 
A 1 110 PRO 110 124 124 PRO PRO A . n 
A 1 111 PHE 111 125 125 PHE PHE A . n 
A 1 112 VAL 112 126 126 VAL VAL A . n 
A 1 113 GLY 113 127 127 GLY GLY A . n 
A 1 114 LEU 114 128 128 LEU LEU A . n 
A 1 115 ILE 115 129 129 ILE ILE A . n 
A 1 116 ASP 116 130 130 ASP ASP A . n 
A 1 117 HIS 117 131 131 HIS HIS A . n 
A 1 118 ASN 118 132 132 ASN ASN A . n 
A 1 119 PHE 119 133 133 PHE PHE A . n 
A 1 120 GLN 120 134 134 GLN GLN A . n 
A 1 121 ALA 121 135 135 ALA ALA A . n 
A 1 122 GLN 122 136 136 GLN GLN A . n 
A 1 123 PRO 123 137 137 PRO PRO A . n 
A 1 124 ASN 124 138 138 ASN ASN A . n 
A 1 125 PRO 125 139 139 PRO PRO A . n 
A 1 126 ALA 126 140 140 ALA ALA A . n 
A 1 127 GLU 127 141 141 GLU GLU A . n 
A 1 128 VAL 128 142 142 VAL VAL A . n 
A 1 129 LYS 129 143 143 LYS LYS A . n 
A 1 130 ASP 130 144 144 ASP ASP A . n 
A 1 131 VAL 131 145 145 VAL VAL A . n 
A 1 132 PHE 132 146 146 PHE PHE A . n 
A 1 133 LEU 133 147 147 LEU LEU A . n 
A 1 134 VAL 134 148 148 VAL VAL A . n 
A 1 135 PRO 135 149 149 PRO PRO A . n 
A 1 136 LEU 136 150 150 LEU LEU A . n 
A 1 137 ALA 137 151 151 ALA ALA A . n 
A 1 138 TYR 138 152 152 TYR TYR A . n 
A 1 139 PHE 139 153 153 PHE PHE A . n 
A 1 140 LEU 140 154 154 LEU LEU A . n 
A 1 141 HIS 141 155 155 HIS HIS A . n 
A 1 142 PRO 142 156 156 PRO PRO A . n 
A 1 143 GLN 143 157 157 GLN GLN A . n 
A 1 144 VAL 144 158 158 VAL VAL A . n 
A 1 145 HIS 145 159 159 HIS HIS A . n 
A 1 146 ASP 146 160 160 ASP ASP A . n 
A 1 147 GLN 147 161 161 GLN GLN A . n 
A 1 148 HIS 148 162 ?   ?   ?   A . n 
A 1 149 TYR 149 163 ?   ?   ?   A . n 
A 1 150 VAL 150 164 ?   ?   ?   A . n 
A 1 151 THR 151 165 ?   ?   ?   A . n 
A 1 152 ARG 152 166 ?   ?   ?   A . n 
A 1 153 LEU 153 167 ?   ?   ?   A . n 
A 1 154 GLY 154 168 ?   ?   ?   A . n 
A 1 155 HIS 155 169 ?   ?   ?   A . n 
A 1 156 ARG 156 170 ?   ?   ?   A . n 
A 1 157 PHE 157 171 ?   ?   ?   A . n 
A 1 158 ILE 158 172 172 ILE ILE A . n 
A 1 159 ASN 159 173 173 ASN ASN A . n 
A 1 160 HIS 160 174 174 HIS HIS A . n 
A 1 161 ILE 161 175 175 ILE ILE A . n 
A 1 162 PHE 162 176 176 PHE PHE A . n 
A 1 163 GLU 163 177 177 GLU GLU A . n 
A 1 164 TYR 164 178 178 TYR TYR A . n 
A 1 165 THR 165 179 179 THR THR A . n 
A 1 166 ASN 166 180 180 ASN ASN A . n 
A 1 167 PRO 167 181 181 PRO PRO A . n 
A 1 168 GLU 168 182 182 GLU GLU A . n 
A 1 169 ASP 169 183 183 ASP ASP A . n 
A 1 170 GLY 170 184 184 GLY GLY A . n 
A 1 171 VAL 171 185 185 VAL VAL A . n 
A 1 172 THR 172 186 186 THR THR A . n 
A 1 173 TYR 173 187 187 TYR TYR A . n 
A 1 174 GLN 174 188 188 GLN GLN A . n 
A 1 175 ILE 175 189 189 ILE ILE A . n 
A 1 176 LYS 176 190 190 LYS LYS A . n 
A 1 177 GLY 177 191 191 GLY GLY A . n 
A 1 178 MET 178 192 192 MET MET A . n 
A 1 179 THR 179 193 193 THR THR A . n 
A 1 180 ALA 180 194 194 ALA ALA A . n 
A 1 181 ASN 181 195 195 ASN ASN A . n 
A 1 182 LEU 182 196 196 LEU LEU A . n 
A 1 183 ALA 183 197 197 ALA ALA A . n 
A 1 184 VAL 184 198 198 VAL VAL A . n 
A 1 185 LEU 185 199 199 LEU LEU A . n 
A 1 186 VAL 186 200 200 VAL VAL A . n 
A 1 187 ALA 187 201 201 ALA ALA A . n 
A 1 188 PHE 188 202 202 PHE PHE A . n 
A 1 189 ILE 189 203 203 ILE ILE A . n 
A 1 190 ILE 190 204 204 ILE ILE A . n 
A 1 191 LEU 191 205 205 LEU LEU A . n 
A 1 192 GLU 192 206 206 GLU GLU A . n 
A 1 193 LYS 193 207 207 LYS LYS A . n 
A 1 194 LYS 194 208 208 LYS LYS A . n 
A 1 195 PRO 195 209 209 PRO PRO A . n 
A 1 196 THR 196 210 210 THR THR A . n 
# 
loop_
_pdbx_nonpoly_scheme.asym_id 
_pdbx_nonpoly_scheme.entity_id 
_pdbx_nonpoly_scheme.mon_id 
_pdbx_nonpoly_scheme.ndb_seq_num 
_pdbx_nonpoly_scheme.pdb_seq_num 
_pdbx_nonpoly_scheme.auth_seq_num 
_pdbx_nonpoly_scheme.pdb_mon_id 
_pdbx_nonpoly_scheme.auth_mon_id 
_pdbx_nonpoly_scheme.pdb_strand_id 
_pdbx_nonpoly_scheme.pdb_ins_code 
B 2 ACT 1   301 1   ACT ACT A . 
C 2 ACT 1   302 2   ACT ACT A . 
D 3 DMS 1   303 1   DMS DMS A . 
E 3 DMS 1   304 2   DMS DMS A . 
F 4 H0M 1   305 1   H0M LIG A . 
G 5 HOH 1   401 9   HOH HOH A . 
G 5 HOH 2   402 69  HOH HOH A . 
G 5 HOH 3   403 143 HOH HOH A . 
G 5 HOH 4   404 64  HOH HOH A . 
G 5 HOH 5   405 166 HOH HOH A . 
G 5 HOH 6   406 53  HOH HOH A . 
G 5 HOH 7   407 162 HOH HOH A . 
G 5 HOH 8   408 202 HOH HOH A . 
G 5 HOH 9   409 113 HOH HOH A . 
G 5 HOH 10  410 94  HOH HOH A . 
G 5 HOH 11  411 124 HOH HOH A . 
G 5 HOH 12  412 117 HOH HOH A . 
G 5 HOH 13  413 101 HOH HOH A . 
G 5 HOH 14  414 125 HOH HOH A . 
G 5 HOH 15  415 48  HOH HOH A . 
G 5 HOH 16  416 105 HOH HOH A . 
G 5 HOH 17  417 134 HOH HOH A . 
G 5 HOH 18  418 157 HOH HOH A . 
G 5 HOH 19  419 79  HOH HOH A . 
G 5 HOH 20  420 51  HOH HOH A . 
G 5 HOH 21  421 109 HOH HOH A . 
G 5 HOH 22  422 118 HOH HOH A . 
G 5 HOH 23  423 140 HOH HOH A . 
G 5 HOH 24  424 197 HOH HOH A . 
G 5 HOH 25  425 26  HOH HOH A . 
G 5 HOH 26  426 36  HOH HOH A . 
G 5 HOH 27  427 6   HOH HOH A . 
G 5 HOH 28  428 10  HOH HOH A . 
G 5 HOH 29  429 15  HOH HOH A . 
G 5 HOH 30  430 137 HOH HOH A . 
G 5 HOH 31  431 199 HOH HOH A . 
G 5 HOH 32  432 13  HOH HOH A . 
G 5 HOH 33  433 19  HOH HOH A . 
G 5 HOH 34  434 97  HOH HOH A . 
G 5 HOH 35  435 35  HOH HOH A . 
G 5 HOH 36  436 39  HOH HOH A . 
G 5 HOH 37  437 80  HOH HOH A . 
G 5 HOH 38  438 20  HOH HOH A . 
G 5 HOH 39  439 25  HOH HOH A . 
G 5 HOH 40  440 167 HOH HOH A . 
G 5 HOH 41  441 85  HOH HOH A . 
G 5 HOH 42  442 12  HOH HOH A . 
G 5 HOH 43  443 203 HOH HOH A . 
G 5 HOH 44  444 22  HOH HOH A . 
G 5 HOH 45  445 102 HOH HOH A . 
G 5 HOH 46  446 8   HOH HOH A . 
G 5 HOH 47  447 99  HOH HOH A . 
G 5 HOH 48  448 116 HOH HOH A . 
G 5 HOH 49  449 61  HOH HOH A . 
G 5 HOH 50  450 103 HOH HOH A . 
G 5 HOH 51  451 49  HOH HOH A . 
G 5 HOH 52  452 186 HOH HOH A . 
G 5 HOH 53  453 14  HOH HOH A . 
G 5 HOH 54  454 58  HOH HOH A . 
G 5 HOH 55  455 179 HOH HOH A . 
G 5 HOH 56  456 1   HOH HOH A . 
G 5 HOH 57  457 153 HOH HOH A . 
G 5 HOH 58  458 108 HOH HOH A . 
G 5 HOH 59  459 62  HOH HOH A . 
G 5 HOH 60  460 28  HOH HOH A . 
G 5 HOH 61  461 159 HOH HOH A . 
G 5 HOH 62  462 7   HOH HOH A . 
G 5 HOH 63  463 139 HOH HOH A . 
G 5 HOH 64  464 38  HOH HOH A . 
G 5 HOH 65  465 34  HOH HOH A . 
G 5 HOH 66  466 141 HOH HOH A . 
G 5 HOH 67  467 45  HOH HOH A . 
G 5 HOH 68  468 176 HOH HOH A . 
G 5 HOH 69  469 104 HOH HOH A . 
G 5 HOH 70  470 193 HOH HOH A . 
G 5 HOH 71  471 158 HOH HOH A . 
G 5 HOH 72  472 146 HOH HOH A . 
G 5 HOH 73  473 37  HOH HOH A . 
G 5 HOH 74  474 56  HOH HOH A . 
G 5 HOH 75  475 110 HOH HOH A . 
G 5 HOH 76  476 75  HOH HOH A . 
G 5 HOH 77  477 3   HOH HOH A . 
G 5 HOH 78  478 55  HOH HOH A . 
G 5 HOH 79  479 106 HOH HOH A . 
G 5 HOH 80  480 2   HOH HOH A . 
G 5 HOH 81  481 200 HOH HOH A . 
G 5 HOH 82  482 46  HOH HOH A . 
G 5 HOH 83  483 72  HOH HOH A . 
G 5 HOH 84  484 31  HOH HOH A . 
G 5 HOH 85  485 27  HOH HOH A . 
G 5 HOH 86  486 42  HOH HOH A . 
G 5 HOH 87  487 98  HOH HOH A . 
G 5 HOH 88  488 59  HOH HOH A . 
G 5 HOH 89  489 154 HOH HOH A . 
G 5 HOH 90  490 96  HOH HOH A . 
G 5 HOH 91  491 170 HOH HOH A . 
G 5 HOH 92  492 17  HOH HOH A . 
G 5 HOH 93  493 71  HOH HOH A . 
G 5 HOH 94  494 152 HOH HOH A . 
G 5 HOH 95  495 30  HOH HOH A . 
G 5 HOH 96  496 182 HOH HOH A . 
G 5 HOH 97  497 206 HOH HOH A . 
G 5 HOH 98  498 78  HOH HOH A . 
G 5 HOH 99  499 201 HOH HOH A . 
G 5 HOH 100 500 208 HOH HOH A . 
G 5 HOH 101 501 5   HOH HOH A . 
G 5 HOH 102 502 24  HOH HOH A . 
G 5 HOH 103 503 88  HOH HOH A . 
G 5 HOH 104 504 121 HOH HOH A . 
G 5 HOH 105 505 21  HOH HOH A . 
G 5 HOH 106 506 63  HOH HOH A . 
G 5 HOH 107 507 191 HOH HOH A . 
G 5 HOH 108 508 43  HOH HOH A . 
G 5 HOH 109 509 194 HOH HOH A . 
G 5 HOH 110 510 50  HOH HOH A . 
G 5 HOH 111 511 138 HOH HOH A . 
G 5 HOH 112 512 155 HOH HOH A . 
G 5 HOH 113 513 147 HOH HOH A . 
G 5 HOH 114 514 145 HOH HOH A . 
G 5 HOH 115 515 150 HOH HOH A . 
G 5 HOH 116 516 111 HOH HOH A . 
G 5 HOH 117 517 122 HOH HOH A . 
G 5 HOH 118 518 18  HOH HOH A . 
G 5 HOH 119 519 23  HOH HOH A . 
G 5 HOH 120 520 169 HOH HOH A . 
G 5 HOH 121 521 126 HOH HOH A . 
G 5 HOH 122 522 149 HOH HOH A . 
G 5 HOH 123 523 119 HOH HOH A . 
G 5 HOH 124 524 127 HOH HOH A . 
G 5 HOH 125 525 173 HOH HOH A . 
G 5 HOH 126 526 184 HOH HOH A . 
G 5 HOH 127 527 161 HOH HOH A . 
G 5 HOH 128 528 66  HOH HOH A . 
G 5 HOH 129 529 57  HOH HOH A . 
G 5 HOH 130 530 16  HOH HOH A . 
G 5 HOH 131 531 205 HOH HOH A . 
G 5 HOH 132 532 129 HOH HOH A . 
G 5 HOH 133 533 44  HOH HOH A . 
G 5 HOH 134 534 142 HOH HOH A . 
G 5 HOH 135 535 204 HOH HOH A . 
G 5 HOH 136 536 174 HOH HOH A . 
G 5 HOH 137 537 172 HOH HOH A . 
G 5 HOH 138 538 178 HOH HOH A . 
G 5 HOH 139 539 144 HOH HOH A . 
G 5 HOH 140 540 177 HOH HOH A . 
G 5 HOH 141 541 123 HOH HOH A . 
G 5 HOH 142 542 168 HOH HOH A . 
G 5 HOH 143 543 29  HOH HOH A . 
G 5 HOH 144 544 190 HOH HOH A . 
G 5 HOH 145 545 133 HOH HOH A . 
G 5 HOH 146 546 192 HOH HOH A . 
G 5 HOH 147 547 52  HOH HOH A . 
G 5 HOH 148 548 196 HOH HOH A . 
G 5 HOH 149 549 163 HOH HOH A . 
G 5 HOH 150 550 195 HOH HOH A . 
G 5 HOH 151 551 132 HOH HOH A . 
G 5 HOH 152 552 188 HOH HOH A . 
G 5 HOH 153 553 131 HOH HOH A . 
G 5 HOH 154 554 185 HOH HOH A . 
G 5 HOH 155 555 148 HOH HOH A . 
G 5 HOH 156 556 207 HOH HOH A . 
G 5 HOH 157 557 171 HOH HOH A . 
G 5 HOH 158 558 165 HOH HOH A . 
G 5 HOH 159 559 130 HOH HOH A . 
G 5 HOH 160 560 68  HOH HOH A . 
G 5 HOH 161 561 164 HOH HOH A . 
G 5 HOH 162 562 115 HOH HOH A . 
# 
loop_
_pdbx_struct_mod_residue.id 
_pdbx_struct_mod_residue.label_asym_id 
_pdbx_struct_mod_residue.label_comp_id 
_pdbx_struct_mod_residue.label_seq_id 
_pdbx_struct_mod_residue.auth_asym_id 
_pdbx_struct_mod_residue.auth_comp_id 
_pdbx_struct_mod_residue.auth_seq_id 
_pdbx_struct_mod_residue.PDB_ins_code 
_pdbx_struct_mod_residue.parent_comp_id 
_pdbx_struct_mod_residue.details 
1 A HYP 88 A HYP 102 ? PRO 'modified residue' 
2 A CSO 95 A CSO 109 ? CYS 'modified residue' 
# 
_pdbx_struct_assembly.id                   1 
_pdbx_struct_assembly.details              author_and_software_defined_assembly 
_pdbx_struct_assembly.method_details       PISA 
_pdbx_struct_assembly.oligomeric_details   monomeric 
_pdbx_struct_assembly.oligomeric_count     1 
# 
_pdbx_struct_assembly_gen.assembly_id       1 
_pdbx_struct_assembly_gen.oper_expression   1 
_pdbx_struct_assembly_gen.asym_id_list      A,B,C,D,E,F,G 
# 
loop_
_pdbx_struct_assembly_prop.biol_id 
_pdbx_struct_assembly_prop.type 
_pdbx_struct_assembly_prop.value 
_pdbx_struct_assembly_prop.details 
1 'ABSA (A^2)' 760   ? 
1 MORE         5     ? 
1 'SSA (A^2)'  10170 ? 
# 
_pdbx_struct_oper_list.id                   1 
_pdbx_struct_oper_list.type                 'identity operation' 
_pdbx_struct_oper_list.name                 1_555 
_pdbx_struct_oper_list.symmetry_operation   x,y,z 
_pdbx_struct_oper_list.matrix[1][1]         1.0000000000 
_pdbx_struct_oper_list.matrix[1][2]         0.0000000000 
_pdbx_struct_oper_list.matrix[1][3]         0.0000000000 
_pdbx_struct_oper_list.vector[1]            0.0000000000 
_pdbx_struct_oper_list.matrix[2][1]         0.0000000000 
_pdbx_struct_oper_list.matrix[2][2]         1.0000000000 
_pdbx_struct_oper_list.matrix[2][3]         0.0000000000 
_pdbx_struct_oper_list.vector[2]            0.0000000000 
_pdbx_struct_oper_list.matrix[3][1]         0.0000000000 
_pdbx_struct_oper_list.matrix[3][2]         0.0000000000 
_pdbx_struct_oper_list.matrix[3][3]         1.0000000000 
_pdbx_struct_oper_list.vector[3]            0.0000000000 
# 
loop_
_pdbx_audit_revision_history.ordinal 
_pdbx_audit_revision_history.data_content_type 
_pdbx_audit_revision_history.major_revision 
_pdbx_audit_revision_history.minor_revision 
_pdbx_audit_revision_history.revision_date 
1 'Structure model' 1 0 2019-03-27 
2 'Structure model' 1 1 2023-11-15 
# 
_pdbx_audit_revision_details.ordinal             1 
_pdbx_audit_revision_details.revision_ordinal    1 
_pdbx_audit_revision_details.data_content_type   'Structure model' 
_pdbx_audit_revision_details.provider            repository 
_pdbx_audit_revision_details.type                'Initial release' 
_pdbx_audit_revision_details.description         ? 
_pdbx_audit_revision_details.details             ? 
# 
loop_
_pdbx_audit_revision_group.ordinal 
_pdbx_audit_revision_group.revision_ordinal 
_pdbx_audit_revision_group.data_content_type 
_pdbx_audit_revision_group.group 
1 2 'Structure model' 'Data collection'     
2 2 'Structure model' 'Database references' 
# 
loop_
_pdbx_audit_revision_category.ordinal 
_pdbx_audit_revision_category.revision_ordinal 
_pdbx_audit_revision_category.data_content_type 
_pdbx_audit_revision_category.category 
1 2 'Structure model' chem_comp_atom 
2 2 'Structure model' chem_comp_bond 
3 2 'Structure model' database_2     
# 
loop_
_pdbx_audit_revision_item.ordinal 
_pdbx_audit_revision_item.revision_ordinal 
_pdbx_audit_revision_item.data_content_type 
_pdbx_audit_revision_item.item 
1 2 'Structure model' '_database_2.pdbx_DOI'                
2 2 'Structure model' '_database_2.pdbx_database_accession' 
# 
_phasing.method   MR 
# 
loop_
_software.pdbx_ordinal 
_software.name 
_software.version 
_software.date 
_software.type 
_software.contact_author 
_software.contact_author_email 
_software.classification 
_software.location 
_software.language 
_software.citation_id 
1 REFMAC      5.8.0189 ?               program 'Garib N. Murshudov' garib@ysbl.york.ac.uk    refinement        
http://www.ccp4.ac.uk/dist/html/refmac5.html        Fortran_77 ? 
2 Aimless     0.5.32   29/03/17        program 'Phil Evans'         ?                        'data scaling'    
http://www.mrc-lmb.cam.ac.uk/harry/pre/aimless.html ?          ? 
3 PDB_EXTRACT 3.23     'SEP. 23, 2016' package PDB                  deposit@deposit.rcsb.org 'data extraction' 
http://sw-tools.pdb.org/apps/PDB_EXTRACT/           C++        ? 
4 XDS         .        ?               program ?                    ?                        'data reduction'  ? ?          ? 
5 REFMAC      .        ?               program ?                    ?                        phasing           ? ?          ? 
# 
loop_
_pdbx_validate_torsion.id 
_pdbx_validate_torsion.PDB_model_num 
_pdbx_validate_torsion.auth_comp_id 
_pdbx_validate_torsion.auth_asym_id 
_pdbx_validate_torsion.auth_seq_id 
_pdbx_validate_torsion.PDB_ins_code 
_pdbx_validate_torsion.label_alt_id 
_pdbx_validate_torsion.phi 
_pdbx_validate_torsion.psi 
1 1 ASP A 117 ? ? 58.52 18.13  
2 1 THR A 118 ? ? 73.55 -21.43 
# 
loop_
_pdbx_unobs_or_zero_occ_atoms.id 
_pdbx_unobs_or_zero_occ_atoms.PDB_model_num 
_pdbx_unobs_or_zero_occ_atoms.polymer_flag 
_pdbx_unobs_or_zero_occ_atoms.occupancy_flag 
_pdbx_unobs_or_zero_occ_atoms.auth_asym_id 
_pdbx_unobs_or_zero_occ_atoms.auth_comp_id 
_pdbx_unobs_or_zero_occ_atoms.auth_seq_id 
_pdbx_unobs_or_zero_occ_atoms.PDB_ins_code 
_pdbx_unobs_or_zero_occ_atoms.auth_atom_id 
_pdbx_unobs_or_zero_occ_atoms.label_alt_id 
_pdbx_unobs_or_zero_occ_atoms.label_asym_id 
_pdbx_unobs_or_zero_occ_atoms.label_comp_id 
_pdbx_unobs_or_zero_occ_atoms.label_seq_id 
_pdbx_unobs_or_zero_occ_atoms.label_atom_id 
1 1 Y 1 A GLN 161 ? CG  ? A GLN 147 CG  
2 1 Y 1 A GLN 161 ? CD  ? A GLN 147 CD  
3 1 Y 1 A GLN 161 ? OE1 ? A GLN 147 OE1 
4 1 Y 1 A GLN 161 ? NE2 ? A GLN 147 NE2 
# 
loop_
_pdbx_unobs_or_zero_occ_residues.id 
_pdbx_unobs_or_zero_occ_residues.PDB_model_num 
_pdbx_unobs_or_zero_occ_residues.polymer_flag 
_pdbx_unobs_or_zero_occ_residues.occupancy_flag 
_pdbx_unobs_or_zero_occ_residues.auth_asym_id 
_pdbx_unobs_or_zero_occ_residues.auth_comp_id 
_pdbx_unobs_or_zero_occ_residues.auth_seq_id 
_pdbx_unobs_or_zero_occ_residues.PDB_ins_code 
_pdbx_unobs_or_zero_occ_residues.label_asym_id 
_pdbx_unobs_or_zero_occ_residues.label_comp_id 
_pdbx_unobs_or_zero_occ_residues.label_seq_id 
1  1 Y 1 A HIS 162 ? A HIS 148 
2  1 Y 1 A TYR 163 ? A TYR 149 
3  1 Y 1 A VAL 164 ? A VAL 150 
4  1 Y 1 A THR 165 ? A THR 151 
5  1 Y 1 A ARG 166 ? A ARG 152 
6  1 Y 1 A LEU 167 ? A LEU 153 
7  1 Y 1 A GLY 168 ? A GLY 154 
8  1 Y 1 A HIS 169 ? A HIS 155 
9  1 Y 1 A ARG 170 ? A ARG 156 
10 1 Y 1 A PHE 171 ? A PHE 157 
# 
loop_
_chem_comp_atom.comp_id 
_chem_comp_atom.atom_id 
_chem_comp_atom.type_symbol 
_chem_comp_atom.pdbx_aromatic_flag 
_chem_comp_atom.pdbx_stereo_config 
_chem_comp_atom.pdbx_ordinal 
ACT C    C N N 1   
ACT O    O N N 2   
ACT OXT  O N N 3   
ACT CH3  C N N 4   
ACT H1   H N N 5   
ACT H2   H N N 6   
ACT H3   H N N 7   
ALA N    N N N 8   
ALA CA   C N S 9   
ALA C    C N N 10  
ALA O    O N N 11  
ALA CB   C N N 12  
ALA OXT  O N N 13  
ALA H    H N N 14  
ALA H2   H N N 15  
ALA HA   H N N 16  
ALA HB1  H N N 17  
ALA HB2  H N N 18  
ALA HB3  H N N 19  
ALA HXT  H N N 20  
ARG N    N N N 21  
ARG CA   C N S 22  
ARG C    C N N 23  
ARG O    O N N 24  
ARG CB   C N N 25  
ARG CG   C N N 26  
ARG CD   C N N 27  
ARG NE   N N N 28  
ARG CZ   C N N 29  
ARG NH1  N N N 30  
ARG NH2  N N N 31  
ARG OXT  O N N 32  
ARG H    H N N 33  
ARG H2   H N N 34  
ARG HA   H N N 35  
ARG HB2  H N N 36  
ARG HB3  H N N 37  
ARG HG2  H N N 38  
ARG HG3  H N N 39  
ARG HD2  H N N 40  
ARG HD3  H N N 41  
ARG HE   H N N 42  
ARG HH11 H N N 43  
ARG HH12 H N N 44  
ARG HH21 H N N 45  
ARG HH22 H N N 46  
ARG HXT  H N N 47  
ASN N    N N N 48  
ASN CA   C N S 49  
ASN C    C N N 50  
ASN O    O N N 51  
ASN CB   C N N 52  
ASN CG   C N N 53  
ASN OD1  O N N 54  
ASN ND2  N N N 55  
ASN OXT  O N N 56  
ASN H    H N N 57  
ASN H2   H N N 58  
ASN HA   H N N 59  
ASN HB2  H N N 60  
ASN HB3  H N N 61  
ASN HD21 H N N 62  
ASN HD22 H N N 63  
ASN HXT  H N N 64  
ASP N    N N N 65  
ASP CA   C N S 66  
ASP C    C N N 67  
ASP O    O N N 68  
ASP CB   C N N 69  
ASP CG   C N N 70  
ASP OD1  O N N 71  
ASP OD2  O N N 72  
ASP OXT  O N N 73  
ASP H    H N N 74  
ASP H2   H N N 75  
ASP HA   H N N 76  
ASP HB2  H N N 77  
ASP HB3  H N N 78  
ASP HD2  H N N 79  
ASP HXT  H N N 80  
CSO N    N N N 81  
CSO CA   C N R 82  
CSO CB   C N N 83  
CSO SG   S N N 84  
CSO C    C N N 85  
CSO O    O N N 86  
CSO OXT  O N N 87  
CSO OD   O N N 88  
CSO H    H N N 89  
CSO H2   H N N 90  
CSO HA   H N N 91  
CSO HB2  H N N 92  
CSO HB3  H N N 93  
CSO HXT  H N N 94  
CSO HD   H N N 95  
CYS N    N N N 96  
CYS CA   C N R 97  
CYS C    C N N 98  
CYS O    O N N 99  
CYS CB   C N N 100 
CYS SG   S N N 101 
CYS OXT  O N N 102 
CYS H    H N N 103 
CYS H2   H N N 104 
CYS HA   H N N 105 
CYS HB2  H N N 106 
CYS HB3  H N N 107 
CYS HG   H N N 108 
CYS HXT  H N N 109 
DMS S    S N N 110 
DMS O    O N N 111 
DMS C1   C N N 112 
DMS C2   C N N 113 
DMS H11  H N N 114 
DMS H12  H N N 115 
DMS H13  H N N 116 
DMS H21  H N N 117 
DMS H22  H N N 118 
DMS H23  H N N 119 
GLN N    N N N 120 
GLN CA   C N S 121 
GLN C    C N N 122 
GLN O    O N N 123 
GLN CB   C N N 124 
GLN CG   C N N 125 
GLN CD   C N N 126 
GLN OE1  O N N 127 
GLN NE2  N N N 128 
GLN OXT  O N N 129 
GLN H    H N N 130 
GLN H2   H N N 131 
GLN HA   H N N 132 
GLN HB2  H N N 133 
GLN HB3  H N N 134 
GLN HG2  H N N 135 
GLN HG3  H N N 136 
GLN HE21 H N N 137 
GLN HE22 H N N 138 
GLN HXT  H N N 139 
GLU N    N N N 140 
GLU CA   C N S 141 
GLU C    C N N 142 
GLU O    O N N 143 
GLU CB   C N N 144 
GLU CG   C N N 145 
GLU CD   C N N 146 
GLU OE1  O N N 147 
GLU OE2  O N N 148 
GLU OXT  O N N 149 
GLU H    H N N 150 
GLU H2   H N N 151 
GLU HA   H N N 152 
GLU HB2  H N N 153 
GLU HB3  H N N 154 
GLU HG2  H N N 155 
GLU HG3  H N N 156 
GLU HE2  H N N 157 
GLU HXT  H N N 158 
GLY N    N N N 159 
GLY CA   C N N 160 
GLY C    C N N 161 
GLY O    O N N 162 
GLY OXT  O N N 163 
GLY H    H N N 164 
GLY H2   H N N 165 
GLY HA2  H N N 166 
GLY HA3  H N N 167 
GLY HXT  H N N 168 
H0M N1   N N N 169 
H0M C4   C Y N 170 
H0M C5   C Y N 171 
H0M C6   C Y N 172 
H0M C7   C Y N 173 
H0M C8   C Y N 174 
H0M C10  C Y N 175 
H0M C13  C Y N 176 
H0M C1   C N N 177 
H0M C2   C N N 178 
H0M C3   C Y N 179 
H0M N2   N Y N 180 
H0M O1   O N N 181 
H0M C9   C Y N 182 
H0M C11  C Y N 183 
H0M C12  C Y N 184 
H0M O2   O N N 185 
H0M H1   H N N 186 
H0M H2   H N N 187 
H0M H3   H N N 188 
H0M H4   H N N 189 
H0M H5   H N N 190 
H0M H6   H N N 191 
H0M H7   H N N 192 
H0M H8   H N N 193 
H0M H9   H N N 194 
H0M H10  H N N 195 
H0M H11  H N N 196 
H0M H12  H N N 197 
HIS N    N N N 198 
HIS CA   C N S 199 
HIS C    C N N 200 
HIS O    O N N 201 
HIS CB   C N N 202 
HIS CG   C Y N 203 
HIS ND1  N Y N 204 
HIS CD2  C Y N 205 
HIS CE1  C Y N 206 
HIS NE2  N Y N 207 
HIS OXT  O N N 208 
HIS H    H N N 209 
HIS H2   H N N 210 
HIS HA   H N N 211 
HIS HB2  H N N 212 
HIS HB3  H N N 213 
HIS HD1  H N N 214 
HIS HD2  H N N 215 
HIS HE1  H N N 216 
HIS HE2  H N N 217 
HIS HXT  H N N 218 
HOH O    O N N 219 
HOH H1   H N N 220 
HOH H2   H N N 221 
HYP N    N N N 222 
HYP CA   C N S 223 
HYP C    C N N 224 
HYP O    O N N 225 
HYP CB   C N N 226 
HYP CG   C N R 227 
HYP CD   C N N 228 
HYP OD1  O N N 229 
HYP OXT  O N N 230 
HYP H    H N N 231 
HYP HA   H N N 232 
HYP HB2  H N N 233 
HYP HB3  H N N 234 
HYP HG   H N N 235 
HYP HD22 H N N 236 
HYP HD23 H N N 237 
HYP HD1  H N N 238 
HYP HXT  H N N 239 
ILE N    N N N 240 
ILE CA   C N S 241 
ILE C    C N N 242 
ILE O    O N N 243 
ILE CB   C N S 244 
ILE CG1  C N N 245 
ILE CG2  C N N 246 
ILE CD1  C N N 247 
ILE OXT  O N N 248 
ILE H    H N N 249 
ILE H2   H N N 250 
ILE HA   H N N 251 
ILE HB   H N N 252 
ILE HG12 H N N 253 
ILE HG13 H N N 254 
ILE HG21 H N N 255 
ILE HG22 H N N 256 
ILE HG23 H N N 257 
ILE HD11 H N N 258 
ILE HD12 H N N 259 
ILE HD13 H N N 260 
ILE HXT  H N N 261 
LEU N    N N N 262 
LEU CA   C N S 263 
LEU C    C N N 264 
LEU O    O N N 265 
LEU CB   C N N 266 
LEU CG   C N N 267 
LEU CD1  C N N 268 
LEU CD2  C N N 269 
LEU OXT  O N N 270 
LEU H    H N N 271 
LEU H2   H N N 272 
LEU HA   H N N 273 
LEU HB2  H N N 274 
LEU HB3  H N N 275 
LEU HG   H N N 276 
LEU HD11 H N N 277 
LEU HD12 H N N 278 
LEU HD13 H N N 279 
LEU HD21 H N N 280 
LEU HD22 H N N 281 
LEU HD23 H N N 282 
LEU HXT  H N N 283 
LYS N    N N N 284 
LYS CA   C N S 285 
LYS C    C N N 286 
LYS O    O N N 287 
LYS CB   C N N 288 
LYS CG   C N N 289 
LYS CD   C N N 290 
LYS CE   C N N 291 
LYS NZ   N N N 292 
LYS OXT  O N N 293 
LYS H    H N N 294 
LYS H2   H N N 295 
LYS HA   H N N 296 
LYS HB2  H N N 297 
LYS HB3  H N N 298 
LYS HG2  H N N 299 
LYS HG3  H N N 300 
LYS HD2  H N N 301 
LYS HD3  H N N 302 
LYS HE2  H N N 303 
LYS HE3  H N N 304 
LYS HZ1  H N N 305 
LYS HZ2  H N N 306 
LYS HZ3  H N N 307 
LYS HXT  H N N 308 
MET N    N N N 309 
MET CA   C N S 310 
MET C    C N N 311 
MET O    O N N 312 
MET CB   C N N 313 
MET CG   C N N 314 
MET SD   S N N 315 
MET CE   C N N 316 
MET OXT  O N N 317 
MET H    H N N 318 
MET H2   H N N 319 
MET HA   H N N 320 
MET HB2  H N N 321 
MET HB3  H N N 322 
MET HG2  H N N 323 
MET HG3  H N N 324 
MET HE1  H N N 325 
MET HE2  H N N 326 
MET HE3  H N N 327 
MET HXT  H N N 328 
PHE N    N N N 329 
PHE CA   C N S 330 
PHE C    C N N 331 
PHE O    O N N 332 
PHE CB   C N N 333 
PHE CG   C Y N 334 
PHE CD1  C Y N 335 
PHE CD2  C Y N 336 
PHE CE1  C Y N 337 
PHE CE2  C Y N 338 
PHE CZ   C Y N 339 
PHE OXT  O N N 340 
PHE H    H N N 341 
PHE H2   H N N 342 
PHE HA   H N N 343 
PHE HB2  H N N 344 
PHE HB3  H N N 345 
PHE HD1  H N N 346 
PHE HD2  H N N 347 
PHE HE1  H N N 348 
PHE HE2  H N N 349 
PHE HZ   H N N 350 
PHE HXT  H N N 351 
PRO N    N N N 352 
PRO CA   C N S 353 
PRO C    C N N 354 
PRO O    O N N 355 
PRO CB   C N N 356 
PRO CG   C N N 357 
PRO CD   C N N 358 
PRO OXT  O N N 359 
PRO H    H N N 360 
PRO HA   H N N 361 
PRO HB2  H N N 362 
PRO HB3  H N N 363 
PRO HG2  H N N 364 
PRO HG3  H N N 365 
PRO HD2  H N N 366 
PRO HD3  H N N 367 
PRO HXT  H N N 368 
SER N    N N N 369 
SER CA   C N S 370 
SER C    C N N 371 
SER O    O N N 372 
SER CB   C N N 373 
SER OG   O N N 374 
SER OXT  O N N 375 
SER H    H N N 376 
SER H2   H N N 377 
SER HA   H N N 378 
SER HB2  H N N 379 
SER HB3  H N N 380 
SER HG   H N N 381 
SER HXT  H N N 382 
THR N    N N N 383 
THR CA   C N S 384 
THR C    C N N 385 
THR O    O N N 386 
THR CB   C N R 387 
THR OG1  O N N 388 
THR CG2  C N N 389 
THR OXT  O N N 390 
THR H    H N N 391 
THR H2   H N N 392 
THR HA   H N N 393 
THR HB   H N N 394 
THR HG1  H N N 395 
THR HG21 H N N 396 
THR HG22 H N N 397 
THR HG23 H N N 398 
THR HXT  H N N 399 
TYR N    N N N 400 
TYR CA   C N S 401 
TYR C    C N N 402 
TYR O    O N N 403 
TYR CB   C N N 404 
TYR CG   C Y N 405 
TYR CD1  C Y N 406 
TYR CD2  C Y N 407 
TYR CE1  C Y N 408 
TYR CE2  C Y N 409 
TYR CZ   C Y N 410 
TYR OH   O N N 411 
TYR OXT  O N N 412 
TYR H    H N N 413 
TYR H2   H N N 414 
TYR HA   H N N 415 
TYR HB2  H N N 416 
TYR HB3  H N N 417 
TYR HD1  H N N 418 
TYR HD2  H N N 419 
TYR HE1  H N N 420 
TYR HE2  H N N 421 
TYR HH   H N N 422 
TYR HXT  H N N 423 
VAL N    N N N 424 
VAL CA   C N S 425 
VAL C    C N N 426 
VAL O    O N N 427 
VAL CB   C N N 428 
VAL CG1  C N N 429 
VAL CG2  C N N 430 
VAL OXT  O N N 431 
VAL H    H N N 432 
VAL H2   H N N 433 
VAL HA   H N N 434 
VAL HB   H N N 435 
VAL HG11 H N N 436 
VAL HG12 H N N 437 
VAL HG13 H N N 438 
VAL HG21 H N N 439 
VAL HG22 H N N 440 
VAL HG23 H N N 441 
VAL HXT  H N N 442 
# 
loop_
_chem_comp_bond.comp_id 
_chem_comp_bond.atom_id_1 
_chem_comp_bond.atom_id_2 
_chem_comp_bond.value_order 
_chem_comp_bond.pdbx_aromatic_flag 
_chem_comp_bond.pdbx_stereo_config 
_chem_comp_bond.pdbx_ordinal 
ACT C   O    doub N N 1   
ACT C   OXT  sing N N 2   
ACT C   CH3  sing N N 3   
ACT CH3 H1   sing N N 4   
ACT CH3 H2   sing N N 5   
ACT CH3 H3   sing N N 6   
ALA N   CA   sing N N 7   
ALA N   H    sing N N 8   
ALA N   H2   sing N N 9   
ALA CA  C    sing N N 10  
ALA CA  CB   sing N N 11  
ALA CA  HA   sing N N 12  
ALA C   O    doub N N 13  
ALA C   OXT  sing N N 14  
ALA CB  HB1  sing N N 15  
ALA CB  HB2  sing N N 16  
ALA CB  HB3  sing N N 17  
ALA OXT HXT  sing N N 18  
ARG N   CA   sing N N 19  
ARG N   H    sing N N 20  
ARG N   H2   sing N N 21  
ARG CA  C    sing N N 22  
ARG CA  CB   sing N N 23  
ARG CA  HA   sing N N 24  
ARG C   O    doub N N 25  
ARG C   OXT  sing N N 26  
ARG CB  CG   sing N N 27  
ARG CB  HB2  sing N N 28  
ARG CB  HB3  sing N N 29  
ARG CG  CD   sing N N 30  
ARG CG  HG2  sing N N 31  
ARG CG  HG3  sing N N 32  
ARG CD  NE   sing N N 33  
ARG CD  HD2  sing N N 34  
ARG CD  HD3  sing N N 35  
ARG NE  CZ   sing N N 36  
ARG NE  HE   sing N N 37  
ARG CZ  NH1  sing N N 38  
ARG CZ  NH2  doub N N 39  
ARG NH1 HH11 sing N N 40  
ARG NH1 HH12 sing N N 41  
ARG NH2 HH21 sing N N 42  
ARG NH2 HH22 sing N N 43  
ARG OXT HXT  sing N N 44  
ASN N   CA   sing N N 45  
ASN N   H    sing N N 46  
ASN N   H2   sing N N 47  
ASN CA  C    sing N N 48  
ASN CA  CB   sing N N 49  
ASN CA  HA   sing N N 50  
ASN C   O    doub N N 51  
ASN C   OXT  sing N N 52  
ASN CB  CG   sing N N 53  
ASN CB  HB2  sing N N 54  
ASN CB  HB3  sing N N 55  
ASN CG  OD1  doub N N 56  
ASN CG  ND2  sing N N 57  
ASN ND2 HD21 sing N N 58  
ASN ND2 HD22 sing N N 59  
ASN OXT HXT  sing N N 60  
ASP N   CA   sing N N 61  
ASP N   H    sing N N 62  
ASP N   H2   sing N N 63  
ASP CA  C    sing N N 64  
ASP CA  CB   sing N N 65  
ASP CA  HA   sing N N 66  
ASP C   O    doub N N 67  
ASP C   OXT  sing N N 68  
ASP CB  CG   sing N N 69  
ASP CB  HB2  sing N N 70  
ASP CB  HB3  sing N N 71  
ASP CG  OD1  doub N N 72  
ASP CG  OD2  sing N N 73  
ASP OD2 HD2  sing N N 74  
ASP OXT HXT  sing N N 75  
CSO N   CA   sing N N 76  
CSO N   H    sing N N 77  
CSO N   H2   sing N N 78  
CSO CA  CB   sing N N 79  
CSO CA  C    sing N N 80  
CSO CA  HA   sing N N 81  
CSO CB  SG   sing N N 82  
CSO CB  HB2  sing N N 83  
CSO CB  HB3  sing N N 84  
CSO SG  OD   sing N N 85  
CSO C   O    doub N N 86  
CSO C   OXT  sing N N 87  
CSO OXT HXT  sing N N 88  
CSO OD  HD   sing N N 89  
CYS N   CA   sing N N 90  
CYS N   H    sing N N 91  
CYS N   H2   sing N N 92  
CYS CA  C    sing N N 93  
CYS CA  CB   sing N N 94  
CYS CA  HA   sing N N 95  
CYS C   O    doub N N 96  
CYS C   OXT  sing N N 97  
CYS CB  SG   sing N N 98  
CYS CB  HB2  sing N N 99  
CYS CB  HB3  sing N N 100 
CYS SG  HG   sing N N 101 
CYS OXT HXT  sing N N 102 
DMS S   O    doub N N 103 
DMS S   C1   sing N N 104 
DMS S   C2   sing N N 105 
DMS C1  H11  sing N N 106 
DMS C1  H12  sing N N 107 
DMS C1  H13  sing N N 108 
DMS C2  H21  sing N N 109 
DMS C2  H22  sing N N 110 
DMS C2  H23  sing N N 111 
GLN N   CA   sing N N 112 
GLN N   H    sing N N 113 
GLN N   H2   sing N N 114 
GLN CA  C    sing N N 115 
GLN CA  CB   sing N N 116 
GLN CA  HA   sing N N 117 
GLN C   O    doub N N 118 
GLN C   OXT  sing N N 119 
GLN CB  CG   sing N N 120 
GLN CB  HB2  sing N N 121 
GLN CB  HB3  sing N N 122 
GLN CG  CD   sing N N 123 
GLN CG  HG2  sing N N 124 
GLN CG  HG3  sing N N 125 
GLN CD  OE1  doub N N 126 
GLN CD  NE2  sing N N 127 
GLN NE2 HE21 sing N N 128 
GLN NE2 HE22 sing N N 129 
GLN OXT HXT  sing N N 130 
GLU N   CA   sing N N 131 
GLU N   H    sing N N 132 
GLU N   H2   sing N N 133 
GLU CA  C    sing N N 134 
GLU CA  CB   sing N N 135 
GLU CA  HA   sing N N 136 
GLU C   O    doub N N 137 
GLU C   OXT  sing N N 138 
GLU CB  CG   sing N N 139 
GLU CB  HB2  sing N N 140 
GLU CB  HB3  sing N N 141 
GLU CG  CD   sing N N 142 
GLU CG  HG2  sing N N 143 
GLU CG  HG3  sing N N 144 
GLU CD  OE1  doub N N 145 
GLU CD  OE2  sing N N 146 
GLU OE2 HE2  sing N N 147 
GLU OXT HXT  sing N N 148 
GLY N   CA   sing N N 149 
GLY N   H    sing N N 150 
GLY N   H2   sing N N 151 
GLY CA  C    sing N N 152 
GLY CA  HA2  sing N N 153 
GLY CA  HA3  sing N N 154 
GLY C   O    doub N N 155 
GLY C   OXT  sing N N 156 
GLY OXT HXT  sing N N 157 
H0M C5  C4   doub Y N 158 
H0M C5  C6   sing Y N 159 
H0M C4  C3   sing Y N 160 
H0M O1  C2   doub N N 161 
H0M C6  C7   doub Y N 162 
H0M C2  C1   sing N N 163 
H0M C2  N1   sing N N 164 
H0M C3  N1   sing N N 165 
H0M C3  N2   doub Y N 166 
H0M C1  C8   sing N N 167 
H0M C9  C8   doub Y N 168 
H0M C9  C10  sing Y N 169 
H0M C7  N2   sing Y N 170 
H0M C8  C13  sing Y N 171 
H0M C10 C11  doub Y N 172 
H0M C11 C12  sing Y N 173 
H0M C13 C12  doub Y N 174 
H0M C12 O2   sing N N 175 
H0M N1  H1   sing N N 176 
H0M C4  H2   sing N N 177 
H0M C5  H3   sing N N 178 
H0M C6  H4   sing N N 179 
H0M C7  H5   sing N N 180 
H0M C10 H6   sing N N 181 
H0M C13 H7   sing N N 182 
H0M C1  H8   sing N N 183 
H0M C1  H9   sing N N 184 
H0M C9  H10  sing N N 185 
H0M C11 H11  sing N N 186 
H0M O2  H12  sing N N 187 
HIS N   CA   sing N N 188 
HIS N   H    sing N N 189 
HIS N   H2   sing N N 190 
HIS CA  C    sing N N 191 
HIS CA  CB   sing N N 192 
HIS CA  HA   sing N N 193 
HIS C   O    doub N N 194 
HIS C   OXT  sing N N 195 
HIS CB  CG   sing N N 196 
HIS CB  HB2  sing N N 197 
HIS CB  HB3  sing N N 198 
HIS CG  ND1  sing Y N 199 
HIS CG  CD2  doub Y N 200 
HIS ND1 CE1  doub Y N 201 
HIS ND1 HD1  sing N N 202 
HIS CD2 NE2  sing Y N 203 
HIS CD2 HD2  sing N N 204 
HIS CE1 NE2  sing Y N 205 
HIS CE1 HE1  sing N N 206 
HIS NE2 HE2  sing N N 207 
HIS OXT HXT  sing N N 208 
HOH O   H1   sing N N 209 
HOH O   H2   sing N N 210 
HYP N   CA   sing N N 211 
HYP N   CD   sing N N 212 
HYP N   H    sing N N 213 
HYP CA  C    sing N N 214 
HYP CA  CB   sing N N 215 
HYP CA  HA   sing N N 216 
HYP C   O    doub N N 217 
HYP C   OXT  sing N N 218 
HYP CB  CG   sing N N 219 
HYP CB  HB2  sing N N 220 
HYP CB  HB3  sing N N 221 
HYP CG  CD   sing N N 222 
HYP CG  OD1  sing N N 223 
HYP CG  HG   sing N N 224 
HYP CD  HD22 sing N N 225 
HYP CD  HD23 sing N N 226 
HYP OD1 HD1  sing N N 227 
HYP OXT HXT  sing N N 228 
ILE N   CA   sing N N 229 
ILE N   H    sing N N 230 
ILE N   H2   sing N N 231 
ILE CA  C    sing N N 232 
ILE CA  CB   sing N N 233 
ILE CA  HA   sing N N 234 
ILE C   O    doub N N 235 
ILE C   OXT  sing N N 236 
ILE CB  CG1  sing N N 237 
ILE CB  CG2  sing N N 238 
ILE CB  HB   sing N N 239 
ILE CG1 CD1  sing N N 240 
ILE CG1 HG12 sing N N 241 
ILE CG1 HG13 sing N N 242 
ILE CG2 HG21 sing N N 243 
ILE CG2 HG22 sing N N 244 
ILE CG2 HG23 sing N N 245 
ILE CD1 HD11 sing N N 246 
ILE CD1 HD12 sing N N 247 
ILE CD1 HD13 sing N N 248 
ILE OXT HXT  sing N N 249 
LEU N   CA   sing N N 250 
LEU N   H    sing N N 251 
LEU N   H2   sing N N 252 
LEU CA  C    sing N N 253 
LEU CA  CB   sing N N 254 
LEU CA  HA   sing N N 255 
LEU C   O    doub N N 256 
LEU C   OXT  sing N N 257 
LEU CB  CG   sing N N 258 
LEU CB  HB2  sing N N 259 
LEU CB  HB3  sing N N 260 
LEU CG  CD1  sing N N 261 
LEU CG  CD2  sing N N 262 
LEU CG  HG   sing N N 263 
LEU CD1 HD11 sing N N 264 
LEU CD1 HD12 sing N N 265 
LEU CD1 HD13 sing N N 266 
LEU CD2 HD21 sing N N 267 
LEU CD2 HD22 sing N N 268 
LEU CD2 HD23 sing N N 269 
LEU OXT HXT  sing N N 270 
LYS N   CA   sing N N 271 
LYS N   H    sing N N 272 
LYS N   H2   sing N N 273 
LYS CA  C    sing N N 274 
LYS CA  CB   sing N N 275 
LYS CA  HA   sing N N 276 
LYS C   O    doub N N 277 
LYS C   OXT  sing N N 278 
LYS CB  CG   sing N N 279 
LYS CB  HB2  sing N N 280 
LYS CB  HB3  sing N N 281 
LYS CG  CD   sing N N 282 
LYS CG  HG2  sing N N 283 
LYS CG  HG3  sing N N 284 
LYS CD  CE   sing N N 285 
LYS CD  HD2  sing N N 286 
LYS CD  HD3  sing N N 287 
LYS CE  NZ   sing N N 288 
LYS CE  HE2  sing N N 289 
LYS CE  HE3  sing N N 290 
LYS NZ  HZ1  sing N N 291 
LYS NZ  HZ2  sing N N 292 
LYS NZ  HZ3  sing N N 293 
LYS OXT HXT  sing N N 294 
MET N   CA   sing N N 295 
MET N   H    sing N N 296 
MET N   H2   sing N N 297 
MET CA  C    sing N N 298 
MET CA  CB   sing N N 299 
MET CA  HA   sing N N 300 
MET C   O    doub N N 301 
MET C   OXT  sing N N 302 
MET CB  CG   sing N N 303 
MET CB  HB2  sing N N 304 
MET CB  HB3  sing N N 305 
MET CG  SD   sing N N 306 
MET CG  HG2  sing N N 307 
MET CG  HG3  sing N N 308 
MET SD  CE   sing N N 309 
MET CE  HE1  sing N N 310 
MET CE  HE2  sing N N 311 
MET CE  HE3  sing N N 312 
MET OXT HXT  sing N N 313 
PHE N   CA   sing N N 314 
PHE N   H    sing N N 315 
PHE N   H2   sing N N 316 
PHE CA  C    sing N N 317 
PHE CA  CB   sing N N 318 
PHE CA  HA   sing N N 319 
PHE C   O    doub N N 320 
PHE C   OXT  sing N N 321 
PHE CB  CG   sing N N 322 
PHE CB  HB2  sing N N 323 
PHE CB  HB3  sing N N 324 
PHE CG  CD1  doub Y N 325 
PHE CG  CD2  sing Y N 326 
PHE CD1 CE1  sing Y N 327 
PHE CD1 HD1  sing N N 328 
PHE CD2 CE2  doub Y N 329 
PHE CD2 HD2  sing N N 330 
PHE CE1 CZ   doub Y N 331 
PHE CE1 HE1  sing N N 332 
PHE CE2 CZ   sing Y N 333 
PHE CE2 HE2  sing N N 334 
PHE CZ  HZ   sing N N 335 
PHE OXT HXT  sing N N 336 
PRO N   CA   sing N N 337 
PRO N   CD   sing N N 338 
PRO N   H    sing N N 339 
PRO CA  C    sing N N 340 
PRO CA  CB   sing N N 341 
PRO CA  HA   sing N N 342 
PRO C   O    doub N N 343 
PRO C   OXT  sing N N 344 
PRO CB  CG   sing N N 345 
PRO CB  HB2  sing N N 346 
PRO CB  HB3  sing N N 347 
PRO CG  CD   sing N N 348 
PRO CG  HG2  sing N N 349 
PRO CG  HG3  sing N N 350 
PRO CD  HD2  sing N N 351 
PRO CD  HD3  sing N N 352 
PRO OXT HXT  sing N N 353 
SER N   CA   sing N N 354 
SER N   H    sing N N 355 
SER N   H2   sing N N 356 
SER CA  C    sing N N 357 
SER CA  CB   sing N N 358 
SER CA  HA   sing N N 359 
SER C   O    doub N N 360 
SER C   OXT  sing N N 361 
SER CB  OG   sing N N 362 
SER CB  HB2  sing N N 363 
SER CB  HB3  sing N N 364 
SER OG  HG   sing N N 365 
SER OXT HXT  sing N N 366 
THR N   CA   sing N N 367 
THR N   H    sing N N 368 
THR N   H2   sing N N 369 
THR CA  C    sing N N 370 
THR CA  CB   sing N N 371 
THR CA  HA   sing N N 372 
THR C   O    doub N N 373 
THR C   OXT  sing N N 374 
THR CB  OG1  sing N N 375 
THR CB  CG2  sing N N 376 
THR CB  HB   sing N N 377 
THR OG1 HG1  sing N N 378 
THR CG2 HG21 sing N N 379 
THR CG2 HG22 sing N N 380 
THR CG2 HG23 sing N N 381 
THR OXT HXT  sing N N 382 
TYR N   CA   sing N N 383 
TYR N   H    sing N N 384 
TYR N   H2   sing N N 385 
TYR CA  C    sing N N 386 
TYR CA  CB   sing N N 387 
TYR CA  HA   sing N N 388 
TYR C   O    doub N N 389 
TYR C   OXT  sing N N 390 
TYR CB  CG   sing N N 391 
TYR CB  HB2  sing N N 392 
TYR CB  HB3  sing N N 393 
TYR CG  CD1  doub Y N 394 
TYR CG  CD2  sing Y N 395 
TYR CD1 CE1  sing Y N 396 
TYR CD1 HD1  sing N N 397 
TYR CD2 CE2  doub Y N 398 
TYR CD2 HD2  sing N N 399 
TYR CE1 CZ   doub Y N 400 
TYR CE1 HE1  sing N N 401 
TYR CE2 CZ   sing Y N 402 
TYR CE2 HE2  sing N N 403 
TYR CZ  OH   sing N N 404 
TYR OH  HH   sing N N 405 
TYR OXT HXT  sing N N 406 
VAL N   CA   sing N N 407 
VAL N   H    sing N N 408 
VAL N   H2   sing N N 409 
VAL CA  C    sing N N 410 
VAL CA  CB   sing N N 411 
VAL CA  HA   sing N N 412 
VAL C   O    doub N N 413 
VAL C   OXT  sing N N 414 
VAL CB  CG1  sing N N 415 
VAL CB  CG2  sing N N 416 
VAL CB  HB   sing N N 417 
VAL CG1 HG11 sing N N 418 
VAL CG1 HG12 sing N N 419 
VAL CG1 HG13 sing N N 420 
VAL CG2 HG21 sing N N 421 
VAL CG2 HG22 sing N N 422 
VAL CG2 HG23 sing N N 423 
VAL OXT HXT  sing N N 424 
# 
_pdbx_deposit_group.group_id            G_1002045 
_pdbx_deposit_group.group_description   
;human NUDT7 screened against the 3D-Fragment Consortium Library by X-ray Crystallography at the XChem facility of Diamond Light Source beamline I04-1
;
_pdbx_deposit_group.group_title         'PanDDA analysis group deposition of models with modelled events (e.g. bound ligands)' 
_pdbx_deposit_group.group_type          'changed state' 
# 
loop_
_pdbx_entity_nonpoly.entity_id 
_pdbx_entity_nonpoly.name 
_pdbx_entity_nonpoly.comp_id 
2 'ACETATE ION'                                   ACT 
3 'DIMETHYL SULFOXIDE'                            DMS 
4 '2-(3-hydroxyphenyl)-N-(pyridin-2-yl)acetamide' H0M 
5 water                                           HOH 
# 
_pdbx_related_exp_data_set.ordinal              1 
_pdbx_related_exp_data_set.data_reference       10.5281/zenodo.1244111 
_pdbx_related_exp_data_set.metadata_reference   10.5281/zenodo.1244111 
_pdbx_related_exp_data_set.data_set_type        'other data' 
_pdbx_related_exp_data_set.details              'Complete PanDDA analysis' 
# 
